data_9LNG
#
_entry.id   9LNG
#
_cell.length_a   1.00
_cell.length_b   1.00
_cell.length_c   1.00
_cell.angle_alpha   90.00
_cell.angle_beta   90.00
_cell.angle_gamma   90.00
#
_symmetry.space_group_name_H-M   'P 1'
#
loop_
_entity.id
_entity.type
_entity.pdbx_description
1 polymer 'Fusion glycoprotein F0'
2 polymer 'Fab NiF03-3C9 heavy chain'
3 polymer 'Fab NiF03-3C9 light chain'
#
loop_
_entity_poly.entity_id
_entity_poly.type
_entity_poly.pdbx_seq_one_letter_code
_entity_poly.pdbx_strand_id
1 'polypeptide(L)'
;ILHYEKLSKIGLVKGVTRKYKIKSNPLTKDIVIKMIPNVSNMSQCTGSVMENYKTRLNGILTPIKGALEIYKNNTHDLVG
DVRLAGVIMAGVAIGIATAAQITAGVALYEAMKNADNINKLKSSIESTNEAVVKLQETAEKTVYVLTALQDYINTNLVPT
IDKISCKQTELSLDLALSKYLSDLLFVFGPNLQDPVSNSMTIQAISQAFGGNYETLLRTLGYATEDFDDLLESDSITGQI
IYVDLSSYYIIVRVYFPILTEIQQAYIQELLPVSFNNDNSEWISIVPNFILVRNTLISNIEIGFCLITKRSVICNQDYAT
PMTNNMRECLTGSTEKCPRELVVSSHVPRFALSNGVLFANCISVTCQCQTTGRAISQSGEQTLLMIDNTTCPTAVLGNVI
ISLGKYLGSVNYNSEGIAIGPPVFTDKVDISSQISSMNQSLQQSKDYIKEAQRLLDTVNPSLKLMKQIEDKIEEILSKIY
HIENEIARIKKLIGE
;
B,A,C
2 'polypeptide(L)'
;EVQLQQSGPELVKPGASMKIACKASGYSFTDYTMNWVKQSHGKNLEWIGLINPYIGGTNYNQKFKGKATLTVDKSSSTAY
MELLSLTFEDSAVYYCARDPSRAMDYWGQGTSVTVSSASTKGPSVFPLAPSSKSTSGGTAALGCLVKDYFPEPVTVSWNS
GALTSGVHTFPAVLQSSGLYSLSSVVTVPSSSLGTQTYICNVNHKPSNTKVDKKVEPKSCDK
;
H,D,E
3 'polypeptide(L)'
;DIQMTQSPASLSASVGETVTITCGASENIYGALNWFQRKQGKSPQLLIYGATNLADGMSSRFSGSGSGRQYSLKIGSMHP
DDVATYYCQNVLSTPWTFGGGTRLEIKRTVAAPSVFIFPPSDEQLKSGTASVVCLLNNFYPREAKVQWKVDNALQSGNSQ
ESVTEQDSKDSTYSLSSTLTLSKADYEKHKVYACEVTHQGLSSPVTKSFNRGEC
;
L,F,G
#
# COMPACT_ATOMS: atom_id res chain seq x y z
N ILE A 1 6.67 -6.65 35.12
CA ILE A 1 7.63 -7.68 34.74
C ILE A 1 8.75 -7.08 33.90
N LEU A 2 8.44 -6.03 33.15
CA LEU A 2 9.46 -5.31 32.39
C LEU A 2 10.24 -4.40 33.32
N HIS A 3 11.57 -4.47 33.26
CA HIS A 3 12.43 -3.61 34.07
C HIS A 3 12.51 -2.25 33.39
N TYR A 4 11.53 -1.39 33.69
CA TYR A 4 11.40 -0.13 32.98
C TYR A 4 12.57 0.80 33.26
N GLU A 5 13.14 0.75 34.45
CA GLU A 5 14.29 1.58 34.77
C GLU A 5 15.48 1.21 33.88
N LYS A 6 15.83 -0.08 33.84
CA LYS A 6 16.96 -0.52 33.03
C LYS A 6 16.67 -0.34 31.55
N LEU A 7 15.42 -0.57 31.13
CA LEU A 7 15.05 -0.35 29.74
C LEU A 7 15.22 1.11 29.34
N SER A 8 14.79 2.02 30.21
CA SER A 8 14.96 3.44 29.93
C SER A 8 16.43 3.84 29.93
N LYS A 9 17.26 3.17 30.74
CA LYS A 9 18.68 3.45 30.72
C LYS A 9 19.31 3.12 29.37
N ILE A 10 18.74 2.18 28.63
CA ILE A 10 19.26 1.85 27.30
C ILE A 10 18.30 2.39 26.25
N GLY A 11 17.55 3.43 26.61
CA GLY A 11 16.75 4.18 25.65
C GLY A 11 15.33 3.70 25.48
N LEU A 12 14.94 2.58 26.10
CA LEU A 12 13.58 2.07 25.94
C LEU A 12 12.71 2.78 26.97
N VAL A 13 12.27 3.98 26.61
CA VAL A 13 11.49 4.82 27.51
C VAL A 13 10.07 4.30 27.57
N LYS A 14 9.56 4.09 28.79
CA LYS A 14 8.22 3.55 28.97
C LYS A 14 7.18 4.49 28.39
N GLY A 15 6.45 3.99 27.40
CA GLY A 15 5.40 4.76 26.75
C GLY A 15 4.04 4.48 27.33
N VAL A 16 3.02 4.67 26.51
CA VAL A 16 1.63 4.51 26.95
C VAL A 16 1.33 3.02 27.08
N THR A 17 0.84 2.61 28.24
CA THR A 17 0.38 1.25 28.44
C THR A 17 -1.02 1.12 27.88
N ARG A 18 -1.23 0.16 26.97
CA ARG A 18 -2.49 0.00 26.29
C ARG A 18 -3.09 -1.37 26.58
N LYS A 19 -4.41 -1.41 26.66
CA LYS A 19 -5.14 -2.64 26.87
C LYS A 19 -5.39 -3.33 25.54
N TYR A 20 -5.51 -4.66 25.58
CA TYR A 20 -5.52 -5.48 24.38
C TYR A 20 -6.94 -5.92 24.04
N LYS A 21 -7.43 -5.48 22.89
CA LYS A 21 -8.80 -5.76 22.47
C LYS A 21 -8.78 -6.52 21.15
N ILE A 22 -9.61 -7.56 21.06
CA ILE A 22 -9.77 -8.36 19.86
C ILE A 22 -11.26 -8.48 19.55
N LYS A 23 -11.61 -8.46 18.26
CA LYS A 23 -13.01 -8.56 17.87
C LYS A 23 -13.62 -9.86 18.37
N SER A 24 -14.90 -9.80 18.72
CA SER A 24 -15.62 -10.98 19.17
C SER A 24 -17.12 -10.73 18.99
N ASN A 25 -17.88 -11.81 18.99
CA ASN A 25 -19.34 -11.76 18.97
C ASN A 25 -19.88 -10.94 17.80
N PRO A 26 -19.65 -11.38 16.56
CA PRO A 26 -20.09 -10.58 15.41
C PRO A 26 -21.60 -10.59 15.24
N LEU A 27 -22.19 -9.40 15.14
CA LEU A 27 -23.57 -9.26 14.72
C LEU A 27 -23.63 -9.27 13.20
N THR A 28 -24.40 -10.20 12.65
CA THR A 28 -24.42 -10.42 11.21
C THR A 28 -25.61 -9.70 10.59
N LYS A 29 -25.33 -8.86 9.61
CA LYS A 29 -26.35 -8.20 8.81
C LYS A 29 -26.07 -8.46 7.34
N ASP A 30 -27.11 -8.81 6.61
CA ASP A 30 -27.00 -9.15 5.20
C ASP A 30 -27.54 -7.99 4.36
N ILE A 31 -26.74 -7.54 3.40
CA ILE A 31 -27.10 -6.44 2.52
C ILE A 31 -26.89 -6.88 1.08
N VAL A 32 -27.66 -6.27 0.18
CA VAL A 32 -27.57 -6.55 -1.25
C VAL A 32 -26.82 -5.40 -1.91
N ILE A 33 -25.75 -5.71 -2.62
CA ILE A 33 -25.04 -4.73 -3.42
C ILE A 33 -25.28 -5.11 -4.88
N LYS A 34 -26.11 -4.33 -5.56
CA LYS A 34 -26.38 -4.56 -6.98
C LYS A 34 -25.29 -3.86 -7.77
N MET A 35 -24.38 -4.64 -8.35
CA MET A 35 -23.25 -4.10 -9.09
C MET A 35 -23.64 -3.52 -10.45
N ILE A 36 -24.93 -3.45 -10.76
CA ILE A 36 -25.37 -2.92 -12.05
C ILE A 36 -26.42 -1.84 -11.82
N PRO A 37 -26.25 -0.65 -12.40
CA PRO A 37 -27.24 0.41 -12.23
C PRO A 37 -28.50 0.15 -13.05
N ASN A 38 -29.60 0.74 -12.59
CA ASN A 38 -30.88 0.67 -13.29
C ASN A 38 -30.94 1.81 -14.29
N VAL A 39 -30.82 1.48 -15.58
CA VAL A 39 -30.78 2.48 -16.63
C VAL A 39 -32.14 2.62 -17.32
N SER A 40 -33.22 2.18 -16.66
CA SER A 40 -34.54 2.24 -17.27
C SER A 40 -35.02 3.66 -17.53
N ASN A 41 -34.54 4.64 -16.75
CA ASN A 41 -34.94 6.02 -16.97
C ASN A 41 -34.18 6.68 -18.13
N MET A 42 -33.11 6.05 -18.61
CA MET A 42 -32.36 6.56 -19.77
C MET A 42 -32.12 5.44 -20.78
N SER A 43 -32.99 4.43 -20.80
CA SER A 43 -32.79 3.28 -21.67
C SER A 43 -32.98 3.63 -23.15
N GLN A 44 -33.47 4.83 -23.45
CA GLN A 44 -33.80 5.18 -24.83
C GLN A 44 -32.57 5.17 -25.73
N CYS A 45 -31.41 5.57 -25.24
CA CYS A 45 -30.21 5.65 -26.05
C CYS A 45 -29.02 5.09 -25.28
N THR A 46 -29.25 3.98 -24.58
CA THR A 46 -28.19 3.34 -23.80
C THR A 46 -27.23 2.56 -24.71
N GLY A 47 -27.73 2.04 -25.83
CA GLY A 47 -26.87 1.29 -26.72
C GLY A 47 -26.50 -0.06 -26.15
N SER A 48 -25.35 -0.58 -26.58
CA SER A 48 -24.84 -1.87 -26.15
C SER A 48 -23.93 -1.77 -24.95
N VAL A 49 -23.90 -0.60 -24.29
CA VAL A 49 -23.01 -0.39 -23.16
C VAL A 49 -23.36 -1.32 -22.01
N MET A 50 -24.65 -1.45 -21.70
CA MET A 50 -25.05 -2.32 -20.60
C MET A 50 -24.77 -3.78 -20.90
N GLU A 51 -24.90 -4.21 -22.16
CA GLU A 51 -24.61 -5.60 -22.50
C GLU A 51 -23.13 -5.92 -22.32
N ASN A 52 -22.25 -5.04 -22.80
CA ASN A 52 -20.82 -5.24 -22.60
C ASN A 52 -20.46 -5.20 -21.11
N TYR A 53 -21.07 -4.28 -20.37
CA TYR A 53 -20.83 -4.22 -18.93
C TYR A 53 -21.28 -5.50 -18.24
N LYS A 54 -22.44 -6.03 -18.64
CA LYS A 54 -22.91 -7.29 -18.07
C LYS A 54 -21.96 -8.42 -18.40
N THR A 55 -21.44 -8.46 -19.62
CA THR A 55 -20.49 -9.51 -19.99
C THR A 55 -19.25 -9.44 -19.10
N ARG A 56 -18.68 -8.23 -18.95
CA ARG A 56 -17.46 -8.10 -18.15
C ARG A 56 -17.73 -8.40 -16.67
N LEU A 57 -18.86 -7.92 -16.15
CA LEU A 57 -19.19 -8.15 -14.75
C LEU A 57 -19.48 -9.62 -14.49
N ASN A 58 -20.12 -10.30 -15.44
CA ASN A 58 -20.33 -11.74 -15.31
C ASN A 58 -18.99 -12.47 -15.31
N GLY A 59 -18.07 -12.07 -16.18
CA GLY A 59 -16.75 -12.65 -16.15
C GLY A 59 -16.03 -12.45 -14.84
N ILE A 60 -16.22 -11.28 -14.21
CA ILE A 60 -15.61 -11.02 -12.92
C ILE A 60 -16.26 -11.85 -11.82
N LEU A 61 -17.60 -11.94 -11.83
CA LEU A 61 -18.33 -12.53 -10.72
C LEU A 61 -18.40 -14.05 -10.80
N THR A 62 -18.23 -14.63 -11.98
CA THR A 62 -18.32 -16.09 -12.11
C THR A 62 -17.31 -16.84 -11.25
N PRO A 63 -16.02 -16.46 -11.18
CA PRO A 63 -15.13 -17.17 -10.24
C PRO A 63 -15.59 -17.10 -8.80
N ILE A 64 -16.14 -15.95 -8.38
CA ILE A 64 -16.63 -15.81 -7.01
C ILE A 64 -17.80 -16.76 -6.77
N LYS A 65 -18.75 -16.79 -7.69
CA LYS A 65 -19.91 -17.67 -7.52
C LYS A 65 -19.50 -19.14 -7.56
N GLY A 66 -18.52 -19.49 -8.40
CA GLY A 66 -18.03 -20.86 -8.42
C GLY A 66 -17.34 -21.25 -7.14
N ALA A 67 -16.49 -20.37 -6.61
CA ALA A 67 -15.84 -20.65 -5.34
C ALA A 67 -16.85 -20.78 -4.20
N LEU A 68 -17.90 -19.95 -4.24
CA LEU A 68 -18.96 -20.09 -3.25
C LEU A 68 -19.69 -21.42 -3.41
N GLU A 69 -20.04 -21.78 -4.66
CA GLU A 69 -20.75 -23.02 -4.92
C GLU A 69 -19.93 -24.25 -4.57
N ILE A 70 -18.60 -24.13 -4.52
CA ILE A 70 -17.79 -25.24 -4.01
C ILE A 70 -18.24 -25.61 -2.61
N TYR A 71 -18.61 -24.63 -1.79
CA TYR A 71 -19.04 -24.89 -0.43
C TYR A 71 -20.55 -25.02 -0.31
N LYS A 72 -21.31 -24.30 -1.14
CA LYS A 72 -22.76 -24.41 -1.10
C LYS A 72 -23.24 -25.77 -1.57
N ASN A 73 -22.49 -26.46 -2.40
CA ASN A 73 -22.86 -27.78 -2.88
C ASN A 73 -22.26 -28.92 -2.07
N ASN A 74 -21.32 -28.61 -1.17
CA ASN A 74 -20.69 -29.63 -0.33
C ASN A 74 -20.97 -29.40 1.16
N THR A 75 -21.99 -28.61 1.47
CA THR A 75 -22.37 -28.34 2.86
C THR A 75 -23.86 -28.58 3.01
N HIS A 76 -24.24 -29.32 4.04
CA HIS A 76 -25.64 -29.62 4.29
C HIS A 76 -25.83 -29.82 5.78
N ASP A 77 -27.09 -29.68 6.21
CA ASP A 77 -27.42 -29.88 7.62
C ASP A 77 -27.33 -31.35 8.00
N LEU A 78 -27.18 -31.60 9.29
CA LEU A 78 -27.05 -32.96 9.81
C LEU A 78 -28.36 -33.74 9.65
N GLY A 86 -25.89 -28.57 13.74
CA GLY A 86 -25.63 -29.73 12.91
C GLY A 86 -25.49 -29.40 11.44
N VAL A 87 -24.28 -29.03 11.03
CA VAL A 87 -23.97 -28.69 9.65
C VAL A 87 -22.73 -29.48 9.24
N ILE A 88 -22.88 -30.33 8.23
CA ILE A 88 -21.82 -31.25 7.81
C ILE A 88 -21.26 -30.76 6.47
N MET A 89 -19.93 -30.77 6.37
CA MET A 89 -19.23 -30.34 5.17
C MET A 89 -18.54 -31.52 4.52
N ALA A 90 -18.74 -31.68 3.21
CA ALA A 90 -18.17 -32.79 2.47
C ALA A 90 -16.68 -32.57 2.24
N GLY A 91 -15.84 -33.13 3.12
CA GLY A 91 -14.41 -32.91 3.01
C GLY A 91 -13.82 -33.47 1.73
N VAL A 92 -14.34 -34.60 1.25
CA VAL A 92 -13.83 -35.16 -0.01
C VAL A 92 -14.14 -34.22 -1.17
N ALA A 93 -15.36 -33.70 -1.23
CA ALA A 93 -15.73 -32.79 -2.31
C ALA A 93 -14.99 -31.45 -2.18
N ILE A 94 -14.83 -30.96 -0.95
CA ILE A 94 -14.00 -29.76 -0.75
C ILE A 94 -12.55 -30.09 -1.07
N GLY A 95 -12.07 -31.25 -0.64
CA GLY A 95 -10.74 -31.70 -0.99
C GLY A 95 -9.65 -31.06 -0.19
N ILE A 96 -9.37 -29.79 -0.46
CA ILE A 96 -8.31 -29.04 0.20
C ILE A 96 -8.91 -27.74 0.73
N ALA A 97 -8.71 -27.48 2.03
CA ALA A 97 -9.21 -26.27 2.65
C ALA A 97 -8.47 -26.03 3.95
N THR A 98 -8.39 -24.77 4.34
CA THR A 98 -7.83 -24.39 5.63
C THR A 98 -8.95 -24.33 6.67
N ALA A 99 -8.55 -24.31 7.94
CA ALA A 99 -9.53 -24.22 9.02
C ALA A 99 -10.37 -22.97 8.90
N ALA A 100 -9.72 -21.83 8.63
CA ALA A 100 -10.45 -20.58 8.46
C ALA A 100 -11.45 -20.69 7.31
N GLN A 101 -11.04 -21.31 6.20
CA GLN A 101 -11.93 -21.43 5.06
C GLN A 101 -13.08 -22.38 5.34
N ILE A 102 -12.84 -23.43 6.14
CA ILE A 102 -13.91 -24.36 6.50
C ILE A 102 -14.94 -23.69 7.41
N THR A 103 -14.47 -22.97 8.44
CA THR A 103 -15.41 -22.24 9.28
C THR A 103 -16.14 -21.15 8.50
N ALA A 104 -15.46 -20.54 7.53
CA ALA A 104 -16.11 -19.55 6.69
C ALA A 104 -17.17 -20.20 5.80
N GLY A 105 -16.93 -21.42 5.33
CA GLY A 105 -17.95 -22.15 4.61
C GLY A 105 -19.15 -22.49 5.49
N VAL A 106 -18.89 -22.84 6.75
CA VAL A 106 -19.99 -23.03 7.70
C VAL A 106 -20.80 -21.75 7.82
N ALA A 107 -20.12 -20.62 8.00
CA ALA A 107 -20.80 -19.34 8.12
C ALA A 107 -21.59 -19.00 6.85
N LEU A 108 -21.02 -19.34 5.69
CA LEU A 108 -21.73 -19.14 4.43
C LEU A 108 -23.00 -19.98 4.37
N TYR A 109 -22.93 -21.22 4.85
CA TYR A 109 -24.11 -22.08 4.86
C TYR A 109 -25.18 -21.53 5.80
N GLU A 110 -24.77 -21.05 6.99
CA GLU A 110 -25.73 -20.45 7.90
C GLU A 110 -26.40 -19.22 7.30
N ALA A 111 -25.72 -18.51 6.41
CA ALA A 111 -26.28 -17.34 5.75
C ALA A 111 -27.11 -17.68 4.53
N MET A 112 -27.18 -18.96 4.15
CA MET A 112 -27.94 -19.34 2.96
C MET A 112 -29.44 -19.20 3.15
N LYS A 113 -29.95 -19.35 4.37
CA LYS A 113 -31.38 -19.19 4.60
C LYS A 113 -31.82 -17.75 4.32
N ASN A 114 -31.14 -16.78 4.92
CA ASN A 114 -31.44 -15.39 4.65
C ASN A 114 -31.12 -15.04 3.20
N ALA A 115 -30.10 -15.68 2.61
CA ALA A 115 -29.80 -15.45 1.21
C ALA A 115 -30.96 -15.86 0.31
N ASP A 116 -31.56 -17.03 0.59
CA ASP A 116 -32.72 -17.46 -0.18
C ASP A 116 -33.91 -16.54 0.06
N ASN A 117 -34.12 -16.12 1.31
CA ASN A 117 -35.21 -15.19 1.61
C ASN A 117 -35.05 -13.90 0.82
N ILE A 118 -33.82 -13.40 0.71
CA ILE A 118 -33.56 -12.18 -0.06
C ILE A 118 -33.75 -12.44 -1.56
N ASN A 119 -33.21 -13.55 -2.05
CA ASN A 119 -33.30 -13.88 -3.47
C ASN A 119 -34.74 -14.12 -3.91
N LYS A 120 -35.65 -14.37 -2.97
CA LYS A 120 -37.07 -14.36 -3.31
C LYS A 120 -37.51 -12.99 -3.81
N LEU A 121 -36.74 -11.94 -3.53
CA LEU A 121 -37.00 -10.58 -4.03
C LEU A 121 -36.09 -10.22 -5.18
N LYS A 122 -35.77 -11.18 -6.07
CA LYS A 122 -34.87 -10.90 -7.18
C LYS A 122 -35.46 -9.86 -8.11
N SER A 123 -36.75 -9.95 -8.41
CA SER A 123 -37.40 -8.98 -9.28
C SER A 123 -37.37 -7.58 -8.68
N SER A 124 -37.61 -7.47 -7.37
CA SER A 124 -37.57 -6.17 -6.72
C SER A 124 -36.15 -5.62 -6.65
N ILE A 125 -35.15 -6.50 -6.51
CA ILE A 125 -33.76 -6.06 -6.54
C ILE A 125 -33.42 -5.50 -7.91
N GLU A 126 -33.90 -6.16 -8.97
CA GLU A 126 -33.65 -5.67 -10.32
C GLU A 126 -34.26 -4.29 -10.55
N SER A 127 -35.47 -4.07 -10.05
CA SER A 127 -36.20 -2.81 -10.28
C SER A 127 -35.74 -1.68 -9.37
N THR A 128 -34.68 -1.88 -8.58
CA THR A 128 -34.18 -0.85 -7.68
C THR A 128 -33.53 0.26 -8.50
N ASN A 129 -34.13 1.45 -8.48
CA ASN A 129 -33.66 2.59 -9.26
C ASN A 129 -33.11 3.71 -8.37
N GLU A 130 -32.72 3.38 -7.16
CA GLU A 130 -32.02 4.30 -6.27
C GLU A 130 -30.82 3.60 -5.69
N ALA A 131 -29.79 4.39 -5.34
CA ALA A 131 -28.56 3.81 -4.84
C ALA A 131 -28.77 3.05 -3.53
N VAL A 132 -29.75 3.46 -2.73
CA VAL A 132 -30.10 2.77 -1.50
C VAL A 132 -31.62 2.61 -1.48
N VAL A 133 -32.08 1.35 -1.41
CA VAL A 133 -33.50 1.04 -1.38
C VAL A 133 -33.72 -0.06 -0.35
N LYS A 134 -34.76 0.11 0.47
CA LYS A 134 -35.17 -0.89 1.45
C LYS A 134 -36.29 -1.74 0.86
N LEU A 135 -36.08 -3.06 0.87
CA LEU A 135 -37.02 -4.00 0.30
C LEU A 135 -37.63 -4.85 1.41
N GLN A 136 -38.92 -5.17 1.27
CA GLN A 136 -39.65 -5.93 2.27
C GLN A 136 -39.46 -7.42 2.00
N GLU A 137 -38.62 -8.08 2.80
CA GLU A 137 -38.39 -9.51 2.65
C GLU A 137 -39.66 -10.30 2.92
N THR A 138 -40.15 -10.26 4.17
CA THR A 138 -41.32 -11.04 4.56
C THR A 138 -42.26 -10.23 5.44
N ALA A 139 -42.44 -8.95 5.11
CA ALA A 139 -43.39 -8.05 5.77
C ALA A 139 -42.98 -7.75 7.21
N GLU A 140 -41.90 -8.39 7.68
CA GLU A 140 -41.33 -8.09 8.99
C GLU A 140 -39.82 -8.06 8.99
N LYS A 141 -39.16 -8.57 7.96
CA LYS A 141 -37.73 -8.44 7.76
C LYS A 141 -37.50 -7.59 6.52
N THR A 142 -36.51 -6.70 6.57
CA THR A 142 -36.20 -5.83 5.45
C THR A 142 -34.76 -6.05 5.00
N VAL A 143 -34.57 -5.97 3.69
CA VAL A 143 -33.23 -6.06 3.10
C VAL A 143 -32.97 -4.76 2.34
N TYR A 144 -31.70 -4.38 2.29
CA TYR A 144 -31.29 -3.13 1.66
C TYR A 144 -30.49 -3.45 0.41
N VAL A 145 -30.78 -2.72 -0.67
CA VAL A 145 -30.09 -2.87 -1.95
C VAL A 145 -29.21 -1.65 -2.15
N LEU A 146 -27.91 -1.88 -2.26
CA LEU A 146 -26.95 -0.84 -2.63
C LEU A 146 -26.63 -1.00 -4.11
N THR A 147 -27.18 -0.12 -4.94
CA THR A 147 -26.96 -0.17 -6.38
C THR A 147 -25.76 0.69 -6.73
N ALA A 148 -24.71 0.07 -7.24
CA ALA A 148 -23.53 0.80 -7.68
C ALA A 148 -23.87 1.69 -8.87
N LEU A 149 -23.37 2.92 -8.83
CA LEU A 149 -23.48 3.93 -9.87
C LEU A 149 -24.90 4.44 -10.08
N GLN A 150 -25.89 3.91 -9.35
CA GLN A 150 -27.25 4.42 -9.50
C GLN A 150 -27.33 5.89 -9.09
N ASP A 151 -26.57 6.28 -8.07
CA ASP A 151 -26.50 7.69 -7.70
C ASP A 151 -26.00 8.52 -8.87
N TYR A 152 -24.92 8.07 -9.52
CA TYR A 152 -24.40 8.79 -10.68
C TYR A 152 -25.42 8.87 -11.78
N ILE A 153 -26.10 7.75 -12.08
CA ILE A 153 -27.12 7.75 -13.12
C ILE A 153 -28.18 8.80 -12.82
N ASN A 154 -28.84 8.68 -11.66
CA ASN A 154 -29.97 9.53 -11.35
C ASN A 154 -29.57 10.99 -11.16
N THR A 155 -28.33 11.25 -10.76
CA THR A 155 -27.92 12.61 -10.45
C THR A 155 -27.28 13.34 -11.61
N ASN A 156 -26.64 12.63 -12.54
CA ASN A 156 -25.92 13.24 -13.65
C ASN A 156 -26.52 12.92 -15.01
N LEU A 157 -26.85 11.65 -15.26
CA LEU A 157 -27.18 11.24 -16.62
C LEU A 157 -28.65 11.46 -16.94
N VAL A 158 -29.54 11.01 -16.06
CA VAL A 158 -30.98 11.21 -16.29
C VAL A 158 -31.34 12.68 -16.38
N PRO A 159 -30.88 13.58 -15.49
CA PRO A 159 -31.25 15.00 -15.64
C PRO A 159 -30.73 15.64 -16.91
N THR A 160 -29.71 15.07 -17.56
CA THR A 160 -29.09 15.66 -18.74
C THR A 160 -29.29 14.81 -20.00
N ILE A 161 -30.48 14.24 -20.21
CA ILE A 161 -30.71 13.44 -21.40
C ILE A 161 -30.73 14.30 -22.65
N ASP A 162 -31.46 15.41 -22.61
CA ASP A 162 -31.60 16.27 -23.77
C ASP A 162 -30.60 17.41 -23.80
N LYS A 163 -29.85 17.64 -22.73
CA LYS A 163 -28.83 18.69 -22.75
C LYS A 163 -27.64 18.28 -23.60
N ILE A 164 -27.21 17.03 -23.47
CA ILE A 164 -26.17 16.45 -24.31
C ILE A 164 -26.82 15.45 -25.25
N SER A 165 -26.17 15.20 -26.38
CA SER A 165 -26.66 14.17 -27.29
C SER A 165 -26.62 12.82 -26.58
N CYS A 166 -27.60 11.97 -26.87
CA CYS A 166 -27.73 10.74 -26.11
C CYS A 166 -26.52 9.84 -26.31
N LYS A 167 -25.76 10.04 -27.39
CA LYS A 167 -24.49 9.35 -27.54
C LYS A 167 -23.51 9.78 -26.45
N GLN A 168 -23.52 11.07 -26.08
CA GLN A 168 -22.69 11.52 -24.97
C GLN A 168 -23.14 10.88 -23.66
N THR A 169 -24.45 10.74 -23.46
CA THR A 169 -24.96 10.04 -22.28
C THR A 169 -24.50 8.59 -22.28
N GLU A 170 -24.56 7.93 -23.43
CA GLU A 170 -24.09 6.56 -23.56
C GLU A 170 -22.61 6.45 -23.21
N LEU A 171 -21.80 7.35 -23.74
CA LEU A 171 -20.35 7.31 -23.47
C LEU A 171 -20.06 7.60 -22.01
N SER A 172 -20.79 8.54 -21.40
CA SER A 172 -20.61 8.82 -19.98
C SER A 172 -20.98 7.62 -19.12
N LEU A 173 -22.09 6.96 -19.46
CA LEU A 173 -22.49 5.75 -18.74
C LEU A 173 -21.43 4.66 -18.89
N ASP A 174 -20.91 4.48 -20.10
CA ASP A 174 -19.88 3.48 -20.33
C ASP A 174 -18.62 3.78 -19.52
N LEU A 175 -18.23 5.06 -19.48
CA LEU A 175 -17.05 5.46 -18.72
C LEU A 175 -17.27 5.25 -17.23
N ALA A 176 -18.47 5.57 -16.73
CA ALA A 176 -18.76 5.35 -15.32
C ALA A 176 -18.72 3.87 -14.97
N LEU A 177 -19.32 3.03 -15.82
CA LEU A 177 -19.28 1.59 -15.59
C LEU A 177 -17.86 1.04 -15.61
N SER A 178 -17.05 1.52 -16.57
CA SER A 178 -15.68 1.05 -16.67
C SER A 178 -14.83 1.52 -15.50
N LYS A 179 -15.04 2.76 -15.02
CA LYS A 179 -14.37 3.23 -13.83
C LYS A 179 -14.77 2.40 -12.61
N TYR A 180 -16.06 2.09 -12.50
CA TYR A 180 -16.51 1.22 -11.41
C TYR A 180 -15.84 -0.14 -11.48
N LEU A 181 -15.74 -0.72 -12.68
CA LEU A 181 -15.07 -2.00 -12.83
C LEU A 181 -13.59 -1.90 -12.49
N SER A 182 -12.95 -0.79 -12.88
CA SER A 182 -11.53 -0.61 -12.59
C SER A 182 -11.29 -0.57 -11.08
N ASP A 183 -12.13 0.16 -10.34
CA ASP A 183 -12.02 0.15 -8.90
C ASP A 183 -12.41 -1.21 -8.32
N LEU A 184 -13.33 -1.92 -8.99
CA LEU A 184 -13.80 -3.20 -8.53
C LEU A 184 -12.71 -4.26 -8.58
N LEU A 185 -11.92 -4.27 -9.66
CA LEU A 185 -11.09 -5.42 -9.97
C LEU A 185 -9.99 -5.64 -8.92
N PHE A 186 -9.58 -4.60 -8.21
CA PHE A 186 -8.55 -4.79 -7.18
C PHE A 186 -9.07 -5.63 -6.03
N VAL A 187 -10.38 -5.69 -5.83
CA VAL A 187 -10.98 -6.39 -4.71
C VAL A 187 -11.70 -7.65 -5.16
N PHE A 188 -12.60 -7.52 -6.14
CA PHE A 188 -13.44 -8.62 -6.59
C PHE A 188 -12.88 -9.32 -7.82
N GLY A 189 -11.65 -9.02 -8.21
CA GLY A 189 -11.04 -9.66 -9.35
C GLY A 189 -10.34 -10.95 -8.97
N PRO A 190 -9.34 -11.34 -9.76
CA PRO A 190 -8.57 -12.55 -9.44
C PRO A 190 -7.85 -12.50 -8.10
N ASN A 191 -7.73 -11.32 -7.48
CA ASN A 191 -7.23 -11.28 -6.10
C ASN A 191 -8.17 -12.02 -5.16
N LEU A 192 -9.47 -11.94 -5.41
CA LEU A 192 -10.48 -12.63 -4.59
C LEU A 192 -10.55 -14.11 -5.00
N GLN A 193 -9.56 -14.86 -4.52
CA GLN A 193 -9.54 -16.30 -4.72
C GLN A 193 -10.20 -17.08 -3.59
N ASP A 194 -10.47 -16.42 -2.46
CA ASP A 194 -11.16 -17.04 -1.33
C ASP A 194 -12.29 -16.14 -0.89
N PRO A 195 -13.35 -16.03 -1.70
CA PRO A 195 -14.53 -15.27 -1.27
C PRO A 195 -15.26 -15.92 -0.11
N VAL A 196 -15.00 -17.20 0.15
CA VAL A 196 -15.65 -17.90 1.25
C VAL A 196 -15.28 -17.28 2.58
N SER A 197 -14.02 -16.89 2.74
CA SER A 197 -13.54 -16.34 4.01
C SER A 197 -14.32 -15.09 4.39
N ASN A 198 -14.77 -15.06 5.64
CA ASN A 198 -15.35 -13.85 6.24
C ASN A 198 -14.31 -13.04 6.98
N SER A 199 -13.21 -12.74 6.30
CA SER A 199 -12.12 -11.95 6.87
C SER A 199 -11.83 -10.69 6.07
N MET A 200 -12.35 -10.59 4.85
CA MET A 200 -12.16 -9.41 4.02
C MET A 200 -13.06 -8.29 4.49
N THR A 201 -12.48 -7.10 4.66
CA THR A 201 -13.14 -6.03 5.39
C THR A 201 -14.33 -5.47 4.61
N ILE A 202 -15.22 -4.79 5.34
CA ILE A 202 -16.35 -4.12 4.72
C ILE A 202 -15.89 -2.96 3.85
N GLN A 203 -14.72 -2.40 4.13
CA GLN A 203 -14.15 -1.40 3.24
C GLN A 203 -13.83 -2.01 1.88
N ALA A 204 -13.27 -3.23 1.86
CA ALA A 204 -13.06 -3.92 0.61
C ALA A 204 -14.37 -4.30 -0.04
N ILE A 205 -15.35 -4.74 0.75
CA ILE A 205 -16.66 -5.11 0.23
C ILE A 205 -17.30 -3.92 -0.46
N SER A 206 -17.13 -2.72 0.10
CA SER A 206 -17.81 -1.53 -0.38
C SER A 206 -17.33 -1.08 -1.76
N GLN A 207 -16.22 -1.61 -2.25
CA GLN A 207 -15.82 -1.34 -3.62
C GLN A 207 -16.91 -1.77 -4.60
N ALA A 208 -17.71 -2.76 -4.22
CA ALA A 208 -18.90 -3.10 -5.00
C ALA A 208 -19.92 -1.97 -4.99
N PHE A 209 -19.88 -1.09 -3.98
CA PHE A 209 -20.73 0.09 -3.93
C PHE A 209 -19.94 1.37 -4.20
N GLY A 210 -18.76 1.24 -4.81
CA GLY A 210 -17.93 2.40 -5.07
C GLY A 210 -17.06 2.82 -3.91
N GLY A 211 -16.74 1.92 -2.99
CA GLY A 211 -15.92 2.24 -1.83
C GLY A 211 -16.65 2.99 -0.75
N ASN A 212 -17.96 3.17 -0.86
CA ASN A 212 -18.75 3.95 0.10
C ASN A 212 -19.28 3.02 1.20
N TYR A 213 -18.35 2.58 2.06
CA TYR A 213 -18.75 1.75 3.19
C TYR A 213 -19.48 2.54 4.26
N GLU A 214 -19.34 3.86 4.29
CA GLU A 214 -20.10 4.66 5.24
C GLU A 214 -21.60 4.52 4.99
N THR A 215 -22.03 4.63 3.73
CA THR A 215 -23.43 4.42 3.40
C THR A 215 -23.88 3.01 3.76
N LEU A 216 -23.06 2.00 3.43
CA LEU A 216 -23.41 0.62 3.73
C LEU A 216 -23.65 0.42 5.22
N LEU A 217 -22.71 0.87 6.05
CA LEU A 217 -22.81 0.60 7.48
C LEU A 217 -23.90 1.44 8.13
N ARG A 218 -24.03 2.71 7.74
CA ARG A 218 -25.11 3.53 8.28
C ARG A 218 -26.47 2.99 7.87
N THR A 219 -26.55 2.38 6.69
CA THR A 219 -27.81 1.83 6.22
C THR A 219 -28.15 0.55 6.96
N LEU A 220 -27.16 -0.31 7.19
CA LEU A 220 -27.40 -1.52 7.97
C LEU A 220 -27.67 -1.18 9.43
N GLY A 221 -26.96 -0.20 9.97
CA GLY A 221 -27.08 0.13 11.37
C GLY A 221 -26.03 -0.57 12.19
N TYR A 222 -25.48 0.11 13.20
CA TYR A 222 -24.41 -0.46 14.00
C TYR A 222 -24.44 0.15 15.39
N ALA A 223 -23.81 -0.55 16.33
CA ALA A 223 -23.53 0.03 17.64
C ALA A 223 -22.46 1.09 17.48
N THR A 224 -22.80 2.34 17.84
CA THR A 224 -21.86 3.44 17.67
C THR A 224 -20.62 3.30 18.55
N GLU A 225 -20.70 2.49 19.61
CA GLU A 225 -19.56 2.29 20.50
C GLU A 225 -18.50 1.46 19.78
N ASP A 226 -17.28 1.99 19.74
CA ASP A 226 -16.11 1.34 19.14
C ASP A 226 -16.27 1.12 17.64
N PHE A 227 -17.20 1.82 16.99
CA PHE A 227 -17.48 1.59 15.58
C PHE A 227 -16.27 1.93 14.70
N ASP A 228 -15.73 3.14 14.87
CA ASP A 228 -14.56 3.54 14.10
C ASP A 228 -13.36 2.66 14.43
N ASP A 229 -13.18 2.33 15.71
CA ASP A 229 -12.09 1.48 16.14
C ASP A 229 -12.22 0.07 15.59
N LEU A 230 -13.46 -0.42 15.40
CA LEU A 230 -13.66 -1.70 14.76
C LEU A 230 -13.44 -1.62 13.25
N LEU A 231 -13.74 -0.47 12.65
CA LEU A 231 -13.47 -0.29 11.22
C LEU A 231 -11.98 -0.30 10.92
N GLU A 232 -11.21 0.49 11.66
CA GLU A 232 -9.81 0.65 11.32
C GLU A 232 -8.94 -0.50 11.84
N SER A 233 -9.48 -1.37 12.67
CA SER A 233 -8.80 -2.59 13.06
C SER A 233 -9.11 -3.74 12.11
N ASP A 234 -9.83 -3.47 11.02
CA ASP A 234 -10.24 -4.49 10.05
C ASP A 234 -11.06 -5.59 10.73
N SER A 235 -11.96 -5.17 11.62
CA SER A 235 -12.81 -6.08 12.35
C SER A 235 -14.23 -6.17 11.79
N ILE A 236 -14.73 -5.10 11.18
CA ILE A 236 -16.03 -5.16 10.53
C ILE A 236 -15.82 -5.77 9.15
N THR A 237 -15.89 -7.09 9.07
CA THR A 237 -15.61 -7.81 7.85
C THR A 237 -16.90 -8.16 7.13
N GLY A 238 -16.78 -8.43 5.84
CA GLY A 238 -17.91 -8.83 5.02
C GLY A 238 -17.61 -10.14 4.33
N GLN A 239 -18.65 -10.95 4.15
CA GLN A 239 -18.55 -12.20 3.43
C GLN A 239 -19.59 -12.21 2.33
N ILE A 240 -19.14 -12.43 1.09
CA ILE A 240 -20.08 -12.57 -0.02
C ILE A 240 -20.82 -13.89 0.18
N ILE A 241 -22.14 -13.81 0.31
CA ILE A 241 -22.95 -14.98 0.58
C ILE A 241 -23.60 -15.51 -0.69
N TYR A 242 -24.11 -14.64 -1.54
CA TYR A 242 -24.76 -15.03 -2.77
C TYR A 242 -24.29 -14.14 -3.90
N VAL A 243 -24.00 -14.74 -5.05
CA VAL A 243 -23.65 -14.03 -6.26
C VAL A 243 -24.71 -14.37 -7.32
N ASP A 244 -25.31 -13.34 -7.90
CA ASP A 244 -26.28 -13.51 -8.96
C ASP A 244 -25.62 -13.12 -10.28
N LEU A 245 -25.62 -14.05 -11.23
CA LEU A 245 -25.03 -13.80 -12.54
C LEU A 245 -26.07 -13.35 -13.57
N SER A 246 -27.33 -13.22 -13.17
CA SER A 246 -28.39 -12.71 -14.05
C SER A 246 -28.82 -11.30 -13.72
N SER A 247 -29.06 -11.01 -12.44
CA SER A 247 -29.34 -9.65 -12.00
C SER A 247 -28.09 -8.90 -11.56
N TYR A 248 -26.95 -9.60 -11.49
CA TYR A 248 -25.64 -8.98 -11.22
C TYR A 248 -25.66 -8.21 -9.89
N TYR A 249 -25.99 -8.94 -8.83
CA TYR A 249 -25.93 -8.40 -7.48
C TYR A 249 -25.30 -9.44 -6.57
N ILE A 250 -24.71 -8.97 -5.48
CA ILE A 250 -24.15 -9.85 -4.47
C ILE A 250 -24.88 -9.59 -3.16
N ILE A 251 -25.03 -10.66 -2.37
CA ILE A 251 -25.50 -10.57 -1.00
C ILE A 251 -24.29 -10.69 -0.10
N VAL A 252 -24.07 -9.69 0.75
CA VAL A 252 -22.93 -9.68 1.66
C VAL A 252 -23.45 -9.72 3.08
N ARG A 253 -22.99 -10.70 3.85
CA ARG A 253 -23.23 -10.72 5.29
C ARG A 253 -22.13 -9.92 5.97
N VAL A 254 -22.52 -8.81 6.58
CA VAL A 254 -21.57 -7.91 7.23
C VAL A 254 -21.51 -8.28 8.70
N TYR A 255 -20.32 -8.58 9.19
CA TYR A 255 -20.10 -8.99 10.57
C TYR A 255 -19.79 -7.76 11.40
N PHE A 256 -20.65 -7.47 12.38
CA PHE A 256 -20.46 -6.35 13.30
C PHE A 256 -20.04 -6.89 14.66
N PRO A 257 -18.75 -7.09 14.90
CA PRO A 257 -18.31 -7.62 16.18
C PRO A 257 -18.31 -6.53 17.26
N ILE A 258 -18.13 -6.97 18.49
CA ILE A 258 -17.87 -6.07 19.60
C ILE A 258 -16.41 -6.24 20.00
N LEU A 259 -15.95 -5.37 20.89
CA LEU A 259 -14.58 -5.41 21.36
C LEU A 259 -14.55 -5.98 22.77
N THR A 260 -13.74 -7.02 22.96
CA THR A 260 -13.58 -7.67 24.25
C THR A 260 -12.14 -7.50 24.71
N GLU A 261 -11.96 -7.04 25.94
CA GLU A 261 -10.63 -6.92 26.52
C GLU A 261 -10.06 -8.29 26.85
N ILE A 262 -8.85 -8.56 26.34
CA ILE A 262 -8.18 -9.82 26.63
C ILE A 262 -7.77 -9.84 28.09
N GLN A 263 -8.01 -10.96 28.76
CA GLN A 263 -7.73 -11.06 30.18
C GLN A 263 -6.24 -10.94 30.46
N GLN A 264 -5.91 -10.16 31.50
CA GLN A 264 -4.55 -10.05 32.01
C GLN A 264 -3.55 -9.67 30.91
N ALA A 265 -4.02 -8.96 29.90
CA ALA A 265 -3.20 -8.61 28.75
C ALA A 265 -3.12 -7.10 28.60
N TYR A 266 -1.90 -6.57 28.58
CA TYR A 266 -1.66 -5.19 28.24
C TYR A 266 -0.49 -5.14 27.26
N ILE A 267 -0.50 -4.11 26.41
CA ILE A 267 0.56 -3.91 25.44
C ILE A 267 1.34 -2.67 25.86
N GLN A 268 2.59 -2.89 26.24
CA GLN A 268 3.45 -1.82 26.72
C GLN A 268 4.24 -1.23 25.55
N GLU A 269 4.00 0.04 25.26
CA GLU A 269 4.79 0.75 24.27
C GLU A 269 6.08 1.25 24.92
N LEU A 270 7.19 1.06 24.21
CA LEU A 270 8.47 1.61 24.63
C LEU A 270 8.88 2.67 23.61
N LEU A 271 9.16 3.88 24.09
CA LEU A 271 9.55 4.97 23.22
C LEU A 271 11.04 4.86 22.95
N PRO A 272 11.46 4.62 21.71
CA PRO A 272 12.88 4.42 21.43
C PRO A 272 13.65 5.73 21.49
N VAL A 273 14.71 5.75 22.30
CA VAL A 273 15.55 6.92 22.46
C VAL A 273 17.00 6.49 22.29
N SER A 274 17.74 7.24 21.48
CA SER A 274 19.15 6.96 21.30
C SER A 274 19.92 7.22 22.59
N PHE A 275 20.99 6.47 22.80
CA PHE A 275 21.83 6.64 23.98
C PHE A 275 23.29 6.67 23.57
N ASN A 276 24.14 6.96 24.55
CA ASN A 276 25.57 7.09 24.34
C ASN A 276 26.29 5.89 24.93
N ASN A 277 27.22 5.34 24.15
CA ASN A 277 28.15 4.33 24.64
C ASN A 277 29.46 4.53 23.89
N ASP A 278 30.57 4.41 24.61
CA ASP A 278 31.90 4.80 24.11
C ASP A 278 31.80 6.27 23.71
N ASN A 279 31.99 6.62 22.44
CA ASN A 279 31.75 7.96 21.94
C ASN A 279 30.81 7.91 20.74
N SER A 280 29.93 6.93 20.73
CA SER A 280 29.01 6.70 19.62
C SER A 280 27.58 6.74 20.14
N GLU A 281 26.65 7.00 19.22
CA GLU A 281 25.25 7.07 19.56
C GLU A 281 24.56 5.76 19.16
N TRP A 282 23.75 5.25 20.08
CA TRP A 282 23.17 3.92 19.93
C TRP A 282 21.69 3.95 20.23
N ILE A 283 20.92 3.15 19.50
CA ILE A 283 19.53 2.88 19.82
C ILE A 283 19.36 1.37 19.93
N SER A 284 18.69 0.94 20.99
CA SER A 284 18.55 -0.49 21.27
C SER A 284 17.48 -1.11 20.38
N ILE A 285 17.78 -2.29 19.86
CA ILE A 285 16.86 -3.01 18.97
C ILE A 285 15.99 -3.88 19.87
N VAL A 286 14.89 -3.30 20.32
CA VAL A 286 13.93 -3.95 21.20
C VAL A 286 12.56 -3.61 20.64
N PRO A 287 11.58 -4.52 20.68
CA PRO A 287 10.25 -4.18 20.14
C PRO A 287 9.66 -2.97 20.84
N ASN A 288 9.07 -2.08 20.05
CA ASN A 288 8.46 -0.88 20.58
C ASN A 288 7.07 -1.12 21.16
N PHE A 289 6.54 -2.33 21.01
CA PHE A 289 5.22 -2.69 21.53
C PHE A 289 5.34 -4.09 22.13
N ILE A 290 5.27 -4.17 23.45
CA ILE A 290 5.47 -5.41 24.18
C ILE A 290 4.13 -5.90 24.69
N LEU A 291 3.73 -7.11 24.28
CA LEU A 291 2.51 -7.72 24.77
C LEU A 291 2.84 -8.59 25.97
N VAL A 292 2.26 -8.25 27.12
CA VAL A 292 2.38 -9.05 28.33
C VAL A 292 0.99 -9.60 28.64
N ARG A 293 0.87 -10.92 28.63
CA ARG A 293 -0.40 -11.60 28.84
C ARG A 293 -0.20 -12.70 29.86
N ASN A 294 -0.96 -12.65 30.95
CA ASN A 294 -0.88 -13.64 32.03
C ASN A 294 0.55 -13.75 32.55
N THR A 295 1.20 -12.60 32.70
CA THR A 295 2.58 -12.48 33.16
C THR A 295 3.59 -13.18 32.24
N LEU A 296 3.22 -13.39 30.98
CA LEU A 296 4.14 -13.90 29.97
C LEU A 296 4.38 -12.83 28.92
N ILE A 297 5.65 -12.58 28.63
CA ILE A 297 6.05 -11.53 27.68
C ILE A 297 6.17 -12.14 26.30
N SER A 298 5.59 -11.46 25.31
CA SER A 298 5.67 -11.90 23.93
C SER A 298 5.61 -10.69 23.01
N ASN A 299 6.01 -10.91 21.76
CA ASN A 299 5.86 -9.88 20.74
C ASN A 299 4.41 -9.79 20.29
N ILE A 300 4.14 -8.84 19.41
CA ILE A 300 2.83 -8.72 18.78
C ILE A 300 3.00 -8.06 17.42
N GLU A 301 2.38 -8.64 16.40
CA GLU A 301 2.36 -8.04 15.06
C GLU A 301 1.35 -6.90 15.09
N ILE A 302 1.78 -5.78 15.68
CA ILE A 302 0.88 -4.66 15.92
C ILE A 302 0.61 -3.85 14.67
N GLY A 303 1.36 -4.07 13.59
CA GLY A 303 1.03 -3.45 12.33
C GLY A 303 -0.32 -3.88 11.77
N PHE A 304 -0.74 -5.10 12.06
CA PHE A 304 -2.06 -5.59 11.69
C PHE A 304 -3.16 -5.03 12.58
N CYS A 305 -2.80 -4.40 13.70
CA CYS A 305 -3.75 -3.89 14.67
C CYS A 305 -3.91 -2.38 14.53
N LEU A 306 -4.98 -1.88 15.13
CA LEU A 306 -5.22 -0.45 15.23
C LEU A 306 -4.80 0.01 16.62
N ILE A 307 -3.72 0.78 16.69
CA ILE A 307 -3.22 1.34 17.93
C ILE A 307 -4.05 2.58 18.25
N THR A 308 -4.69 2.60 19.41
CA THR A 308 -5.44 3.74 19.90
C THR A 308 -4.75 4.28 21.14
N LYS A 309 -5.19 5.46 21.59
CA LYS A 309 -4.53 6.09 22.73
C LYS A 309 -4.63 5.22 23.99
N ARG A 310 -5.72 4.47 24.13
CA ARG A 310 -5.94 3.66 25.33
C ARG A 310 -5.83 2.17 25.09
N SER A 311 -6.01 1.70 23.85
CA SER A 311 -6.05 0.28 23.57
C SER A 311 -5.42 -0.02 22.22
N VAL A 312 -4.89 -1.23 22.08
CA VAL A 312 -4.50 -1.77 20.80
C VAL A 312 -5.58 -2.77 20.39
N ILE A 313 -6.23 -2.50 19.26
CA ILE A 313 -7.41 -3.21 18.85
C ILE A 313 -7.08 -4.00 17.59
N CYS A 314 -7.22 -5.33 17.68
CA CYS A 314 -6.91 -6.22 16.57
C CYS A 314 -8.15 -7.00 16.16
N ASN A 315 -8.12 -7.55 14.95
CA ASN A 315 -9.16 -8.45 14.49
C ASN A 315 -8.87 -9.90 14.87
N GLN A 316 -7.70 -10.18 15.42
CA GLN A 316 -7.34 -11.51 15.88
C GLN A 316 -6.17 -11.36 16.85
N ASP A 317 -5.83 -12.46 17.51
CA ASP A 317 -4.68 -12.47 18.40
C ASP A 317 -3.42 -12.48 17.55
N TYR A 318 -2.69 -11.37 17.57
CA TYR A 318 -1.46 -11.23 16.82
C TYR A 318 -0.22 -11.40 17.69
N ALA A 319 -0.37 -12.05 18.84
CA ALA A 319 0.77 -12.37 19.68
C ALA A 319 1.73 -13.28 18.95
N THR A 320 3.02 -12.96 19.00
CA THR A 320 4.06 -13.78 18.41
C THR A 320 5.15 -14.02 19.44
N PRO A 321 5.83 -15.17 19.37
CA PRO A 321 6.76 -15.54 20.43
C PRO A 321 7.96 -14.62 20.49
N MET A 322 8.54 -14.55 21.69
CA MET A 322 9.73 -13.76 21.95
C MET A 322 10.88 -14.68 22.30
N THR A 323 12.06 -14.37 21.78
CA THR A 323 13.23 -15.17 22.08
C THR A 323 13.60 -15.04 23.56
N ASN A 324 14.35 -16.03 24.05
CA ASN A 324 14.69 -16.05 25.47
C ASN A 324 15.53 -14.84 25.86
N ASN A 325 16.48 -14.45 25.01
CA ASN A 325 17.36 -13.32 25.35
C ASN A 325 16.58 -12.01 25.44
N MET A 326 15.64 -11.79 24.53
CA MET A 326 14.88 -10.54 24.55
C MET A 326 13.94 -10.48 25.76
N ARG A 327 13.33 -11.62 26.10
CA ARG A 327 12.53 -11.68 27.32
C ARG A 327 13.39 -11.42 28.55
N GLU A 328 14.59 -11.99 28.59
CA GLU A 328 15.47 -11.80 29.73
C GLU A 328 15.99 -10.38 29.85
N CYS A 329 16.20 -9.69 28.73
CA CYS A 329 16.76 -8.34 28.81
C CYS A 329 15.66 -7.30 28.99
N LEU A 330 14.45 -7.56 28.50
CA LEU A 330 13.32 -6.71 28.84
C LEU A 330 12.98 -6.77 30.32
N THR A 331 13.44 -7.80 31.02
CA THR A 331 13.22 -7.94 32.46
C THR A 331 14.44 -7.50 33.27
N GLY A 332 15.45 -6.92 32.63
CA GLY A 332 16.57 -6.38 33.38
C GLY A 332 17.95 -6.69 32.84
N SER A 333 18.11 -7.84 32.19
CA SER A 333 19.42 -8.28 31.70
C SER A 333 19.77 -7.52 30.43
N THR A 334 19.93 -6.20 30.59
CA THR A 334 20.08 -5.30 29.44
C THR A 334 21.31 -5.60 28.61
N GLU A 335 22.25 -6.38 29.13
CA GLU A 335 23.37 -6.85 28.33
C GLU A 335 22.94 -7.78 27.22
N LYS A 336 21.69 -8.26 27.24
CA LYS A 336 21.16 -9.11 26.19
C LYS A 336 20.26 -8.38 25.21
N CYS A 337 19.84 -7.15 25.52
CA CYS A 337 19.11 -6.35 24.54
C CYS A 337 20.07 -5.83 23.48
N PRO A 338 19.86 -6.14 22.20
CA PRO A 338 20.77 -5.64 21.16
C PRO A 338 20.59 -4.16 20.92
N ARG A 339 21.68 -3.52 20.51
CA ARG A 339 21.68 -2.10 20.17
C ARG A 339 22.22 -1.91 18.77
N GLU A 340 21.80 -0.82 18.13
CA GLU A 340 22.21 -0.50 16.77
C GLU A 340 22.80 0.89 16.74
N LEU A 341 23.90 1.05 16.01
CA LEU A 341 24.54 2.34 15.86
C LEU A 341 23.59 3.33 15.22
N VAL A 342 23.61 4.57 15.70
CA VAL A 342 22.81 5.65 15.14
C VAL A 342 23.73 6.48 14.27
N VAL A 343 23.53 6.40 12.96
CA VAL A 343 24.25 7.23 12.00
C VAL A 343 23.38 8.28 11.35
N SER A 344 22.08 8.26 11.60
CA SER A 344 21.16 9.26 11.09
C SER A 344 21.04 10.42 12.08
N SER A 345 20.86 11.62 11.53
CA SER A 345 20.66 12.79 12.37
C SER A 345 19.24 12.89 12.92
N HIS A 346 18.29 12.21 12.29
CA HIS A 346 16.89 12.22 12.75
C HIS A 346 16.64 10.95 13.56
N VAL A 347 17.03 10.99 14.82
CA VAL A 347 16.71 9.92 15.76
C VAL A 347 16.14 10.58 17.01
N PRO A 348 15.17 9.96 17.68
CA PRO A 348 14.69 10.53 18.95
C PRO A 348 15.79 10.57 19.99
N ARG A 349 16.19 11.78 20.35
CA ARG A 349 17.23 11.97 21.37
C ARG A 349 16.66 11.94 22.79
N PHE A 350 15.36 12.07 22.94
CA PHE A 350 14.75 12.08 24.26
C PHE A 350 13.29 11.67 24.16
N ALA A 351 12.72 11.32 25.29
CA ALA A 351 11.29 11.05 25.40
C ALA A 351 10.81 11.45 26.79
N LEU A 352 9.51 11.68 26.90
CA LEU A 352 8.88 12.05 28.16
C LEU A 352 8.08 10.85 28.66
N SER A 353 8.33 10.45 29.90
CA SER A 353 7.63 9.32 30.51
C SER A 353 7.27 9.69 31.94
N ASN A 354 5.96 9.77 32.20
CA ASN A 354 5.44 10.13 33.52
C ASN A 354 5.99 11.48 33.98
N GLY A 355 6.07 12.43 33.05
CA GLY A 355 6.55 13.75 33.36
C GLY A 355 8.05 13.81 33.61
N VAL A 356 8.76 12.76 33.22
CA VAL A 356 10.20 12.66 33.43
C VAL A 356 10.88 12.52 32.08
N LEU A 357 11.91 13.34 31.85
CA LEU A 357 12.66 13.31 30.61
C LEU A 357 13.79 12.29 30.69
N PHE A 358 13.87 11.41 29.69
CA PHE A 358 15.00 10.53 29.50
C PHE A 358 15.67 10.95 28.20
N ALA A 359 16.89 11.49 28.31
CA ALA A 359 17.50 12.18 27.20
C ALA A 359 18.94 11.74 27.00
N ASN A 360 19.36 11.67 25.74
CA ASN A 360 20.78 11.51 25.39
C ASN A 360 21.40 12.89 25.37
N CYS A 361 21.72 13.40 26.55
CA CYS A 361 22.19 14.77 26.69
C CYS A 361 23.56 14.99 26.06
N ILE A 362 24.27 13.92 25.71
CA ILE A 362 25.49 14.09 24.92
C ILE A 362 25.15 14.50 23.49
N SER A 363 24.12 13.87 22.91
CA SER A 363 23.74 14.14 21.53
C SER A 363 22.76 15.30 21.39
N VAL A 364 21.95 15.58 22.41
CA VAL A 364 21.05 16.72 22.40
C VAL A 364 21.45 17.65 23.55
N THR A 365 21.48 18.94 23.26
CA THR A 365 21.89 19.93 24.26
C THR A 365 20.80 20.03 25.33
N CYS A 366 21.14 19.63 26.55
CA CYS A 366 20.23 19.70 27.69
C CYS A 366 20.62 20.91 28.54
N GLN A 367 19.70 21.84 28.71
CA GLN A 367 19.92 23.01 29.55
C GLN A 367 18.79 23.09 30.57
N CYS A 368 19.12 23.58 31.74
CA CYS A 368 18.17 23.64 32.86
C CYS A 368 17.57 25.04 32.90
N GLN A 369 16.27 25.14 32.62
CA GLN A 369 15.64 26.45 32.51
C GLN A 369 15.54 27.19 33.84
N THR A 370 15.53 26.48 34.97
CA THR A 370 15.36 27.14 36.25
C THR A 370 16.66 27.74 36.76
N THR A 371 17.72 26.94 36.81
CA THR A 371 19.02 27.40 37.29
C THR A 371 19.93 27.91 36.18
N GLY A 372 19.48 27.85 34.92
CA GLY A 372 20.28 28.34 33.82
C GLY A 372 21.53 27.54 33.53
N ARG A 373 21.66 26.34 34.09
CA ARG A 373 22.85 25.52 33.92
C ARG A 373 22.62 24.45 32.85
N ALA A 374 23.72 23.90 32.35
CA ALA A 374 23.66 22.85 31.35
C ALA A 374 23.68 21.49 32.03
N ILE A 375 22.68 20.67 31.73
CA ILE A 375 22.62 19.31 32.26
C ILE A 375 23.65 18.48 31.51
N SER A 376 24.72 18.10 32.20
CA SER A 376 25.85 17.43 31.58
C SER A 376 25.72 15.92 31.71
N GLN A 377 25.99 15.21 30.62
CA GLN A 377 25.99 13.76 30.59
C GLN A 377 27.43 13.27 30.39
N SER A 378 27.91 12.45 31.31
CA SER A 378 29.26 11.92 31.18
C SER A 378 29.32 10.90 30.06
N GLY A 379 30.54 10.59 29.62
CA GLY A 379 30.72 9.62 28.55
C GLY A 379 30.33 8.22 28.96
N GLU A 380 30.34 7.92 30.25
CA GLU A 380 29.96 6.62 30.76
C GLU A 380 28.47 6.49 31.05
N GLN A 381 27.68 7.53 30.75
CA GLN A 381 26.25 7.51 30.95
C GLN A 381 25.55 7.31 29.60
N THR A 382 24.54 6.44 29.59
CA THR A 382 23.80 6.18 28.36
C THR A 382 22.75 7.26 28.12
N LEU A 383 21.79 7.39 29.03
CA LEU A 383 20.84 8.49 29.01
C LEU A 383 21.04 9.34 30.25
N LEU A 384 20.29 10.43 30.31
CA LEU A 384 20.12 11.23 31.52
C LEU A 384 18.65 11.28 31.88
N MET A 385 18.32 10.84 33.09
CA MET A 385 16.99 11.01 33.64
C MET A 385 16.91 12.40 34.24
N ILE A 386 16.02 13.23 33.72
CA ILE A 386 15.90 14.62 34.13
C ILE A 386 14.53 14.79 34.76
N ASP A 387 14.50 15.15 36.04
CA ASP A 387 13.25 15.23 36.78
C ASP A 387 13.31 16.42 37.73
N ASN A 388 12.35 16.48 38.66
CA ASN A 388 12.24 17.62 39.57
C ASN A 388 13.47 17.75 40.48
N THR A 389 14.00 16.62 40.95
CA THR A 389 15.11 16.65 41.90
C THR A 389 16.32 17.39 41.36
N THR A 390 16.54 17.35 40.05
CA THR A 390 17.66 18.07 39.45
C THR A 390 17.23 19.31 38.68
N CYS A 391 16.11 19.25 37.96
CA CYS A 391 15.67 20.35 37.11
C CYS A 391 14.16 20.32 36.96
N PRO A 392 13.43 21.14 37.72
CA PRO A 392 11.97 21.20 37.54
C PRO A 392 11.58 21.57 36.12
N THR A 393 12.35 22.43 35.46
CA THR A 393 12.13 22.75 34.05
C THR A 393 13.45 22.57 33.31
N ALA A 394 13.38 21.94 32.14
CA ALA A 394 14.56 21.62 31.36
C ALA A 394 14.37 22.07 29.92
N VAL A 395 15.45 22.54 29.31
CA VAL A 395 15.46 22.91 27.89
C VAL A 395 16.30 21.88 27.15
N LEU A 396 15.66 21.15 26.25
CA LEU A 396 16.33 20.15 25.42
C LEU A 396 16.27 20.64 23.98
N GLY A 397 17.35 21.30 23.55
CA GLY A 397 17.32 22.02 22.30
C GLY A 397 16.60 23.34 22.45
N ASN A 398 15.44 23.44 21.87
CA ASN A 398 14.65 24.68 21.87
C ASN A 398 13.35 24.45 22.63
N VAL A 399 13.02 23.20 22.89
CA VAL A 399 11.78 22.84 23.57
C VAL A 399 12.03 22.85 25.07
N ILE A 400 11.13 23.48 25.80
CA ILE A 400 11.27 23.65 27.25
C ILE A 400 10.13 22.89 27.92
N ILE A 401 10.49 22.00 28.83
CA ILE A 401 9.53 21.08 29.44
C ILE A 401 9.63 21.22 30.96
N SER A 402 8.51 21.49 31.61
CA SER A 402 8.44 21.42 33.06
C SER A 402 8.16 19.99 33.47
N LEU A 403 8.94 19.47 34.41
CA LEU A 403 9.02 18.04 34.68
C LEU A 403 8.31 17.67 35.96
N GLY A 404 8.36 16.39 36.28
CA GLY A 404 7.84 15.86 37.52
C GLY A 404 8.85 15.02 38.27
N LYS A 405 8.40 14.28 39.26
CA LYS A 405 9.27 13.47 40.11
C LYS A 405 9.39 12.08 39.52
N TYR A 406 10.62 11.58 39.44
CA TYR A 406 10.87 10.22 38.96
C TYR A 406 10.53 9.24 40.08
N LEU A 407 9.55 8.37 39.83
CA LEU A 407 9.11 7.42 40.85
C LEU A 407 10.09 6.27 41.03
N GLY A 408 11.05 6.12 40.13
CA GLY A 408 12.02 5.05 40.23
C GLY A 408 13.14 5.33 41.21
N SER A 409 14.35 4.93 40.84
CA SER A 409 15.49 5.10 41.73
C SER A 409 15.92 6.56 41.83
N VAL A 410 16.50 6.91 42.97
CA VAL A 410 17.08 8.24 43.14
C VAL A 410 18.52 8.30 42.69
N ASN A 411 19.21 7.16 42.59
CA ASN A 411 20.56 7.07 42.05
C ASN A 411 20.56 6.58 40.61
N TYR A 412 19.53 6.93 39.84
CA TYR A 412 19.41 6.47 38.46
C TYR A 412 20.59 6.94 37.62
N ASN A 413 20.93 8.22 37.73
CA ASN A 413 21.96 8.80 36.88
C ASN A 413 23.37 8.45 37.35
N SER A 414 23.53 7.84 38.52
CA SER A 414 24.83 7.43 39.02
C SER A 414 25.06 5.92 38.94
N GLU A 415 24.02 5.15 38.61
CA GLU A 415 24.13 3.70 38.54
C GLU A 415 24.33 3.30 37.10
N GLY A 416 25.53 2.79 36.78
CA GLY A 416 25.80 2.35 35.42
C GLY A 416 25.07 1.05 35.09
N ILE A 417 24.87 0.84 33.80
CA ILE A 417 24.15 -0.33 33.32
C ILE A 417 25.08 -1.14 32.42
N ALA A 418 24.80 -2.45 32.35
CA ALA A 418 25.51 -3.32 31.43
C ALA A 418 24.92 -3.16 30.03
N ILE A 419 25.79 -3.06 29.03
CA ILE A 419 25.37 -2.70 27.69
C ILE A 419 25.32 -3.96 26.82
N GLY A 420 24.41 -3.94 25.85
CA GLY A 420 24.22 -5.08 24.97
C GLY A 420 25.21 -5.11 23.83
N PRO A 421 25.04 -6.06 22.92
CA PRO A 421 25.94 -6.19 21.78
C PRO A 421 25.45 -5.39 20.59
N PRO A 422 26.35 -4.72 19.87
CA PRO A 422 25.94 -3.97 18.68
C PRO A 422 25.42 -4.90 17.59
N VAL A 423 24.41 -4.42 16.85
CA VAL A 423 23.82 -5.17 15.74
C VAL A 423 23.60 -4.25 14.57
N PHE A 424 23.18 -4.85 13.45
CA PHE A 424 22.88 -4.12 12.22
C PHE A 424 21.63 -4.77 11.63
N THR A 425 20.47 -4.15 11.86
CA THR A 425 19.19 -4.73 11.50
C THR A 425 18.82 -4.55 10.03
N ASP A 426 19.77 -4.16 9.19
CA ASP A 426 19.52 -4.11 7.77
C ASP A 426 19.46 -5.52 7.18
N LYS A 427 18.58 -5.71 6.20
CA LYS A 427 18.39 -7.03 5.61
C LYS A 427 19.68 -7.57 5.02
N VAL A 428 20.36 -6.75 4.21
CA VAL A 428 21.64 -7.16 3.65
C VAL A 428 22.68 -7.31 4.76
N ASP A 429 22.62 -6.43 5.77
CA ASP A 429 23.50 -6.57 6.92
C ASP A 429 23.23 -7.87 7.66
N ILE A 430 21.96 -8.25 7.77
CA ILE A 430 21.62 -9.52 8.41
C ILE A 430 22.20 -10.69 7.63
N SER A 431 22.06 -10.67 6.30
CA SER A 431 22.61 -11.74 5.49
C SER A 431 24.13 -11.81 5.61
N SER A 432 24.80 -10.65 5.62
CA SER A 432 26.26 -10.64 5.77
C SER A 432 26.69 -11.11 7.15
N GLN A 433 25.93 -10.78 8.19
CA GLN A 433 26.25 -11.27 9.53
C GLN A 433 26.09 -12.77 9.61
N ILE A 434 25.05 -13.31 8.96
CA ILE A 434 24.89 -14.77 8.87
C ILE A 434 26.09 -15.37 8.15
N SER A 435 26.54 -14.74 7.07
CA SER A 435 27.72 -15.19 6.35
C SER A 435 28.93 -15.27 7.27
N SER A 436 29.19 -14.18 8.01
CA SER A 436 30.37 -14.12 8.86
C SER A 436 30.29 -15.14 10.00
N MET A 437 29.11 -15.30 10.59
CA MET A 437 28.96 -16.28 11.67
C MET A 437 29.17 -17.69 11.13
N ASN A 438 28.62 -18.01 9.96
CA ASN A 438 28.84 -19.33 9.38
C ASN A 438 30.31 -19.56 9.07
N GLN A 439 31.00 -18.54 8.53
CA GLN A 439 32.41 -18.67 8.21
C GLN A 439 33.23 -18.94 9.46
N SER A 440 33.02 -18.14 10.50
CA SER A 440 33.79 -18.33 11.74
C SER A 440 33.43 -19.64 12.43
N LEU A 441 32.18 -20.09 12.29
CA LEU A 441 31.78 -21.38 12.84
C LEU A 441 32.49 -22.53 12.13
N GLN A 442 32.56 -22.45 10.80
CA GLN A 442 33.31 -23.47 10.05
C GLN A 442 34.79 -23.43 10.38
N GLN A 443 35.34 -22.23 10.61
CA GLN A 443 36.74 -22.13 11.01
C GLN A 443 36.98 -22.80 12.36
N SER A 444 36.07 -22.62 13.30
CA SER A 444 36.20 -23.21 14.63
C SER A 444 36.14 -24.73 14.58
N VAL B 2 -25.89 -30.82 25.04
CA VAL B 2 -25.49 -29.47 25.41
C VAL B 2 -26.03 -29.08 26.79
N GLN B 3 -25.11 -28.98 27.75
CA GLN B 3 -25.46 -28.69 29.14
C GLN B 3 -24.54 -27.62 29.70
N LEU B 4 -25.13 -26.71 30.48
CA LEU B 4 -24.39 -25.74 31.27
C LEU B 4 -24.72 -25.99 32.73
N GLN B 5 -23.76 -26.53 33.48
CA GLN B 5 -23.98 -26.93 34.86
C GLN B 5 -23.44 -25.83 35.78
N GLN B 6 -24.33 -25.23 36.56
CA GLN B 6 -23.93 -24.22 37.52
C GLN B 6 -23.32 -24.88 38.76
N SER B 7 -22.69 -24.05 39.60
CA SER B 7 -22.09 -24.57 40.83
C SER B 7 -23.14 -24.88 41.88
N GLY B 8 -24.22 -24.10 41.94
CA GLY B 8 -25.26 -24.30 42.92
C GLY B 8 -25.47 -23.08 43.79
N PRO B 9 -26.65 -22.97 44.39
CA PRO B 9 -26.91 -21.82 45.28
C PRO B 9 -25.95 -21.79 46.46
N GLU B 10 -25.55 -20.58 46.84
CA GLU B 10 -24.56 -20.39 47.89
C GLU B 10 -25.03 -19.32 48.86
N LEU B 11 -24.71 -19.53 50.14
CA LEU B 11 -24.89 -18.52 51.18
C LEU B 11 -23.52 -17.93 51.48
N VAL B 12 -23.37 -16.64 51.23
CA VAL B 12 -22.09 -15.95 51.33
C VAL B 12 -22.27 -14.69 52.18
N LYS B 13 -21.27 -14.40 53.00
CA LYS B 13 -21.33 -13.25 53.89
C LYS B 13 -21.04 -11.95 53.14
N PRO B 14 -21.61 -10.84 53.59
CA PRO B 14 -21.35 -9.55 52.93
C PRO B 14 -19.88 -9.18 52.99
N GLY B 15 -19.40 -8.57 51.91
CA GLY B 15 -18.01 -8.17 51.81
C GLY B 15 -17.06 -9.27 51.39
N ALA B 16 -17.55 -10.50 51.22
CA ALA B 16 -16.72 -11.61 50.80
C ALA B 16 -16.71 -11.71 49.28
N SER B 17 -15.92 -12.65 48.76
CA SER B 17 -15.84 -12.90 47.33
C SER B 17 -16.14 -14.37 47.06
N MET B 18 -16.95 -14.63 46.03
CA MET B 18 -17.38 -15.99 45.73
C MET B 18 -17.45 -16.16 44.22
N LYS B 19 -17.43 -17.43 43.80
CA LYS B 19 -17.18 -17.80 42.40
C LYS B 19 -18.23 -18.78 41.93
N ILE B 20 -18.96 -18.41 40.88
CA ILE B 20 -19.89 -19.31 40.21
C ILE B 20 -19.10 -20.19 39.24
N ALA B 21 -19.33 -21.49 39.31
CA ALA B 21 -18.79 -22.41 38.32
C ALA B 21 -19.84 -22.74 37.28
N CYS B 22 -19.42 -22.77 36.01
CA CYS B 22 -20.32 -23.08 34.89
C CYS B 22 -19.62 -24.11 34.01
N LYS B 23 -19.81 -25.38 34.34
CA LYS B 23 -19.24 -26.46 33.52
C LYS B 23 -20.03 -26.58 32.22
N ALA B 24 -19.30 -26.78 31.12
CA ALA B 24 -19.91 -26.95 29.81
C ALA B 24 -19.68 -28.36 29.29
N SER B 25 -20.67 -28.89 28.58
CA SER B 25 -20.54 -30.19 27.95
C SER B 25 -21.50 -30.26 26.77
N GLY B 26 -21.23 -31.21 25.87
CA GLY B 26 -22.07 -31.38 24.70
C GLY B 26 -21.79 -30.45 23.56
N TYR B 27 -20.74 -29.63 23.64
CA TYR B 27 -20.40 -28.70 22.57
C TYR B 27 -18.96 -28.25 22.77
N SER B 28 -18.45 -27.53 21.78
CA SER B 28 -17.08 -27.01 21.84
C SER B 28 -17.06 -25.79 22.74
N PHE B 29 -16.49 -25.95 23.94
CA PHE B 29 -16.45 -24.87 24.92
C PHE B 29 -15.69 -23.67 24.38
N THR B 30 -14.53 -23.91 23.78
CA THR B 30 -13.68 -22.84 23.31
C THR B 30 -14.33 -22.02 22.19
N ASP B 31 -15.18 -22.64 21.38
CA ASP B 31 -15.77 -21.97 20.22
C ASP B 31 -17.05 -21.22 20.53
N TYR B 32 -17.48 -21.18 21.80
CA TYR B 32 -18.69 -20.47 22.17
C TYR B 32 -18.40 -19.49 23.30
N THR B 33 -18.94 -18.29 23.17
CA THR B 33 -18.87 -17.27 24.20
C THR B 33 -19.97 -17.50 25.22
N MET B 34 -19.62 -17.42 26.50
CA MET B 34 -20.61 -17.51 27.57
C MET B 34 -20.89 -16.11 28.12
N ASN B 35 -22.16 -15.74 28.15
CA ASN B 35 -22.60 -14.53 28.81
C ASN B 35 -22.98 -14.83 30.25
N TRP B 36 -23.06 -13.76 31.04
CA TRP B 36 -23.53 -13.86 32.43
C TRP B 36 -24.57 -12.78 32.64
N VAL B 37 -25.68 -13.14 33.27
CA VAL B 37 -26.77 -12.20 33.53
C VAL B 37 -27.15 -12.28 35.00
N LYS B 38 -27.72 -11.19 35.51
CA LYS B 38 -28.15 -11.10 36.89
C LYS B 38 -29.68 -10.98 36.92
N GLN B 39 -30.34 -11.99 37.49
CA GLN B 39 -31.78 -11.96 37.68
C GLN B 39 -32.08 -11.57 39.11
N SER B 40 -32.48 -10.32 39.32
CA SER B 40 -32.79 -9.80 40.63
C SER B 40 -34.30 -9.67 40.81
N HIS B 41 -34.75 -9.93 42.03
CA HIS B 41 -36.16 -9.79 42.43
C HIS B 41 -37.08 -10.72 41.64
N GLY B 42 -36.51 -11.75 41.01
CA GLY B 42 -37.30 -12.73 40.31
C GLY B 42 -37.82 -12.27 38.96
N LYS B 43 -37.80 -10.96 38.70
CA LYS B 43 -38.32 -10.40 37.47
C LYS B 43 -37.24 -9.78 36.60
N ASN B 44 -36.48 -8.83 37.13
CA ASN B 44 -35.58 -8.03 36.32
C ASN B 44 -34.33 -8.83 35.94
N LEU B 45 -33.98 -8.78 34.65
CA LEU B 45 -32.76 -9.38 34.14
C LEU B 45 -31.83 -8.28 33.66
N GLU B 46 -30.53 -8.48 33.86
CA GLU B 46 -29.53 -7.55 33.36
C GLU B 46 -28.25 -8.32 33.06
N TRP B 47 -27.68 -8.04 31.89
CA TRP B 47 -26.49 -8.75 31.43
C TRP B 47 -25.26 -8.26 32.19
N ILE B 48 -24.48 -9.19 32.72
CA ILE B 48 -23.33 -8.86 33.53
C ILE B 48 -22.12 -8.67 32.63
N GLY B 49 -21.84 -9.66 31.79
CA GLY B 49 -20.69 -9.62 30.92
C GLY B 49 -20.52 -10.93 30.17
N LEU B 50 -19.68 -10.92 29.14
CA LEU B 50 -19.37 -12.12 28.39
C LEU B 50 -17.87 -12.40 28.44
N ILE B 51 -17.53 -13.67 28.28
CA ILE B 51 -16.14 -14.08 28.14
C ILE B 51 -16.02 -14.93 26.87
N ASN B 52 -15.02 -14.62 26.06
CA ASN B 52 -14.73 -15.39 24.86
C ASN B 52 -13.58 -16.34 25.17
N PRO B 53 -13.84 -17.60 25.47
CA PRO B 53 -12.75 -18.51 25.85
C PRO B 53 -11.73 -18.73 24.75
N TYR B 54 -12.14 -18.56 23.48
CA TYR B 54 -11.20 -18.76 22.37
C TYR B 54 -10.07 -17.74 22.42
N ILE B 55 -10.40 -16.49 22.73
CA ILE B 55 -9.42 -15.42 22.68
C ILE B 55 -8.99 -14.94 24.06
N GLY B 56 -9.70 -15.35 25.12
CA GLY B 56 -9.42 -14.82 26.44
C GLY B 56 -9.99 -13.44 26.69
N GLY B 57 -10.87 -12.97 25.81
CA GLY B 57 -11.41 -11.64 25.94
C GLY B 57 -12.69 -11.58 26.75
N THR B 58 -12.95 -10.42 27.32
CA THR B 58 -14.14 -10.18 28.13
C THR B 58 -14.73 -8.83 27.77
N ASN B 59 -16.05 -8.75 27.84
CA ASN B 59 -16.79 -7.50 27.63
C ASN B 59 -17.79 -7.38 28.76
N TYR B 60 -17.55 -6.43 29.66
CA TYR B 60 -18.37 -6.28 30.86
C TYR B 60 -19.39 -5.16 30.70
N ASN B 61 -20.55 -5.35 31.31
CA ASN B 61 -21.44 -4.24 31.58
C ASN B 61 -20.75 -3.26 32.52
N GLN B 62 -21.00 -1.96 32.31
CA GLN B 62 -20.35 -0.96 33.15
C GLN B 62 -20.73 -1.13 34.61
N LYS B 63 -21.98 -1.52 34.87
CA LYS B 63 -22.45 -1.71 36.24
C LYS B 63 -21.67 -2.79 36.97
N PHE B 64 -21.12 -3.76 36.24
CA PHE B 64 -20.50 -4.93 36.85
C PHE B 64 -18.99 -4.95 36.71
N LYS B 65 -18.37 -3.89 36.23
CA LYS B 65 -16.92 -3.81 36.24
C LYS B 65 -16.42 -3.67 37.67
N GLY B 66 -15.42 -4.48 38.01
CA GLY B 66 -14.88 -4.48 39.36
C GLY B 66 -15.62 -5.43 40.29
N LYS B 67 -16.95 -5.43 40.22
CA LYS B 67 -17.73 -6.33 41.06
C LYS B 67 -17.66 -7.77 40.57
N ALA B 68 -17.70 -7.96 39.24
CA ALA B 68 -17.65 -9.28 38.64
C ALA B 68 -16.49 -9.37 37.67
N THR B 69 -15.73 -10.46 37.75
CA THR B 69 -14.68 -10.76 36.79
C THR B 69 -14.92 -12.16 36.24
N LEU B 70 -14.81 -12.30 34.92
CA LEU B 70 -15.13 -13.55 34.24
C LEU B 70 -13.84 -14.26 33.86
N THR B 71 -13.71 -15.52 34.28
CA THR B 71 -12.62 -16.39 33.87
C THR B 71 -13.19 -17.65 33.23
N VAL B 72 -12.32 -18.36 32.50
CA VAL B 72 -12.67 -19.63 31.89
C VAL B 72 -11.59 -20.65 32.24
N ASP B 73 -11.98 -21.92 32.20
CA ASP B 73 -11.07 -23.05 32.39
C ASP B 73 -11.26 -23.96 31.18
N LYS B 74 -10.45 -23.73 30.14
CA LYS B 74 -10.60 -24.50 28.90
C LYS B 74 -10.30 -25.97 29.13
N SER B 75 -9.44 -26.29 30.09
CA SER B 75 -9.16 -27.69 30.40
C SER B 75 -10.40 -28.40 30.92
N SER B 76 -11.16 -27.73 31.78
CA SER B 76 -12.38 -28.30 32.36
C SER B 76 -13.63 -27.85 31.64
N SER B 77 -13.50 -27.04 30.59
CA SER B 77 -14.66 -26.49 29.86
C SER B 77 -15.60 -25.75 30.81
N THR B 78 -15.01 -25.03 31.77
CA THR B 78 -15.76 -24.32 32.80
C THR B 78 -15.43 -22.84 32.75
N ALA B 79 -16.46 -22.01 32.82
CA ALA B 79 -16.28 -20.57 32.95
C ALA B 79 -16.76 -20.13 34.32
N TYR B 80 -16.04 -19.19 34.92
CA TYR B 80 -16.30 -18.77 36.28
C TYR B 80 -16.72 -17.30 36.33
N MET B 81 -17.44 -16.95 37.39
CA MET B 81 -17.82 -15.57 37.66
C MET B 81 -17.46 -15.26 39.11
N GLU B 82 -16.27 -14.72 39.32
CA GLU B 82 -15.84 -14.28 40.63
C GLU B 82 -16.51 -12.94 40.94
N LEU B 83 -17.25 -12.90 42.04
CA LEU B 83 -17.97 -11.69 42.46
C LEU B 83 -17.23 -11.04 43.62
N LEU B 84 -16.96 -9.75 43.49
CA LEU B 84 -16.11 -9.02 44.43
C LEU B 84 -16.95 -8.04 45.24
N SER B 85 -16.59 -7.88 46.51
CA SER B 85 -17.20 -6.92 47.42
C SER B 85 -18.72 -7.07 47.43
N LEU B 86 -19.17 -8.25 47.85
CA LEU B 86 -20.58 -8.58 47.81
C LEU B 86 -21.38 -7.71 48.77
N THR B 87 -22.50 -7.20 48.30
CA THR B 87 -23.44 -6.43 49.09
C THR B 87 -24.80 -7.12 49.07
N PHE B 88 -25.78 -6.52 49.74
CA PHE B 88 -27.13 -7.08 49.75
C PHE B 88 -27.73 -7.09 48.36
N GLU B 89 -27.37 -6.12 47.52
CA GLU B 89 -27.91 -6.04 46.17
C GLU B 89 -27.33 -7.08 45.23
N ASP B 90 -26.23 -7.74 45.61
CA ASP B 90 -25.68 -8.83 44.82
C ASP B 90 -26.42 -10.14 45.03
N SER B 91 -27.42 -10.17 45.90
CA SER B 91 -28.25 -11.34 46.08
C SER B 91 -29.25 -11.42 44.93
N ALA B 92 -29.04 -12.36 44.02
CA ALA B 92 -29.86 -12.49 42.83
C ALA B 92 -29.61 -13.86 42.23
N VAL B 93 -30.20 -14.12 41.07
CA VAL B 93 -30.02 -15.37 40.33
C VAL B 93 -29.02 -15.11 39.22
N TYR B 94 -27.95 -15.90 39.18
CA TYR B 94 -26.84 -15.69 38.26
C TYR B 94 -26.84 -16.82 37.24
N TYR B 95 -26.95 -16.47 35.96
CA TYR B 95 -26.99 -17.43 34.88
C TYR B 95 -25.70 -17.33 34.06
N CYS B 96 -25.23 -18.48 33.60
CA CYS B 96 -24.25 -18.54 32.52
C CYS B 96 -24.97 -19.03 31.27
N ALA B 97 -24.90 -18.26 30.20
CA ALA B 97 -25.62 -18.55 28.98
C ALA B 97 -24.65 -18.68 27.82
N ARG B 98 -24.71 -19.82 27.13
CA ARG B 98 -23.89 -20.01 25.94
C ARG B 98 -24.36 -19.08 24.83
N ASP B 99 -23.41 -18.49 24.13
CA ASP B 99 -23.73 -17.57 23.06
C ASP B 99 -22.79 -17.84 21.89
N PRO B 100 -23.29 -18.32 20.74
CA PRO B 100 -22.42 -18.55 19.59
C PRO B 100 -21.70 -17.27 19.19
N SER B 101 -22.45 -16.25 18.80
CA SER B 101 -21.88 -14.91 18.75
C SER B 101 -22.75 -13.90 19.49
N ARG B 102 -24.06 -13.95 19.27
CA ARG B 102 -24.87 -12.82 19.69
C ARG B 102 -26.24 -13.23 20.23
N ALA B 103 -26.50 -14.51 20.48
CA ALA B 103 -27.80 -14.96 20.96
C ALA B 103 -27.58 -16.02 22.04
N MET B 104 -28.03 -15.71 23.26
CA MET B 104 -27.89 -16.65 24.38
C MET B 104 -28.91 -17.76 24.21
N ASP B 105 -28.49 -18.87 23.62
CA ASP B 105 -29.38 -19.97 23.29
C ASP B 105 -29.49 -21.03 24.39
N TYR B 106 -28.40 -21.34 25.07
CA TYR B 106 -28.38 -22.35 26.12
C TYR B 106 -27.93 -21.71 27.42
N TRP B 107 -28.71 -21.91 28.48
CA TRP B 107 -28.46 -21.29 29.77
C TRP B 107 -28.23 -22.36 30.83
N GLY B 108 -27.42 -22.01 31.83
CA GLY B 108 -27.34 -22.82 33.02
C GLY B 108 -28.58 -22.67 33.87
N GLN B 109 -28.74 -23.59 34.83
CA GLN B 109 -29.93 -23.57 35.66
C GLN B 109 -29.99 -22.32 36.54
N GLY B 110 -28.87 -21.66 36.74
CA GLY B 110 -28.81 -20.46 37.55
C GLY B 110 -28.37 -20.76 38.98
N THR B 111 -27.64 -19.82 39.56
CA THR B 111 -27.26 -19.88 40.96
C THR B 111 -27.97 -18.76 41.71
N SER B 112 -28.87 -19.13 42.62
CA SER B 112 -29.51 -18.17 43.48
C SER B 112 -28.57 -17.87 44.64
N VAL B 113 -27.78 -16.80 44.49
CA VAL B 113 -26.80 -16.40 45.49
C VAL B 113 -27.46 -15.40 46.43
N THR B 114 -27.36 -15.65 47.73
CA THR B 114 -27.88 -14.75 48.75
C THR B 114 -26.73 -14.25 49.60
N VAL B 115 -26.76 -12.96 49.94
CA VAL B 115 -25.68 -12.32 50.68
C VAL B 115 -26.24 -11.87 52.02
N SER B 116 -25.75 -12.49 53.09
CA SER B 116 -26.18 -12.19 54.46
C SER B 116 -25.25 -12.93 55.41
N SER B 117 -25.45 -12.69 56.70
CA SER B 117 -24.68 -13.35 57.75
C SER B 117 -25.55 -14.33 58.54
N ALA B 118 -26.45 -15.02 57.83
CA ALA B 118 -27.38 -15.97 58.42
C ALA B 118 -28.22 -15.32 59.52
N ASP C 1 -26.22 3.08 28.09
CA ASP C 1 -27.03 1.88 27.89
C ASP C 1 -28.26 2.19 27.06
N ILE C 2 -28.76 1.17 26.36
CA ILE C 2 -30.02 1.30 25.64
C ILE C 2 -31.15 0.81 26.53
N GLN C 3 -32.10 1.70 26.82
CA GLN C 3 -33.22 1.36 27.68
C GLN C 3 -34.25 0.57 26.87
N MET C 4 -34.51 -0.66 27.29
CA MET C 4 -35.43 -1.55 26.58
C MET C 4 -36.72 -1.62 27.38
N THR C 5 -37.83 -1.22 26.76
CA THR C 5 -39.10 -1.07 27.45
C THR C 5 -40.15 -1.98 26.81
N GLN C 6 -40.93 -2.65 27.66
CA GLN C 6 -42.04 -3.47 27.23
C GLN C 6 -43.33 -2.85 27.76
N SER C 7 -44.27 -2.58 26.87
CA SER C 7 -45.49 -1.86 27.25
C SER C 7 -46.39 -2.73 28.12
N PRO C 8 -46.79 -3.95 27.70
CA PRO C 8 -47.65 -4.76 28.57
C PRO C 8 -46.83 -5.53 29.61
N ALA C 9 -46.50 -4.88 30.72
CA ALA C 9 -45.68 -5.54 31.74
C ALA C 9 -46.36 -6.80 32.27
N SER C 10 -47.66 -6.73 32.52
CA SER C 10 -48.44 -7.89 32.92
C SER C 10 -49.67 -8.00 32.02
N LEU C 11 -49.83 -9.16 31.38
CA LEU C 11 -50.95 -9.40 30.49
C LEU C 11 -51.52 -10.78 30.76
N SER C 12 -52.84 -10.89 30.74
CA SER C 12 -53.53 -12.16 30.96
C SER C 12 -54.76 -12.21 30.06
N ALA C 13 -54.78 -13.15 29.13
CA ALA C 13 -55.87 -13.26 28.17
C ALA C 13 -56.21 -14.73 27.96
N SER C 14 -57.35 -14.96 27.29
CA SER C 14 -57.86 -16.30 27.09
C SER C 14 -56.94 -17.12 26.20
N VAL C 15 -56.94 -18.43 26.41
CA VAL C 15 -56.11 -19.33 25.62
C VAL C 15 -56.69 -19.45 24.22
N GLY C 16 -55.82 -19.35 23.22
CA GLY C 16 -56.22 -19.57 21.84
C GLY C 16 -56.54 -18.33 21.03
N GLU C 17 -56.08 -17.15 21.45
CA GLU C 17 -56.32 -15.93 20.71
C GLU C 17 -55.03 -15.12 20.65
N THR C 18 -54.91 -14.29 19.61
CA THR C 18 -53.65 -13.64 19.29
C THR C 18 -53.17 -12.73 20.42
N VAL C 19 -51.86 -12.75 20.67
CA VAL C 19 -51.25 -11.95 21.72
C VAL C 19 -50.02 -11.26 21.14
N THR C 20 -49.96 -9.94 21.28
CA THR C 20 -48.83 -9.15 20.82
C THR C 20 -48.11 -8.56 22.02
N ILE C 21 -46.83 -8.85 22.14
CA ILE C 21 -46.00 -8.35 23.24
C ILE C 21 -45.07 -7.30 22.64
N THR C 22 -45.44 -6.04 22.79
CA THR C 22 -44.66 -4.95 22.22
C THR C 22 -43.43 -4.66 23.08
N CYS C 23 -42.32 -4.36 22.40
CA CYS C 23 -41.09 -3.98 23.06
C CYS C 23 -40.55 -2.71 22.41
N GLY C 24 -39.95 -1.85 23.23
CA GLY C 24 -39.40 -0.60 22.74
C GLY C 24 -37.95 -0.44 23.16
N ALA C 25 -37.23 0.35 22.38
CA ALA C 25 -35.82 0.62 22.63
C ALA C 25 -35.57 2.12 22.61
N SER C 26 -34.71 2.59 23.52
CA SER C 26 -34.38 4.01 23.55
C SER C 26 -33.66 4.44 22.28
N GLU C 27 -32.73 3.62 21.81
CA GLU C 27 -32.03 3.87 20.55
C GLU C 27 -32.42 2.81 19.52
N ASN C 28 -32.37 3.19 18.25
CA ASN C 28 -32.58 2.24 17.17
C ASN C 28 -31.56 1.12 17.26
N ILE C 29 -32.03 -0.12 17.34
CA ILE C 29 -31.17 -1.28 17.46
C ILE C 29 -31.13 -2.12 16.20
N TYR C 30 -31.85 -1.72 15.15
CA TYR C 30 -31.68 -2.28 13.80
C TYR C 30 -31.91 -3.79 13.79
N GLY C 31 -33.00 -4.24 14.40
CA GLY C 31 -33.31 -5.66 14.41
C GLY C 31 -32.46 -6.49 15.33
N ALA C 32 -31.51 -5.87 16.04
CA ALA C 32 -30.70 -6.58 17.02
C ALA C 32 -31.48 -6.67 18.32
N LEU C 33 -32.51 -7.50 18.35
CA LEU C 33 -33.32 -7.72 19.53
C LEU C 33 -33.59 -9.22 19.68
N ASN C 34 -33.20 -9.77 20.81
CA ASN C 34 -33.52 -11.16 21.12
C ASN C 34 -34.76 -11.22 22.02
N TRP C 35 -35.49 -12.31 21.90
CA TRP C 35 -36.62 -12.60 22.78
C TRP C 35 -36.31 -13.83 23.60
N PHE C 36 -36.59 -13.75 24.90
CA PHE C 36 -36.33 -14.84 25.83
C PHE C 36 -37.61 -15.20 26.57
N GLN C 37 -37.86 -16.50 26.70
CA GLN C 37 -38.98 -17.00 27.48
C GLN C 37 -38.45 -17.58 28.78
N ARG C 38 -38.93 -17.05 29.90
CA ARG C 38 -38.50 -17.47 31.22
C ARG C 38 -39.71 -18.00 31.98
N LYS C 39 -39.87 -19.32 31.98
CA LYS C 39 -40.91 -19.93 32.79
C LYS C 39 -40.53 -19.85 34.26
N GLN C 40 -41.54 -19.95 35.12
CA GLN C 40 -41.34 -19.77 36.56
C GLN C 40 -40.34 -20.78 37.09
N GLY C 41 -39.28 -20.28 37.74
CA GLY C 41 -38.29 -21.13 38.36
C GLY C 41 -37.29 -21.77 37.42
N LYS C 42 -37.29 -21.41 36.14
CA LYS C 42 -36.38 -22.00 35.18
C LYS C 42 -35.65 -20.90 34.40
N SER C 43 -34.51 -21.28 33.84
CA SER C 43 -33.67 -20.32 33.13
C SER C 43 -34.40 -19.79 31.89
N PRO C 44 -34.13 -18.54 31.51
CA PRO C 44 -34.73 -18.01 30.27
C PRO C 44 -34.29 -18.82 29.07
N GLN C 45 -35.23 -19.03 28.15
CA GLN C 45 -34.98 -19.77 26.93
C GLN C 45 -35.02 -18.81 25.74
N LEU C 46 -33.99 -18.86 24.91
CA LEU C 46 -33.97 -18.04 23.70
C LEU C 46 -35.19 -18.34 22.85
N LEU C 47 -36.04 -17.34 22.66
CA LEU C 47 -37.30 -17.52 21.94
C LEU C 47 -37.16 -17.07 20.49
N ILE C 48 -36.74 -15.83 20.27
CA ILE C 48 -36.60 -15.26 18.93
C ILE C 48 -35.37 -14.36 18.93
N TYR C 49 -34.36 -14.72 18.15
CA TYR C 49 -33.16 -13.91 18.00
C TYR C 49 -33.18 -13.18 16.67
N GLY C 50 -32.57 -12.00 16.65
CA GLY C 50 -32.62 -11.17 15.47
C GLY C 50 -33.95 -10.51 15.23
N ALA C 51 -34.87 -10.59 16.21
CA ALA C 51 -36.16 -9.92 16.22
C ALA C 51 -37.14 -10.55 15.24
N THR C 52 -36.68 -11.47 14.41
CA THR C 52 -37.57 -12.20 13.50
C THR C 52 -37.34 -13.69 13.53
N ASN C 53 -36.12 -14.15 13.77
CA ASN C 53 -35.78 -15.55 13.59
C ASN C 53 -36.24 -16.38 14.77
N LEU C 54 -37.01 -17.42 14.51
CA LEU C 54 -37.42 -18.34 15.55
C LEU C 54 -36.26 -19.22 15.98
N ALA C 55 -36.03 -19.29 17.28
CA ALA C 55 -34.97 -20.14 17.80
C ALA C 55 -35.35 -21.61 17.66
N ASP C 56 -34.36 -22.45 17.41
CA ASP C 56 -34.62 -23.87 17.25
C ASP C 56 -35.15 -24.49 18.54
N GLY C 57 -36.05 -25.46 18.39
CA GLY C 57 -36.69 -26.08 19.52
C GLY C 57 -37.85 -25.31 20.12
N MET C 58 -38.22 -24.18 19.53
CA MET C 58 -39.30 -23.35 20.02
C MET C 58 -40.54 -23.50 19.14
N SER C 59 -41.70 -23.27 19.73
CA SER C 59 -42.96 -23.45 19.02
C SER C 59 -43.06 -22.48 17.86
N SER C 60 -43.73 -22.93 16.79
CA SER C 60 -43.91 -22.11 15.60
C SER C 60 -44.87 -20.94 15.82
N ARG C 61 -45.58 -20.91 16.95
CA ARG C 61 -46.51 -19.84 17.24
C ARG C 61 -45.84 -18.53 17.61
N PHE C 62 -44.53 -18.54 17.86
CA PHE C 62 -43.79 -17.33 18.20
C PHE C 62 -43.38 -16.64 16.91
N SER C 63 -43.99 -15.50 16.62
CA SER C 63 -43.83 -14.79 15.34
C SER C 63 -43.46 -13.34 15.58
N GLY C 64 -42.49 -13.10 16.45
CA GLY C 64 -42.03 -11.77 16.77
C GLY C 64 -41.54 -10.97 15.59
N SER C 65 -41.95 -9.70 15.51
CA SER C 65 -41.58 -8.82 14.41
C SER C 65 -41.04 -7.50 14.94
N GLY C 66 -40.87 -6.52 14.05
CA GLY C 66 -40.45 -5.20 14.43
C GLY C 66 -39.15 -4.79 13.76
N SER C 67 -38.91 -3.48 13.74
CA SER C 67 -37.70 -2.91 13.16
C SER C 67 -37.48 -1.54 13.75
N GLY C 68 -36.22 -1.18 13.93
CA GLY C 68 -35.86 0.13 14.47
C GLY C 68 -35.79 0.11 16.00
N ARG C 69 -36.70 0.85 16.65
CA ARG C 69 -36.79 0.89 18.10
C ARG C 69 -38.05 0.28 18.64
N GLN C 70 -39.07 0.06 17.80
CA GLN C 70 -40.35 -0.49 18.22
C GLN C 70 -40.48 -1.91 17.67
N TYR C 71 -40.64 -2.87 18.57
CA TYR C 71 -40.74 -4.28 18.21
C TYR C 71 -41.99 -4.88 18.82
N SER C 72 -42.27 -6.12 18.44
CA SER C 72 -43.46 -6.81 18.94
C SER C 72 -43.23 -8.31 18.84
N LEU C 73 -43.64 -9.03 19.89
CA LEU C 73 -43.61 -10.48 19.91
C LEU C 73 -45.04 -11.01 19.86
N LYS C 74 -45.32 -11.89 18.91
CA LYS C 74 -46.66 -12.39 18.67
C LYS C 74 -46.75 -13.85 19.10
N ILE C 75 -47.84 -14.17 19.80
CA ILE C 75 -48.08 -15.50 20.33
C ILE C 75 -48.99 -16.31 19.42
N GLY C 76 -49.94 -15.65 18.76
CA GLY C 76 -50.95 -16.38 18.01
C GLY C 76 -51.89 -17.08 18.96
N SER C 77 -52.20 -18.35 18.70
CA SER C 77 -53.06 -19.13 19.59
C SER C 77 -52.27 -19.47 20.85
N MET C 78 -52.80 -19.09 22.01
CA MET C 78 -52.14 -19.42 23.26
C MET C 78 -52.14 -20.94 23.50
N HIS C 79 -51.50 -21.32 24.61
CA HIS C 79 -51.48 -22.67 25.11
C HIS C 79 -51.07 -22.49 26.57
N PRO C 80 -51.49 -23.37 27.48
CA PRO C 80 -51.08 -23.23 28.88
C PRO C 80 -49.57 -23.29 29.07
N ASP C 81 -48.81 -23.76 28.08
CA ASP C 81 -47.37 -23.94 28.27
C ASP C 81 -46.64 -22.61 28.22
N ASP C 82 -47.03 -21.68 27.34
CA ASP C 82 -46.29 -20.44 27.16
C ASP C 82 -46.66 -19.39 28.20
N VAL C 83 -47.24 -19.81 29.32
CA VAL C 83 -47.44 -18.95 30.48
C VAL C 83 -46.06 -18.77 31.13
N ALA C 84 -45.42 -17.65 30.84
CA ALA C 84 -44.05 -17.41 31.28
C ALA C 84 -43.79 -15.90 31.24
N THR C 85 -42.53 -15.53 31.40
CA THR C 85 -42.11 -14.14 31.34
C THR C 85 -41.24 -13.95 30.10
N TYR C 86 -41.60 -13.00 29.25
CA TYR C 86 -40.88 -12.73 28.01
C TYR C 86 -40.02 -11.49 28.17
N TYR C 87 -38.74 -11.63 27.84
CA TYR C 87 -37.78 -10.53 27.89
C TYR C 87 -37.29 -10.23 26.49
N CYS C 88 -37.33 -8.96 26.10
CA CYS C 88 -36.67 -8.51 24.88
C CYS C 88 -35.32 -7.94 25.24
N GLN C 89 -34.26 -8.55 24.72
CA GLN C 89 -32.89 -8.18 25.05
C GLN C 89 -32.34 -7.22 24.02
N ASN C 90 -31.69 -6.16 24.49
CA ASN C 90 -30.89 -5.33 23.61
C ASN C 90 -29.69 -6.15 23.13
N VAL C 91 -29.38 -6.03 21.84
CA VAL C 91 -28.40 -6.88 21.20
C VAL C 91 -27.39 -6.08 20.39
N LEU C 92 -27.68 -4.81 20.09
CA LEU C 92 -26.81 -4.01 19.23
C LEU C 92 -25.56 -3.54 19.98
N SER C 93 -25.74 -2.73 21.02
CA SER C 93 -24.64 -2.06 21.70
C SER C 93 -24.14 -2.90 22.86
N THR C 94 -22.84 -2.79 23.13
CA THR C 94 -22.14 -3.76 23.98
C THR C 94 -22.79 -4.03 25.34
N PRO C 95 -23.35 -3.05 26.07
CA PRO C 95 -24.09 -3.42 27.29
C PRO C 95 -25.47 -3.95 26.93
N TRP C 96 -25.54 -5.24 26.61
CA TRP C 96 -26.76 -5.84 26.06
C TRP C 96 -27.82 -5.86 27.14
N THR C 97 -28.70 -4.86 27.14
CA THR C 97 -29.69 -4.73 28.19
C THR C 97 -30.93 -5.55 27.89
N PHE C 98 -31.77 -5.70 28.90
CA PHE C 98 -33.01 -6.46 28.79
C PHE C 98 -34.21 -5.53 28.94
N GLY C 99 -35.36 -6.00 28.46
CA GLY C 99 -36.60 -5.31 28.72
C GLY C 99 -37.09 -5.56 30.13
N GLY C 100 -38.13 -4.81 30.51
CA GLY C 100 -38.69 -4.97 31.84
C GLY C 100 -39.20 -6.38 32.07
N GLY C 101 -39.86 -6.96 31.07
CA GLY C 101 -40.41 -8.29 31.20
C GLY C 101 -41.91 -8.30 31.09
N THR C 102 -42.45 -9.27 30.35
CA THR C 102 -43.89 -9.41 30.18
C THR C 102 -44.33 -10.76 30.76
N ARG C 103 -45.14 -10.72 31.80
CA ARG C 103 -45.66 -11.92 32.43
C ARG C 103 -47.04 -12.22 31.84
N LEU C 104 -47.13 -13.30 31.07
CA LEU C 104 -48.38 -13.71 30.43
C LEU C 104 -49.01 -14.83 31.24
N GLU C 105 -50.27 -14.62 31.63
CA GLU C 105 -50.98 -15.61 32.43
C GLU C 105 -52.12 -16.25 31.63
N ILE D 1 8.67 -34.96 -4.84
CA ILE D 1 9.97 -34.73 -4.22
C ILE D 1 9.80 -34.23 -2.78
N LEU D 2 8.68 -33.55 -2.52
CA LEU D 2 8.37 -33.13 -1.17
C LEU D 2 7.76 -34.29 -0.39
N HIS D 3 8.27 -34.54 0.81
CA HIS D 3 7.75 -35.59 1.67
C HIS D 3 6.50 -35.07 2.35
N TYR D 4 5.37 -35.21 1.67
CA TYR D 4 4.13 -34.58 2.14
C TYR D 4 3.64 -35.21 3.45
N GLU D 5 3.88 -36.50 3.65
CA GLU D 5 3.49 -37.14 4.89
C GLU D 5 4.23 -36.52 6.08
N LYS D 6 5.56 -36.45 6.00
CA LYS D 6 6.34 -35.88 7.08
C LYS D 6 6.08 -34.40 7.25
N LEU D 7 5.86 -33.69 6.13
CA LEU D 7 5.53 -32.27 6.23
C LEU D 7 4.21 -32.06 6.94
N SER D 8 3.20 -32.88 6.63
CA SER D 8 1.93 -32.78 7.32
C SER D 8 2.06 -33.16 8.79
N LYS D 9 2.98 -34.06 9.11
CA LYS D 9 3.20 -34.41 10.51
C LYS D 9 3.71 -33.22 11.32
N ILE D 10 4.39 -32.27 10.67
CA ILE D 10 4.86 -31.08 11.37
C ILE D 10 4.02 -29.89 10.93
N GLY D 11 2.80 -30.15 10.49
CA GLY D 11 1.83 -29.11 10.24
C GLY D 11 1.83 -28.53 8.84
N LEU D 12 2.73 -28.96 7.97
CA LEU D 12 2.77 -28.46 6.60
C LEU D 12 1.81 -29.29 5.77
N VAL D 13 0.52 -28.97 5.89
CA VAL D 13 -0.53 -29.74 5.23
C VAL D 13 -0.51 -29.41 3.73
N LYS D 14 -0.49 -30.45 2.91
CA LYS D 14 -0.42 -30.26 1.46
C LYS D 14 -1.67 -29.54 0.96
N GLY D 15 -1.46 -28.37 0.37
CA GLY D 15 -2.53 -27.57 -0.16
C GLY D 15 -2.73 -27.79 -1.64
N VAL D 16 -3.25 -26.76 -2.31
CA VAL D 16 -3.57 -26.85 -3.73
C VAL D 16 -2.27 -26.76 -4.54
N THR D 17 -2.04 -27.75 -5.39
CA THR D 17 -0.91 -27.70 -6.30
C THR D 17 -1.27 -26.83 -7.50
N ARG D 18 -0.44 -25.84 -7.76
CA ARG D 18 -0.71 -24.86 -8.80
C ARG D 18 0.37 -24.89 -9.87
N LYS D 19 -0.05 -24.69 -11.11
CA LYS D 19 0.87 -24.61 -12.23
C LYS D 19 1.43 -23.19 -12.35
N TYR D 20 2.63 -23.10 -12.90
CA TYR D 20 3.41 -21.87 -12.86
C TYR D 20 3.34 -21.18 -14.24
N LYS D 21 2.76 -19.98 -14.27
CA LYS D 21 2.55 -19.23 -15.49
C LYS D 21 3.28 -17.89 -15.40
N ILE D 22 3.94 -17.51 -16.49
CA ILE D 22 4.65 -16.24 -16.60
C ILE D 22 4.26 -15.59 -17.92
N LYS D 23 4.11 -14.27 -17.91
CA LYS D 23 3.75 -13.54 -19.12
C LYS D 23 4.78 -13.76 -20.22
N SER D 24 4.30 -13.82 -21.46
CA SER D 24 5.18 -13.97 -22.60
C SER D 24 4.44 -13.47 -23.84
N ASN D 25 5.23 -13.18 -24.88
CA ASN D 25 4.71 -12.81 -26.19
C ASN D 25 3.74 -11.63 -26.13
N PRO D 26 4.22 -10.44 -25.76
CA PRO D 26 3.31 -9.29 -25.60
C PRO D 26 2.80 -8.78 -26.94
N LEU D 27 1.49 -8.67 -27.05
CA LEU D 27 0.87 -7.97 -28.17
C LEU D 27 0.86 -6.48 -27.88
N THR D 28 1.45 -5.69 -28.75
CA THR D 28 1.65 -4.27 -28.50
C THR D 28 0.57 -3.45 -29.18
N LYS D 29 -0.12 -2.64 -28.39
CA LYS D 29 -1.11 -1.69 -28.90
C LYS D 29 -0.77 -0.31 -28.37
N ASP D 30 -0.80 0.68 -29.27
CA ASP D 30 -0.46 2.06 -28.92
C ASP D 30 -1.75 2.87 -28.82
N ILE D 31 -1.90 3.57 -27.71
CA ILE D 31 -3.07 4.41 -27.45
C ILE D 31 -2.59 5.79 -27.05
N VAL D 32 -3.42 6.79 -27.34
CA VAL D 32 -3.13 8.18 -26.99
C VAL D 32 -3.98 8.54 -25.77
N ILE D 33 -3.33 9.02 -24.72
CA ILE D 33 -4.01 9.53 -23.55
C ILE D 33 -3.75 11.03 -23.51
N LYS D 34 -4.75 11.82 -23.89
CA LYS D 34 -4.63 13.27 -23.85
C LYS D 34 -4.94 13.73 -22.42
N MET D 35 -3.90 14.16 -21.71
CA MET D 35 -4.04 14.55 -20.32
C MET D 35 -4.73 15.90 -20.13
N ILE D 36 -5.19 16.52 -21.22
CA ILE D 36 -5.84 17.83 -21.12
C ILE D 36 -7.22 17.76 -21.77
N PRO D 37 -8.28 18.15 -21.08
CA PRO D 37 -9.62 18.14 -21.68
C PRO D 37 -9.80 19.26 -22.70
N ASN D 38 -10.73 19.03 -23.61
CA ASN D 38 -11.10 20.00 -24.62
C ASN D 38 -12.22 20.88 -24.05
N VAL D 39 -11.90 22.12 -23.75
CA VAL D 39 -12.86 23.04 -23.14
C VAL D 39 -13.41 24.03 -24.17
N SER D 40 -13.35 23.70 -25.46
CA SER D 40 -13.85 24.58 -26.50
C SER D 40 -15.34 24.83 -26.41
N ASN D 41 -16.11 23.87 -25.88
CA ASN D 41 -17.54 24.05 -25.72
C ASN D 41 -17.90 24.95 -24.55
N MET D 42 -16.95 25.25 -23.66
CA MET D 42 -17.17 26.11 -22.51
C MET D 42 -16.04 27.13 -22.36
N SER D 43 -15.35 27.43 -23.46
CA SER D 43 -14.21 28.34 -23.41
C SER D 43 -14.62 29.78 -23.10
N GLN D 44 -15.92 30.08 -23.11
CA GLN D 44 -16.37 31.45 -22.95
C GLN D 44 -15.97 32.02 -21.58
N CYS D 45 -15.94 31.20 -20.54
CA CYS D 45 -15.57 31.67 -19.21
C CYS D 45 -14.63 30.67 -18.55
N THR D 46 -13.67 30.17 -19.33
CA THR D 46 -12.65 29.27 -18.80
C THR D 46 -11.66 30.01 -17.90
N GLY D 47 -11.36 31.26 -18.22
CA GLY D 47 -10.39 32.00 -17.44
C GLY D 47 -8.98 31.53 -17.67
N SER D 48 -8.13 31.69 -16.66
CA SER D 48 -6.74 31.29 -16.71
C SER D 48 -6.53 29.89 -16.13
N VAL D 49 -7.61 29.14 -15.94
CA VAL D 49 -7.52 27.81 -15.33
C VAL D 49 -6.74 26.87 -16.25
N MET D 50 -7.04 26.88 -17.54
CA MET D 50 -6.35 25.98 -18.46
C MET D 50 -4.88 26.33 -18.61
N GLU D 51 -4.54 27.62 -18.56
CA GLU D 51 -3.13 28.01 -18.66
C GLU D 51 -2.33 27.50 -17.46
N ASN D 52 -2.88 27.68 -16.26
CA ASN D 52 -2.21 27.17 -15.05
C ASN D 52 -2.12 25.65 -15.09
N TYR D 53 -3.18 24.99 -15.55
CA TYR D 53 -3.15 23.53 -15.68
C TYR D 53 -2.09 23.09 -16.68
N LYS D 54 -1.97 23.80 -17.80
CA LYS D 54 -0.94 23.48 -18.78
C LYS D 54 0.45 23.66 -18.20
N THR D 55 0.65 24.73 -17.42
CA THR D 55 1.95 24.92 -16.78
C THR D 55 2.29 23.78 -15.84
N ARG D 56 1.32 23.39 -14.99
CA ARG D 56 1.56 22.31 -14.04
C ARG D 56 1.80 20.98 -14.76
N LEU D 57 0.99 20.69 -15.78
CA LEU D 57 1.11 19.43 -16.52
C LEU D 57 2.41 19.39 -17.31
N ASN D 58 2.83 20.52 -17.87
CA ASN D 58 4.13 20.58 -18.54
C ASN D 58 5.26 20.33 -17.56
N GLY D 59 5.17 20.91 -16.36
CA GLY D 59 6.17 20.64 -15.35
C GLY D 59 6.22 19.17 -14.96
N ILE D 60 5.07 18.52 -14.93
CA ILE D 60 5.03 17.09 -14.60
C ILE D 60 5.61 16.25 -15.75
N LEU D 61 5.26 16.59 -16.99
CA LEU D 61 5.57 15.75 -18.13
C LEU D 61 6.99 15.96 -18.66
N THR D 62 7.58 17.14 -18.40
CA THR D 62 8.92 17.41 -18.93
C THR D 62 9.98 16.42 -18.47
N PRO D 63 10.06 16.02 -17.20
CA PRO D 63 11.02 14.97 -16.84
C PRO D 63 10.80 13.67 -17.58
N ILE D 64 9.54 13.30 -17.81
CA ILE D 64 9.25 12.07 -18.54
C ILE D 64 9.75 12.17 -19.98
N LYS D 65 9.46 13.31 -20.63
CA LYS D 65 9.90 13.49 -22.01
C LYS D 65 11.43 13.55 -22.10
N GLY D 66 12.08 14.16 -21.12
CA GLY D 66 13.53 14.19 -21.12
C GLY D 66 14.14 12.81 -20.94
N ALA D 67 13.58 12.01 -20.01
CA ALA D 67 14.08 10.66 -19.83
C ALA D 67 13.85 9.80 -21.05
N LEU D 68 12.73 10.03 -21.76
CA LEU D 68 12.50 9.33 -23.01
C LEU D 68 13.49 9.77 -24.07
N GLU D 69 13.69 11.08 -24.23
CA GLU D 69 14.60 11.61 -25.23
C GLU D 69 16.04 11.21 -24.97
N ILE D 70 16.38 10.84 -23.73
CA ILE D 70 17.70 10.28 -23.46
C ILE D 70 17.94 9.06 -24.34
N TYR D 71 16.91 8.23 -24.51
CA TYR D 71 17.03 7.03 -25.32
C TYR D 71 16.65 7.28 -26.78
N LYS D 72 15.71 8.19 -27.02
CA LYS D 72 15.31 8.50 -28.39
C LYS D 72 16.43 9.17 -29.18
N ASN D 73 17.34 9.87 -28.51
CA ASN D 73 18.44 10.55 -29.16
C ASN D 73 19.71 9.72 -29.20
N ASN D 74 19.77 8.60 -28.48
CA ASN D 74 20.93 7.73 -28.45
C ASN D 74 20.63 6.36 -29.03
N THR D 75 19.52 6.20 -29.74
CA THR D 75 19.15 4.94 -30.35
C THR D 75 18.82 5.20 -31.82
N HIS D 76 19.40 4.39 -32.70
CA HIS D 76 19.14 4.50 -34.13
C HIS D 76 19.32 3.13 -34.76
N ASP D 77 18.77 2.99 -35.97
CA ASP D 77 18.86 1.72 -36.69
C ASP D 77 20.30 1.45 -37.13
N LEU D 78 20.60 0.18 -37.36
CA LEU D 78 21.94 -0.24 -37.72
C LEU D 78 22.33 0.26 -39.10
N GLY D 86 18.25 -4.82 -36.32
CA GLY D 86 19.40 -3.93 -36.31
C GLY D 86 19.12 -2.59 -35.65
N VAL D 87 19.10 -2.58 -34.32
CA VAL D 87 18.86 -1.38 -33.54
C VAL D 87 20.01 -1.21 -32.57
N ILE D 88 20.78 -0.14 -32.74
CA ILE D 88 21.99 0.09 -31.95
C ILE D 88 21.74 1.25 -30.99
N MET D 89 22.35 1.16 -29.80
CA MET D 89 22.17 2.15 -28.75
C MET D 89 23.52 2.73 -28.36
N ALA D 90 23.57 4.06 -28.25
CA ALA D 90 24.80 4.76 -27.88
C ALA D 90 25.06 4.60 -26.39
N GLY D 91 25.86 3.59 -26.02
CA GLY D 91 26.12 3.34 -24.61
C GLY D 91 26.85 4.48 -23.92
N VAL D 92 27.75 5.16 -24.64
CA VAL D 92 28.45 6.30 -24.06
C VAL D 92 27.46 7.41 -23.74
N ALA D 93 26.56 7.72 -24.68
CA ALA D 93 25.58 8.77 -24.43
C ALA D 93 24.56 8.36 -23.37
N ILE D 94 24.15 7.09 -23.36
CA ILE D 94 23.32 6.60 -22.26
C ILE D 94 24.11 6.61 -20.96
N GLY D 95 25.37 6.16 -21.01
CA GLY D 95 26.24 6.23 -19.86
C GLY D 95 26.00 5.12 -18.85
N ILE D 96 24.89 5.23 -18.13
CA ILE D 96 24.54 4.27 -17.08
C ILE D 96 23.12 3.78 -17.34
N ALA D 97 22.96 2.46 -17.40
CA ALA D 97 21.64 1.87 -17.62
C ALA D 97 21.69 0.41 -17.18
N THR D 98 20.52 -0.09 -16.78
CA THR D 98 20.35 -1.50 -16.49
C THR D 98 19.93 -2.25 -17.75
N ALA D 99 20.05 -3.58 -17.70
CA ALA D 99 19.64 -4.40 -18.84
C ALA D 99 18.17 -4.20 -19.16
N ALA D 100 17.33 -4.18 -18.13
CA ALA D 100 15.91 -3.95 -18.35
C ALA D 100 15.66 -2.60 -19.01
N GLN D 101 16.38 -1.57 -18.56
CA GLN D 101 16.19 -0.23 -19.12
C GLN D 101 16.71 -0.16 -20.56
N ILE D 102 17.77 -0.90 -20.87
CA ILE D 102 18.29 -0.91 -22.24
C ILE D 102 17.31 -1.61 -23.18
N THR D 103 16.80 -2.78 -22.78
CA THR D 103 15.79 -3.43 -23.61
C THR D 103 14.52 -2.60 -23.72
N ALA D 104 14.16 -1.88 -22.66
CA ALA D 104 13.02 -0.98 -22.72
C ALA D 104 13.28 0.19 -23.67
N GLY D 105 14.51 0.68 -23.74
CA GLY D 105 14.85 1.68 -24.73
C GLY D 105 14.77 1.15 -26.14
N VAL D 106 15.17 -0.11 -26.35
CA VAL D 106 14.98 -0.75 -27.66
C VAL D 106 13.51 -0.80 -28.01
N ALA D 107 12.67 -1.21 -27.05
CA ALA D 107 11.23 -1.28 -27.28
C ALA D 107 10.66 0.11 -27.57
N LEU D 108 11.17 1.13 -26.88
CA LEU D 108 10.74 2.50 -27.13
C LEU D 108 11.10 2.94 -28.54
N TYR D 109 12.30 2.57 -29.01
CA TYR D 109 12.70 2.92 -30.36
C TYR D 109 11.81 2.22 -31.39
N GLU D 110 11.54 0.93 -31.20
CA GLU D 110 10.67 0.21 -32.13
C GLU D 110 9.26 0.79 -32.16
N ALA D 111 8.83 1.41 -31.07
CA ALA D 111 7.52 2.05 -31.01
C ALA D 111 7.52 3.47 -31.56
N MET D 112 8.68 3.98 -31.98
CA MET D 112 8.76 5.35 -32.47
C MET D 112 8.16 5.52 -33.87
N LYS D 113 8.15 4.47 -34.69
CA LYS D 113 7.52 4.57 -36.00
C LYS D 113 6.02 4.80 -35.87
N ASN D 114 5.34 3.96 -35.09
CA ASN D 114 3.92 4.17 -34.84
C ASN D 114 3.68 5.46 -34.07
N ALA D 115 4.63 5.85 -33.22
CA ALA D 115 4.50 7.12 -32.50
C ALA D 115 4.49 8.29 -33.47
N ASP D 116 5.38 8.28 -34.48
CA ASP D 116 5.39 9.33 -35.48
C ASP D 116 4.12 9.29 -36.34
N ASN D 117 3.67 8.09 -36.69
CA ASN D 117 2.44 7.96 -37.46
C ASN D 117 1.26 8.57 -36.70
N ILE D 118 1.22 8.36 -35.38
CA ILE D 118 0.16 8.95 -34.56
C ILE D 118 0.33 10.45 -34.45
N ASN D 119 1.57 10.91 -34.21
CA ASN D 119 1.85 12.33 -34.05
C ASN D 119 1.56 13.11 -35.33
N LYS D 120 1.49 12.44 -36.47
CA LYS D 120 1.00 13.09 -37.68
C LYS D 120 -0.44 13.56 -37.52
N LEU D 121 -1.17 13.02 -36.54
CA LEU D 121 -2.53 13.46 -36.21
C LEU D 121 -2.56 14.33 -34.96
N LYS D 122 -1.56 15.19 -34.78
CA LYS D 122 -1.51 16.04 -33.59
C LYS D 122 -2.70 16.99 -33.54
N SER D 123 -3.05 17.58 -34.68
CA SER D 123 -4.20 18.49 -34.73
C SER D 123 -5.49 17.77 -34.40
N SER D 124 -5.67 16.55 -34.92
CA SER D 124 -6.88 15.79 -34.62
C SER D 124 -6.91 15.35 -33.16
N ILE D 125 -5.76 15.04 -32.57
CA ILE D 125 -5.72 14.71 -31.15
C ILE D 125 -6.12 15.92 -30.32
N GLU D 126 -5.67 17.11 -30.71
CA GLU D 126 -6.04 18.32 -29.98
C GLU D 126 -7.55 18.57 -30.04
N SER D 127 -8.18 18.34 -31.19
CA SER D 127 -9.59 18.62 -31.38
C SER D 127 -10.50 17.55 -30.81
N THR D 128 -9.95 16.53 -30.15
CA THR D 128 -10.74 15.46 -29.58
C THR D 128 -11.57 16.00 -28.42
N ASN D 129 -12.90 16.01 -28.58
CA ASN D 129 -13.82 16.56 -27.59
C ASN D 129 -14.67 15.48 -26.94
N GLU D 130 -14.24 14.23 -27.01
CA GLU D 130 -14.88 13.14 -26.30
C GLU D 130 -13.81 12.34 -25.56
N ALA D 131 -14.20 11.73 -24.45
CA ALA D 131 -13.22 11.02 -23.62
C ALA D 131 -12.59 9.85 -24.37
N VAL D 132 -13.31 9.27 -25.32
CA VAL D 132 -12.76 8.21 -26.18
C VAL D 132 -13.11 8.56 -27.62
N VAL D 133 -12.09 8.71 -28.46
CA VAL D 133 -12.26 9.05 -29.86
C VAL D 133 -11.30 8.20 -30.70
N LYS D 134 -11.81 7.63 -31.79
CA LYS D 134 -11.00 6.88 -32.74
C LYS D 134 -10.55 7.81 -33.85
N LEU D 135 -9.25 7.82 -34.13
CA LEU D 135 -8.67 8.67 -35.16
C LEU D 135 -8.07 7.82 -36.27
N GLN D 136 -8.24 8.25 -37.51
CA GLN D 136 -7.77 7.52 -38.68
C GLN D 136 -6.30 7.88 -38.93
N GLU D 137 -5.40 6.97 -38.57
CA GLU D 137 -3.97 7.22 -38.78
C GLU D 137 -3.65 7.30 -40.27
N THR D 138 -3.86 6.22 -41.01
CA THR D 138 -3.49 6.17 -42.42
C THR D 138 -4.58 5.47 -43.24
N ALA D 139 -5.84 5.71 -42.89
CA ALA D 139 -7.01 5.21 -43.62
C ALA D 139 -7.14 3.69 -43.52
N GLU D 140 -6.18 3.04 -42.87
CA GLU D 140 -6.24 1.62 -42.59
C GLU D 140 -5.78 1.26 -41.18
N LYS D 141 -5.07 2.15 -40.50
CA LYS D 141 -4.72 1.99 -39.09
C LYS D 141 -5.44 3.07 -38.31
N THR D 142 -5.95 2.72 -37.12
CA THR D 142 -6.68 3.65 -36.28
C THR D 142 -5.99 3.78 -34.92
N VAL D 143 -5.97 5.00 -34.40
CA VAL D 143 -5.46 5.27 -33.07
C VAL D 143 -6.59 5.81 -32.22
N TYR D 144 -6.53 5.53 -30.92
CA TYR D 144 -7.56 5.92 -29.99
C TYR D 144 -7.02 6.97 -29.03
N VAL D 145 -7.81 8.02 -28.79
CA VAL D 145 -7.44 9.11 -27.90
C VAL D 145 -8.31 9.00 -26.66
N LEU D 146 -7.66 8.85 -25.51
CA LEU D 146 -8.32 8.88 -24.21
C LEU D 146 -8.07 10.25 -23.58
N THR D 147 -9.08 11.10 -23.58
CA THR D 147 -8.96 12.45 -23.05
C THR D 147 -9.37 12.44 -21.58
N ALA D 148 -8.42 12.74 -20.70
CA ALA D 148 -8.72 12.84 -19.29
C ALA D 148 -9.67 13.99 -19.02
N LEU D 149 -10.66 13.75 -18.16
CA LEU D 149 -11.64 14.71 -17.68
C LEU D 149 -12.60 15.19 -18.77
N GLN D 150 -12.43 14.75 -20.02
CA GLN D 150 -13.37 15.16 -21.06
C GLN D 150 -14.78 14.66 -20.76
N ASP D 151 -14.89 13.46 -20.19
CA ASP D 151 -16.19 12.96 -19.75
C ASP D 151 -16.81 13.90 -18.73
N TYR D 152 -16.03 14.33 -17.74
CA TYR D 152 -16.55 15.26 -16.74
C TYR D 152 -16.96 16.58 -17.38
N ILE D 153 -16.12 17.12 -18.27
CA ILE D 153 -16.47 18.36 -18.96
C ILE D 153 -17.82 18.22 -19.65
N ASN D 154 -17.92 17.26 -20.58
CA ASN D 154 -19.11 17.14 -21.42
C ASN D 154 -20.34 16.74 -20.63
N THR D 155 -20.18 16.04 -19.51
CA THR D 155 -21.33 15.51 -18.78
C THR D 155 -21.80 16.44 -17.67
N ASN D 156 -20.92 17.24 -17.08
CA ASN D 156 -21.26 18.08 -15.95
C ASN D 156 -21.16 19.56 -16.25
N LEU D 157 -20.08 20.00 -16.91
CA LEU D 157 -19.81 21.44 -16.98
C LEU D 157 -20.50 22.07 -18.19
N VAL D 158 -20.38 21.45 -19.36
CA VAL D 158 -21.04 21.99 -20.55
C VAL D 158 -22.56 22.03 -20.38
N PRO D 159 -23.24 20.99 -19.89
CA PRO D 159 -24.71 21.10 -19.75
C PRO D 159 -25.15 22.14 -18.75
N THR D 160 -24.28 22.59 -17.85
CA THR D 160 -24.63 23.55 -16.80
C THR D 160 -23.89 24.88 -16.95
N ILE D 161 -23.75 25.39 -18.17
CA ILE D 161 -23.07 26.68 -18.35
C ILE D 161 -23.91 27.81 -17.77
N ASP D 162 -25.19 27.85 -18.09
CA ASP D 162 -26.05 28.94 -17.64
C ASP D 162 -26.79 28.63 -16.34
N LYS D 163 -26.74 27.39 -15.87
CA LYS D 163 -27.42 27.05 -14.63
C LYS D 163 -26.64 27.57 -13.42
N ILE D 164 -25.32 27.50 -13.48
CA ILE D 164 -24.45 28.12 -12.49
C ILE D 164 -23.72 29.26 -13.17
N SER D 165 -23.27 30.23 -12.37
CA SER D 165 -22.49 31.33 -12.93
C SER D 165 -21.19 30.79 -13.51
N CYS D 166 -20.73 31.43 -14.59
CA CYS D 166 -19.57 30.91 -15.31
C CYS D 166 -18.32 30.87 -14.43
N LYS D 167 -18.26 31.71 -13.39
CA LYS D 167 -17.18 31.61 -12.42
C LYS D 167 -17.24 30.27 -11.69
N GLN D 168 -18.45 29.80 -11.37
CA GLN D 168 -18.59 28.48 -10.76
C GLN D 168 -18.12 27.38 -11.70
N THR D 169 -18.44 27.50 -13.00
CA THR D 169 -17.93 26.55 -13.98
C THR D 169 -16.41 26.58 -14.04
N GLU D 170 -15.83 27.77 -14.01
CA GLU D 170 -14.37 27.91 -13.98
C GLU D 170 -13.78 27.23 -12.76
N LEU D 171 -14.36 27.46 -11.59
CA LEU D 171 -13.83 26.87 -10.36
C LEU D 171 -13.98 25.36 -10.36
N SER D 172 -15.11 24.86 -10.87
CA SER D 172 -15.30 23.41 -10.95
C SER D 172 -14.31 22.78 -11.92
N LEU D 173 -14.06 23.43 -13.04
CA LEU D 173 -13.05 22.95 -13.98
C LEU D 173 -11.67 22.92 -13.33
N ASP D 174 -11.33 23.98 -12.60
CA ASP D 174 -10.03 24.02 -11.92
C ASP D 174 -9.93 22.90 -10.89
N LEU D 175 -10.99 22.67 -10.14
CA LEU D 175 -10.99 21.61 -9.13
C LEU D 175 -10.86 20.24 -9.78
N ALA D 176 -11.56 20.01 -10.88
CA ALA D 176 -11.44 18.74 -11.59
C ALA D 176 -10.03 18.52 -12.11
N LEU D 177 -9.44 19.56 -12.71
CA LEU D 177 -8.07 19.44 -13.21
C LEU D 177 -7.09 19.18 -12.08
N SER D 178 -7.27 19.85 -10.94
CA SER D 178 -6.36 19.66 -9.82
C SER D 178 -6.53 18.30 -9.17
N LYS D 179 -7.76 17.79 -9.10
CA LYS D 179 -7.97 16.43 -8.62
C LYS D 179 -7.32 15.42 -9.54
N TYR D 180 -7.44 15.63 -10.85
CA TYR D 180 -6.77 14.77 -11.81
C TYR D 180 -5.27 14.81 -11.62
N LEU D 181 -4.70 16.00 -11.42
CA LEU D 181 -3.27 16.11 -11.18
C LEU D 181 -2.86 15.44 -9.87
N SER D 182 -3.68 15.57 -8.84
CA SER D 182 -3.38 14.94 -7.55
C SER D 182 -3.32 13.43 -7.69
N ASP D 183 -4.30 12.85 -8.39
CA ASP D 183 -4.25 11.41 -8.67
C ASP D 183 -3.09 11.07 -9.59
N LEU D 184 -2.74 11.98 -10.49
CA LEU D 184 -1.67 11.74 -11.46
C LEU D 184 -0.31 11.65 -10.78
N LEU D 185 -0.05 12.51 -9.81
CA LEU D 185 1.31 12.73 -9.34
C LEU D 185 1.91 11.51 -8.67
N PHE D 186 1.07 10.63 -8.10
CA PHE D 186 1.61 9.40 -7.50
C PHE D 186 2.22 8.50 -8.56
N VAL D 187 1.83 8.67 -9.81
CA VAL D 187 2.21 7.76 -10.88
C VAL D 187 3.16 8.42 -11.87
N PHE D 188 2.77 9.57 -12.43
CA PHE D 188 3.54 10.26 -13.44
C PHE D 188 4.40 11.38 -12.86
N GLY D 189 4.52 11.45 -11.54
CA GLY D 189 5.32 12.46 -10.91
C GLY D 189 6.77 12.04 -10.77
N PRO D 190 7.46 12.61 -9.78
CA PRO D 190 8.87 12.24 -9.56
C PRO D 190 9.08 10.77 -9.23
N ASN D 191 8.03 10.01 -8.88
CA ASN D 191 8.19 8.57 -8.76
C ASN D 191 8.55 7.94 -10.10
N LEU D 192 8.07 8.52 -11.19
CA LEU D 192 8.34 8.02 -12.54
C LEU D 192 9.72 8.54 -13.01
N GLN D 193 10.76 7.93 -12.44
CA GLN D 193 12.12 8.24 -12.85
C GLN D 193 12.63 7.38 -13.98
N ASP D 194 11.94 6.28 -14.29
CA ASP D 194 12.29 5.41 -15.40
C ASP D 194 11.05 5.16 -16.24
N PRO D 195 10.58 6.18 -16.98
CA PRO D 195 9.46 5.95 -17.91
C PRO D 195 9.84 5.05 -19.07
N VAL D 196 11.14 4.86 -19.31
CA VAL D 196 11.57 4.02 -20.41
C VAL D 196 11.13 2.57 -20.18
N SER D 197 11.23 2.09 -18.94
CA SER D 197 10.89 0.70 -18.64
C SER D 197 9.45 0.38 -19.01
N ASN D 198 9.27 -0.72 -19.72
CA ASN D 198 7.94 -1.28 -19.99
C ASN D 198 7.56 -2.34 -18.97
N SER D 199 7.69 -2.00 -17.69
CA SER D 199 7.24 -2.84 -16.60
C SER D 199 6.14 -2.17 -15.79
N MET D 200 5.85 -0.91 -16.05
CA MET D 200 4.79 -0.17 -15.37
C MET D 200 3.44 -0.65 -15.86
N THR D 201 2.55 -0.99 -14.93
CA THR D 201 1.29 -1.63 -15.27
C THR D 201 0.35 -0.66 -15.97
N ILE D 202 -0.58 -1.22 -16.74
CA ILE D 202 -1.59 -0.42 -17.40
C ILE D 202 -2.53 0.22 -16.40
N GLN D 203 -2.69 -0.37 -15.22
CA GLN D 203 -3.47 0.27 -14.16
C GLN D 203 -2.81 1.57 -13.71
N ALA D 204 -1.47 1.57 -13.57
CA ALA D 204 -0.76 2.81 -13.27
C ALA D 204 -0.84 3.78 -14.45
N ILE D 205 -0.71 3.28 -15.67
CA ILE D 205 -0.79 4.13 -16.85
C ILE D 205 -2.14 4.83 -16.92
N SER D 206 -3.20 4.13 -16.52
CA SER D 206 -4.56 4.65 -16.63
C SER D 206 -4.83 5.83 -15.72
N GLN D 207 -3.96 6.11 -14.76
CA GLN D 207 -4.11 7.33 -13.97
C GLN D 207 -4.08 8.55 -14.86
N ALA D 208 -3.40 8.46 -16.01
CA ALA D 208 -3.48 9.51 -17.03
C ALA D 208 -4.89 9.64 -17.59
N PHE D 209 -5.69 8.58 -17.51
CA PHE D 209 -7.09 8.61 -17.91
C PHE D 209 -8.03 8.58 -16.71
N GLY D 210 -7.52 8.91 -15.52
CA GLY D 210 -8.32 8.87 -14.31
C GLY D 210 -8.41 7.52 -13.66
N GLY D 211 -7.45 6.62 -13.92
CA GLY D 211 -7.48 5.29 -13.37
C GLY D 211 -8.43 4.34 -14.04
N ASN D 212 -9.05 4.75 -15.15
CA ASN D 212 -10.04 3.94 -15.86
C ASN D 212 -9.33 3.07 -16.90
N TYR D 213 -8.64 2.05 -16.41
CA TYR D 213 -7.97 1.12 -17.32
C TYR D 213 -8.94 0.18 -18.02
N GLU D 214 -10.15 0.00 -17.47
CA GLU D 214 -11.15 -0.82 -18.14
C GLU D 214 -11.51 -0.23 -19.50
N THR D 215 -11.77 1.08 -19.54
CA THR D 215 -12.05 1.74 -20.81
C THR D 215 -10.87 1.61 -21.77
N LEU D 216 -9.65 1.84 -21.27
CA LEU D 216 -8.46 1.76 -22.11
C LEU D 216 -8.35 0.39 -22.75
N LEU D 217 -8.45 -0.67 -21.94
CA LEU D 217 -8.21 -2.01 -22.46
C LEU D 217 -9.35 -2.46 -23.38
N ARG D 218 -10.60 -2.18 -23.00
CA ARG D 218 -11.70 -2.56 -23.90
C ARG D 218 -11.67 -1.77 -25.19
N THR D 219 -11.15 -0.54 -25.15
CA THR D 219 -11.06 0.27 -26.36
C THR D 219 -9.95 -0.24 -27.27
N LEU D 220 -8.81 -0.60 -26.69
CA LEU D 220 -7.75 -1.22 -27.48
C LEU D 220 -8.16 -2.60 -27.97
N GLY D 221 -8.86 -3.37 -27.13
CA GLY D 221 -9.20 -4.73 -27.47
C GLY D 221 -8.18 -5.71 -26.97
N TYR D 222 -8.61 -6.90 -26.56
CA TYR D 222 -7.70 -7.87 -25.97
C TYR D 222 -8.28 -9.27 -26.12
N ALA D 223 -7.42 -10.25 -25.92
CA ALA D 223 -7.88 -11.62 -25.79
C ALA D 223 -8.50 -11.82 -24.42
N THR D 224 -9.77 -12.20 -24.39
CA THR D 224 -10.46 -12.41 -23.11
C THR D 224 -9.87 -13.56 -22.32
N GLU D 225 -9.10 -14.44 -22.96
CA GLU D 225 -8.47 -15.54 -22.25
C GLU D 225 -7.40 -15.02 -21.31
N ASP D 226 -7.57 -15.32 -20.02
CA ASP D 226 -6.61 -14.95 -18.97
C ASP D 226 -6.44 -13.44 -18.84
N PHE D 227 -7.41 -12.66 -19.32
CA PHE D 227 -7.26 -11.20 -19.32
C PHE D 227 -7.20 -10.65 -17.89
N ASP D 228 -8.14 -11.04 -17.04
CA ASP D 228 -8.13 -10.59 -15.66
C ASP D 228 -6.90 -11.10 -14.91
N ASP D 229 -6.50 -12.34 -15.20
CA ASP D 229 -5.29 -12.89 -14.59
C ASP D 229 -4.05 -12.10 -15.01
N LEU D 230 -3.97 -11.70 -16.28
CA LEU D 230 -2.86 -10.89 -16.73
C LEU D 230 -2.91 -9.49 -16.13
N LEU D 231 -4.11 -8.94 -15.90
CA LEU D 231 -4.23 -7.67 -15.22
C LEU D 231 -3.70 -7.73 -13.80
N GLU D 232 -4.18 -8.71 -13.01
CA GLU D 232 -3.86 -8.71 -11.59
C GLU D 232 -2.49 -9.30 -11.30
N SER D 233 -1.84 -9.91 -12.28
CA SER D 233 -0.46 -10.34 -12.15
C SER D 233 0.52 -9.25 -12.57
N ASP D 234 0.01 -8.05 -12.87
CA ASP D 234 0.83 -6.93 -13.34
C ASP D 234 1.59 -7.32 -14.62
N SER D 235 0.89 -8.03 -15.50
CA SER D 235 1.47 -8.47 -16.77
C SER D 235 1.06 -7.59 -17.94
N ILE D 236 -0.11 -6.97 -17.89
CA ILE D 236 -0.50 -6.03 -18.93
C ILE D 236 0.13 -4.69 -18.59
N THR D 237 1.36 -4.49 -19.07
CA THR D 237 2.13 -3.30 -18.75
C THR D 237 2.01 -2.28 -19.87
N GLY D 238 2.31 -1.04 -19.52
CA GLY D 238 2.32 0.05 -20.48
C GLY D 238 3.63 0.79 -20.45
N GLN D 239 4.05 1.27 -21.61
CA GLN D 239 5.26 2.06 -21.75
C GLN D 239 4.91 3.38 -22.43
N ILE D 240 5.27 4.49 -21.79
CA ILE D 240 5.08 5.78 -22.43
C ILE D 240 6.07 5.88 -23.58
N ILE D 241 5.55 6.07 -24.79
CA ILE D 241 6.36 6.10 -25.99
C ILE D 241 6.64 7.52 -26.44
N TYR D 242 5.65 8.40 -26.35
CA TYR D 242 5.79 9.78 -26.77
C TYR D 242 5.10 10.68 -25.77
N VAL D 243 5.77 11.78 -25.42
CA VAL D 243 5.19 12.81 -24.57
C VAL D 243 5.17 14.11 -25.36
N ASP D 244 3.99 14.71 -25.46
CA ASP D 244 3.82 16.00 -26.12
C ASP D 244 3.68 17.08 -25.05
N LEU D 245 4.54 18.08 -25.11
CA LEU D 245 4.50 19.19 -24.18
C LEU D 245 3.72 20.38 -24.72
N SER D 246 3.20 20.29 -25.95
CA SER D 246 2.37 21.34 -26.54
C SER D 246 0.90 20.98 -26.57
N SER D 247 0.55 19.77 -26.99
CA SER D 247 -0.82 19.29 -26.94
C SER D 247 -1.11 18.50 -25.66
N TYR D 248 -0.09 18.24 -24.85
CA TYR D 248 -0.24 17.61 -23.54
C TYR D 248 -0.97 16.26 -23.64
N TYR D 249 -0.40 15.38 -24.45
CA TYR D 249 -0.88 14.01 -24.56
C TYR D 249 0.32 13.07 -24.55
N ILE D 250 0.08 11.84 -24.13
CA ILE D 250 1.10 10.81 -24.14
C ILE D 250 0.63 9.69 -25.06
N ILE D 251 1.60 9.03 -25.70
CA ILE D 251 1.36 7.81 -26.45
C ILE D 251 1.90 6.66 -25.63
N VAL D 252 1.03 5.73 -25.26
CA VAL D 252 1.40 4.58 -24.45
C VAL D 252 1.26 3.33 -25.30
N ARG D 253 2.33 2.56 -25.39
CA ARG D 253 2.28 1.23 -25.98
C ARG D 253 1.90 0.24 -24.88
N VAL D 254 0.73 -0.37 -25.02
CA VAL D 254 0.21 -1.30 -24.03
C VAL D 254 0.57 -2.71 -24.46
N TYR D 255 1.28 -3.43 -23.60
CA TYR D 255 1.74 -4.77 -23.90
C TYR D 255 0.70 -5.77 -23.42
N PHE D 256 0.11 -6.52 -24.36
CA PHE D 256 -0.87 -7.55 -24.05
C PHE D 256 -0.21 -8.91 -24.22
N PRO D 257 0.38 -9.46 -23.16
CA PRO D 257 1.04 -10.77 -23.28
C PRO D 257 0.02 -11.90 -23.16
N ILE D 258 0.53 -13.10 -23.36
CA ILE D 258 -0.22 -14.32 -23.09
C ILE D 258 0.43 -15.00 -21.89
N LEU D 259 -0.22 -16.05 -21.42
CA LEU D 259 0.29 -16.83 -20.30
C LEU D 259 0.85 -18.15 -20.82
N THR D 260 2.10 -18.43 -20.49
CA THR D 260 2.76 -19.66 -20.88
C THR D 260 3.08 -20.48 -19.64
N GLU D 261 2.71 -21.75 -19.66
CA GLU D 261 3.05 -22.64 -18.56
C GLU D 261 4.53 -22.96 -18.56
N ILE D 262 5.16 -22.74 -17.41
CA ILE D 262 6.59 -23.04 -17.28
C ILE D 262 6.78 -24.55 -17.26
N GLN D 263 7.74 -25.03 -18.05
CA GLN D 263 7.96 -26.46 -18.18
C GLN D 263 8.35 -27.09 -16.85
N GLN D 264 7.74 -28.24 -16.55
CA GLN D 264 8.11 -29.06 -15.40
C GLN D 264 8.09 -28.26 -14.10
N ALA D 265 7.23 -27.25 -14.03
CA ALA D 265 7.17 -26.35 -12.89
C ALA D 265 5.78 -26.37 -12.29
N TYR D 266 5.70 -26.68 -11.00
CA TYR D 266 4.46 -26.53 -10.25
C TYR D 266 4.80 -25.85 -8.93
N ILE D 267 3.85 -25.09 -8.41
CA ILE D 267 4.00 -24.42 -7.12
C ILE D 267 3.12 -25.13 -6.13
N GLN D 268 3.74 -25.75 -5.13
CA GLN D 268 3.04 -26.52 -4.12
C GLN D 268 2.75 -25.62 -2.93
N GLU D 269 1.46 -25.41 -2.64
CA GLU D 269 1.05 -24.71 -1.45
C GLU D 269 1.01 -25.67 -0.26
N LEU D 270 1.57 -25.23 0.86
CA LEU D 270 1.48 -25.96 2.11
C LEU D 270 0.62 -25.16 3.08
N LEU D 271 -0.44 -25.79 3.59
CA LEU D 271 -1.33 -25.13 4.53
C LEU D 271 -0.72 -25.19 5.92
N PRO D 272 -0.38 -24.06 6.54
CA PRO D 272 0.29 -24.10 7.85
C PRO D 272 -0.69 -24.45 8.95
N VAL D 273 -0.35 -25.49 9.72
CA VAL D 273 -1.18 -25.94 10.83
C VAL D 273 -0.29 -26.10 12.05
N SER D 274 -0.75 -25.57 13.19
CA SER D 274 -0.01 -25.70 14.43
C SER D 274 0.01 -27.16 14.87
N PHE D 275 1.07 -27.55 15.55
CA PHE D 275 1.21 -28.89 16.07
C PHE D 275 1.68 -28.84 17.52
N ASN D 276 1.73 -30.02 18.13
CA ASN D 276 2.09 -30.17 19.53
C ASN D 276 3.47 -30.79 19.66
N ASN D 277 4.30 -30.19 20.50
CA ASN D 277 5.56 -30.79 20.90
C ASN D 277 5.80 -30.40 22.35
N ASP D 278 6.31 -31.34 23.15
CA ASP D 278 6.42 -31.20 24.60
C ASP D 278 5.01 -30.93 25.12
N ASN D 279 4.73 -29.76 25.71
CA ASN D 279 3.38 -29.36 26.07
C ASN D 279 3.08 -27.99 25.52
N SER D 280 3.69 -27.67 24.37
CA SER D 280 3.55 -26.36 23.76
C SER D 280 3.05 -26.53 22.33
N GLU D 281 2.47 -25.45 21.81
CA GLU D 281 1.93 -25.44 20.46
C GLU D 281 2.94 -24.79 19.51
N TRP D 282 3.15 -25.43 18.38
CA TRP D 282 4.20 -25.03 17.45
C TRP D 282 3.68 -24.96 16.03
N ILE D 283 4.19 -24.01 15.27
CA ILE D 283 3.98 -23.97 13.83
C ILE D 283 5.35 -23.90 13.16
N SER D 284 5.53 -24.72 12.14
CA SER D 284 6.82 -24.83 11.48
C SER D 284 7.04 -23.66 10.52
N ILE D 285 8.26 -23.15 10.51
CA ILE D 285 8.62 -22.01 9.67
C ILE D 285 9.15 -22.60 8.36
N VAL D 286 8.23 -22.83 7.43
CA VAL D 286 8.52 -23.42 6.14
C VAL D 286 7.74 -22.60 5.12
N PRO D 287 8.28 -22.33 3.92
CA PRO D 287 7.53 -21.55 2.94
C PRO D 287 6.19 -22.20 2.62
N ASN D 288 5.15 -21.38 2.54
CA ASN D 288 3.80 -21.87 2.27
C ASN D 288 3.55 -22.07 0.79
N PHE D 289 4.50 -21.69 -0.07
CA PHE D 289 4.38 -21.86 -1.52
C PHE D 289 5.73 -22.34 -2.02
N ILE D 290 5.80 -23.61 -2.38
CA ILE D 290 7.05 -24.25 -2.80
C ILE D 290 7.06 -24.37 -4.31
N LEU D 291 8.05 -23.77 -4.95
CA LEU D 291 8.22 -23.89 -6.39
C LEU D 291 9.16 -25.05 -6.68
N VAL D 292 8.66 -26.06 -7.38
CA VAL D 292 9.46 -27.19 -7.84
C VAL D 292 9.52 -27.12 -9.36
N ARG D 293 10.72 -26.97 -9.90
CA ARG D 293 10.95 -26.81 -11.33
C ARG D 293 12.06 -27.75 -11.75
N ASN D 294 11.75 -28.63 -12.71
CA ASN D 294 12.71 -29.61 -13.21
C ASN D 294 13.31 -30.43 -12.08
N THR D 295 12.44 -30.83 -11.14
CA THR D 295 12.80 -31.61 -9.96
C THR D 295 13.78 -30.89 -9.04
N LEU D 296 13.84 -29.57 -9.11
CA LEU D 296 14.63 -28.75 -8.19
C LEU D 296 13.68 -27.90 -7.35
N ILE D 297 13.90 -27.91 -6.05
CA ILE D 297 13.04 -27.20 -5.10
C ILE D 297 13.63 -25.82 -4.83
N SER D 298 12.79 -24.80 -4.90
CA SER D 298 13.23 -23.43 -4.65
C SER D 298 12.07 -22.64 -4.08
N ASN D 299 12.40 -21.49 -3.48
CA ASN D 299 11.38 -20.57 -3.03
C ASN D 299 10.82 -19.80 -4.21
N ILE D 300 9.80 -18.99 -3.93
CA ILE D 300 9.24 -18.08 -4.93
C ILE D 300 8.67 -16.88 -4.21
N GLU D 301 9.00 -15.68 -4.71
CA GLU D 301 8.42 -14.45 -4.17
C GLU D 301 7.00 -14.33 -4.73
N ILE D 302 6.10 -15.12 -4.13
CA ILE D 302 4.74 -15.23 -4.66
C ILE D 302 3.88 -14.02 -4.32
N GLY D 303 4.37 -13.12 -3.46
CA GLY D 303 3.67 -11.87 -3.25
C GLY D 303 3.60 -10.99 -4.48
N PHE D 304 4.63 -11.06 -5.33
CA PHE D 304 4.62 -10.34 -6.60
C PHE D 304 3.74 -11.01 -7.65
N CYS D 305 3.28 -12.22 -7.39
CA CYS D 305 2.48 -12.98 -8.34
C CYS D 305 1.01 -12.95 -7.96
N LEU D 306 0.17 -13.32 -8.91
CA LEU D 306 -1.26 -13.47 -8.69
C LEU D 306 -1.55 -14.96 -8.49
N ILE D 307 -1.89 -15.34 -7.26
CA ILE D 307 -2.25 -16.70 -6.94
C ILE D 307 -3.70 -16.92 -7.39
N THR D 308 -3.91 -17.93 -8.21
CA THR D 308 -5.24 -18.32 -8.68
C THR D 308 -5.50 -19.74 -8.23
N LYS D 309 -6.77 -20.16 -8.28
CA LYS D 309 -7.14 -21.48 -7.78
C LYS D 309 -6.35 -22.60 -8.47
N ARG D 310 -6.04 -22.43 -9.75
CA ARG D 310 -5.35 -23.46 -10.52
C ARG D 310 -3.90 -23.13 -10.83
N SER D 311 -3.52 -21.86 -10.83
CA SER D 311 -2.19 -21.46 -11.26
C SER D 311 -1.71 -20.28 -10.44
N VAL D 312 -0.39 -20.14 -10.37
CA VAL D 312 0.25 -18.93 -9.86
C VAL D 312 0.79 -18.18 -11.06
N ILE D 313 0.30 -16.96 -11.27
CA ILE D 313 0.53 -16.21 -12.49
C ILE D 313 1.40 -15.01 -12.15
N CYS D 314 2.60 -14.97 -12.71
CA CYS D 314 3.56 -13.91 -12.46
C CYS D 314 3.88 -13.16 -13.75
N ASN D 315 4.41 -11.95 -13.59
CA ASN D 315 4.91 -11.19 -14.72
C ASN D 315 6.38 -11.49 -15.01
N GLN D 316 7.04 -12.28 -14.17
CA GLN D 316 8.41 -12.68 -14.39
C GLN D 316 8.67 -13.90 -13.51
N ASP D 317 9.82 -14.53 -13.73
CA ASP D 317 10.22 -15.66 -12.90
C ASP D 317 10.66 -15.12 -11.54
N TYR D 318 9.84 -15.39 -10.51
CA TYR D 318 10.14 -14.96 -9.16
C TYR D 318 10.71 -16.08 -8.30
N ALA D 319 11.31 -17.09 -8.95
CA ALA D 319 11.98 -18.14 -8.20
C ALA D 319 13.17 -17.57 -7.43
N THR D 320 13.28 -17.97 -6.17
CA THR D 320 14.40 -17.56 -5.34
C THR D 320 15.00 -18.79 -4.68
N PRO D 321 16.31 -18.77 -4.42
CA PRO D 321 16.98 -19.99 -3.95
C PRO D 321 16.52 -20.42 -2.57
N MET D 322 16.67 -21.72 -2.31
CA MET D 322 16.33 -22.32 -1.04
C MET D 322 17.60 -22.83 -0.38
N THR D 323 17.71 -22.64 0.93
CA THR D 323 18.87 -23.14 1.64
C THR D 323 18.86 -24.66 1.65
N ASN D 324 20.04 -25.23 1.90
CA ASN D 324 20.19 -26.68 1.86
C ASN D 324 19.33 -27.36 2.93
N ASN D 325 19.28 -26.79 4.13
CA ASN D 325 18.52 -27.41 5.21
C ASN D 325 17.02 -27.43 4.91
N MET D 326 16.50 -26.35 4.36
CA MET D 326 15.06 -26.31 4.07
C MET D 326 14.69 -27.26 2.94
N ARG D 327 15.55 -27.35 1.92
CA ARG D 327 15.33 -28.34 0.87
C ARG D 327 15.38 -29.75 1.43
N GLU D 328 16.34 -30.03 2.32
CA GLU D 328 16.47 -31.36 2.90
C GLU D 328 15.30 -31.71 3.80
N CYS D 329 14.73 -30.75 4.51
CA CYS D 329 13.64 -31.07 5.42
C CYS D 329 12.29 -31.08 4.72
N LEU D 330 12.13 -30.31 3.65
CA LEU D 330 10.95 -30.43 2.81
C LEU D 330 10.90 -31.77 2.10
N THR D 331 12.03 -32.48 2.03
CA THR D 331 12.09 -33.81 1.43
C THR D 331 12.07 -34.93 2.46
N GLY D 332 11.88 -34.60 3.74
CA GLY D 332 11.74 -35.63 4.74
C GLY D 332 12.50 -35.39 6.03
N SER D 333 13.64 -34.70 5.96
CA SER D 333 14.48 -34.50 7.14
C SER D 333 13.88 -33.41 8.03
N THR D 334 12.69 -33.71 8.56
CA THR D 334 11.89 -32.71 9.26
C THR D 334 12.58 -32.17 10.50
N GLU D 335 13.64 -32.83 10.98
CA GLU D 335 14.44 -32.25 12.05
C GLU D 335 15.18 -30.99 11.61
N LYS D 336 15.21 -30.69 10.32
CA LYS D 336 15.83 -29.48 9.81
C LYS D 336 14.83 -28.39 9.47
N CYS D 337 13.53 -28.69 9.45
CA CYS D 337 12.53 -27.65 9.28
C CYS D 337 12.36 -26.90 10.60
N PRO D 338 12.57 -25.59 10.63
CA PRO D 338 12.41 -24.83 11.88
C PRO D 338 10.94 -24.69 12.26
N ARG D 339 10.71 -24.62 13.57
CA ARG D 339 9.37 -24.42 14.11
C ARG D 339 9.37 -23.20 15.02
N GLU D 340 8.19 -22.62 15.19
CA GLU D 340 8.02 -21.42 16.00
C GLU D 340 6.90 -21.63 16.99
N LEU D 341 7.12 -21.17 18.23
CA LEU D 341 6.09 -21.25 19.26
C LEU D 341 4.84 -20.50 18.82
N VAL D 342 3.68 -21.10 19.10
CA VAL D 342 2.40 -20.46 18.87
C VAL D 342 1.92 -19.90 20.19
N VAL D 343 1.94 -18.58 20.32
CA VAL D 343 1.40 -17.90 21.49
C VAL D 343 0.12 -17.14 21.18
N SER D 344 -0.27 -17.06 19.92
CA SER D 344 -1.54 -16.46 19.53
C SER D 344 -2.65 -17.49 19.56
N SER D 345 -3.85 -17.04 19.94
CA SER D 345 -5.00 -17.92 19.95
C SER D 345 -5.58 -18.13 18.56
N HIS D 346 -5.28 -17.24 17.61
CA HIS D 346 -5.77 -17.37 16.24
C HIS D 346 -4.66 -17.98 15.38
N VAL D 347 -4.56 -19.29 15.42
CA VAL D 347 -3.66 -20.04 14.54
C VAL D 347 -4.47 -21.17 13.92
N PRO D 348 -4.20 -21.55 12.67
CA PRO D 348 -4.89 -22.71 12.09
C PRO D 348 -4.55 -23.97 12.87
N ARG D 349 -5.56 -24.53 13.55
CA ARG D 349 -5.38 -25.77 14.29
C ARG D 349 -5.52 -27.01 13.42
N PHE D 350 -6.09 -26.86 12.22
CA PHE D 350 -6.30 -28.00 11.35
C PHE D 350 -6.41 -27.53 9.91
N ALA D 351 -6.28 -28.48 8.99
CA ALA D 351 -6.50 -28.23 7.57
C ALA D 351 -7.03 -29.50 6.93
N LEU D 352 -7.68 -29.33 5.79
CA LEU D 352 -8.23 -30.43 5.02
C LEU D 352 -7.37 -30.63 3.78
N SER D 353 -6.89 -31.85 3.58
CA SER D 353 -6.04 -32.17 2.44
C SER D 353 -6.51 -33.49 1.85
N ASN D 354 -7.03 -33.45 0.61
CA ASN D 354 -7.53 -34.63 -0.08
C ASN D 354 -8.63 -35.31 0.74
N GLY D 355 -9.48 -34.51 1.36
CA GLY D 355 -10.58 -35.03 2.15
C GLY D 355 -10.14 -35.62 3.48
N VAL D 356 -8.91 -35.32 3.89
CA VAL D 356 -8.35 -35.84 5.13
C VAL D 356 -7.99 -34.67 6.03
N LEU D 357 -8.39 -34.77 7.30
CA LEU D 357 -8.11 -33.74 8.29
C LEU D 357 -6.77 -34.01 8.96
N PHE D 358 -5.93 -32.98 9.01
CA PHE D 358 -4.71 -32.98 9.80
C PHE D 358 -4.88 -31.90 10.87
N ALA D 359 -5.02 -32.34 12.13
CA ALA D 359 -5.46 -31.45 13.19
C ALA D 359 -4.55 -31.56 14.40
N ASN D 360 -4.35 -30.43 15.07
CA ASN D 360 -3.71 -30.40 16.38
C ASN D 360 -4.80 -30.67 17.41
N CYS D 361 -5.17 -31.95 17.55
CA CYS D 361 -6.29 -32.32 18.39
C CYS D 361 -6.05 -32.06 19.87
N ILE D 362 -4.81 -31.78 20.27
CA ILE D 362 -4.56 -31.33 21.64
C ILE D 362 -5.07 -29.91 21.83
N SER D 363 -4.85 -29.05 20.83
CA SER D 363 -5.25 -27.65 20.93
C SER D 363 -6.67 -27.39 20.41
N VAL D 364 -7.21 -28.26 19.56
CA VAL D 364 -8.57 -28.12 19.07
C VAL D 364 -9.35 -29.38 19.45
N THR D 365 -10.58 -29.18 19.88
CA THR D 365 -11.44 -30.28 20.32
C THR D 365 -11.83 -31.12 19.11
N CYS D 366 -11.24 -32.30 18.99
CA CYS D 366 -11.58 -33.25 17.93
C CYS D 366 -12.56 -34.26 18.48
N GLN D 367 -13.76 -34.30 17.89
CA GLN D 367 -14.77 -35.27 18.28
C GLN D 367 -15.25 -35.99 17.03
N CYS D 368 -15.60 -37.26 17.21
CA CYS D 368 -15.98 -38.11 16.09
C CYS D 368 -17.50 -38.13 15.99
N GLN D 369 -18.04 -37.62 14.88
CA GLN D 369 -19.48 -37.47 14.76
C GLN D 369 -20.21 -38.80 14.56
N THR D 370 -19.52 -39.84 14.11
CA THR D 370 -20.20 -41.10 13.84
C THR D 370 -20.34 -41.95 15.10
N THR D 371 -19.23 -42.19 15.80
CA THR D 371 -19.27 -42.98 17.03
C THR D 371 -19.44 -42.13 18.28
N GLY D 372 -19.51 -40.82 18.15
CA GLY D 372 -19.70 -39.96 19.30
C GLY D 372 -18.53 -39.89 20.26
N ARG D 373 -17.36 -40.38 19.85
CA ARG D 373 -16.19 -40.42 20.71
C ARG D 373 -15.27 -39.25 20.41
N ALA D 374 -14.38 -38.96 21.36
CA ALA D 374 -13.41 -37.89 21.21
C ALA D 374 -12.12 -38.44 20.61
N ILE D 375 -11.67 -37.82 19.53
CA ILE D 375 -10.41 -38.21 18.89
C ILE D 375 -9.28 -37.64 19.74
N SER D 376 -8.57 -38.53 20.43
CA SER D 376 -7.56 -38.13 21.41
C SER D 376 -6.18 -38.11 20.76
N GLN D 377 -5.42 -37.05 21.05
CA GLN D 377 -4.05 -36.90 20.58
C GLN D 377 -3.12 -36.99 21.78
N SER D 378 -2.19 -37.93 21.74
CA SER D 378 -1.24 -38.08 22.82
C SER D 378 -0.25 -36.91 22.83
N GLY D 379 0.45 -36.76 23.95
CA GLY D 379 1.41 -35.67 24.08
C GLY D 379 2.61 -35.84 23.16
N GLU D 380 2.89 -37.07 22.74
CA GLU D 380 4.01 -37.34 21.84
C GLU D 380 3.63 -37.26 20.37
N GLN D 381 2.39 -36.90 20.06
CA GLN D 381 1.94 -36.74 18.69
C GLN D 381 1.88 -35.26 18.33
N THR D 382 2.35 -34.94 17.12
CA THR D 382 2.34 -33.54 16.67
C THR D 382 0.97 -33.15 16.14
N LEU D 383 0.51 -33.82 15.09
CA LEU D 383 -0.86 -33.68 14.61
C LEU D 383 -1.58 -35.01 14.74
N LEU D 384 -2.86 -34.99 14.39
CA LEU D 384 -3.63 -36.20 14.18
C LEU D 384 -4.18 -36.20 12.76
N MET D 385 -3.91 -37.27 12.03
CA MET D 385 -4.51 -37.47 10.72
C MET D 385 -5.83 -38.19 10.91
N ILE D 386 -6.92 -37.54 10.53
CA ILE D 386 -8.27 -38.06 10.76
C ILE D 386 -8.87 -38.36 9.40
N ASP D 387 -9.21 -39.63 9.16
CA ASP D 387 -9.71 -40.07 7.86
C ASP D 387 -10.81 -41.10 8.09
N ASN D 388 -11.18 -41.79 7.00
CA ASN D 388 -12.29 -42.74 7.06
C ASN D 388 -12.00 -43.90 8.00
N THR D 389 -10.75 -44.38 8.01
CA THR D 389 -10.41 -45.57 8.79
C THR D 389 -10.69 -45.38 10.28
N THR D 390 -10.58 -44.16 10.78
CA THR D 390 -10.87 -43.88 12.19
C THR D 390 -12.18 -43.14 12.38
N CYS D 391 -12.50 -42.18 11.52
CA CYS D 391 -13.70 -41.37 11.70
C CYS D 391 -14.17 -40.86 10.35
N PRO D 392 -15.18 -41.52 9.76
CA PRO D 392 -15.74 -41.01 8.49
C PRO D 392 -16.25 -39.59 8.60
N THR D 393 -16.80 -39.20 9.74
CA THR D 393 -17.19 -37.82 10.00
C THR D 393 -16.60 -37.38 11.32
N ALA D 394 -16.01 -36.19 11.33
CA ALA D 394 -15.33 -35.67 12.51
C ALA D 394 -15.81 -34.26 12.81
N VAL D 395 -15.91 -33.93 14.09
CA VAL D 395 -16.25 -32.59 14.55
C VAL D 395 -15.01 -31.98 15.18
N LEU D 396 -14.54 -30.89 14.60
CA LEU D 396 -13.35 -30.19 15.08
C LEU D 396 -13.80 -28.82 15.58
N GLY D 397 -14.00 -28.70 16.88
CA GLY D 397 -14.64 -27.49 17.37
C GLY D 397 -16.11 -27.67 17.07
N ASN D 398 -16.69 -26.83 16.23
CA ASN D 398 -18.14 -26.84 15.95
C ASN D 398 -18.38 -27.21 14.50
N VAL D 399 -17.34 -27.34 13.72
CA VAL D 399 -17.45 -27.65 12.29
C VAL D 399 -17.43 -29.16 12.12
N ILE D 400 -18.36 -29.67 11.34
CA ILE D 400 -18.52 -31.10 11.11
C ILE D 400 -18.11 -31.41 9.68
N ILE D 401 -17.15 -32.31 9.52
CA ILE D 401 -16.55 -32.59 8.22
C ILE D 401 -16.63 -34.09 7.96
N SER D 402 -17.24 -34.46 6.84
CA SER D 402 -17.19 -35.84 6.38
C SER D 402 -15.90 -36.05 5.59
N LEU D 403 -15.16 -37.09 5.94
CA LEU D 403 -13.79 -37.25 5.50
C LEU D 403 -13.68 -38.31 4.41
N GLY D 404 -12.44 -38.52 3.96
CA GLY D 404 -12.13 -39.55 2.99
C GLY D 404 -11.04 -40.48 3.46
N LYS D 405 -10.40 -41.17 2.53
CA LYS D 405 -9.36 -42.14 2.83
C LYS D 405 -7.99 -41.50 2.65
N TYR D 406 -7.12 -41.66 3.64
CA TYR D 406 -5.75 -41.15 3.55
C TYR D 406 -4.94 -42.07 2.65
N LEU D 407 -4.48 -41.53 1.52
CA LEU D 407 -3.74 -42.35 0.57
C LEU D 407 -2.32 -42.65 1.03
N GLY D 408 -1.84 -41.97 2.08
CA GLY D 408 -0.51 -42.21 2.58
C GLY D 408 -0.39 -43.43 3.46
N SER D 409 0.39 -43.33 4.53
CA SER D 409 0.62 -44.46 5.40
C SER D 409 -0.62 -44.77 6.25
N VAL D 410 -0.79 -46.04 6.60
CA VAL D 410 -1.84 -46.44 7.52
C VAL D 410 -1.37 -46.36 8.98
N ASN D 411 -0.06 -46.31 9.22
CA ASN D 411 0.49 -46.12 10.55
C ASN D 411 0.93 -44.68 10.78
N TYR D 412 0.25 -43.73 10.14
CA TYR D 412 0.63 -42.32 10.25
C TYR D 412 0.59 -41.84 11.69
N ASN D 413 -0.51 -42.13 12.39
CA ASN D 413 -0.69 -41.63 13.74
C ASN D 413 0.12 -42.39 14.78
N SER D 414 0.73 -43.50 14.41
CA SER D 414 1.57 -44.27 15.33
C SER D 414 3.05 -44.11 15.07
N GLU D 415 3.44 -43.43 13.99
CA GLU D 415 4.84 -43.26 13.63
C GLU D 415 5.28 -41.85 14.04
N GLY D 416 6.16 -41.79 15.03
CA GLY D 416 6.66 -40.51 15.49
C GLY D 416 7.63 -39.90 14.48
N ILE D 417 7.75 -38.58 14.55
CA ILE D 417 8.62 -37.83 13.63
C ILE D 417 9.68 -37.10 14.44
N ALA D 418 10.82 -36.84 13.79
CA ALA D 418 11.87 -36.05 14.40
C ALA D 418 11.53 -34.57 14.26
N ILE D 419 11.66 -33.83 15.35
CA ILE D 419 11.20 -32.45 15.42
C ILE D 419 12.36 -31.52 15.16
N GLY D 420 12.06 -30.35 14.58
CA GLY D 420 13.06 -29.37 14.24
C GLY D 420 13.44 -28.50 15.41
N PRO D 421 14.27 -27.48 15.16
CA PRO D 421 14.68 -26.58 16.24
C PRO D 421 13.74 -25.40 16.34
N PRO D 422 13.40 -24.98 17.56
CA PRO D 422 12.56 -23.79 17.73
C PRO D 422 13.25 -22.53 17.24
N VAL D 423 12.47 -21.61 16.67
CA VAL D 423 12.98 -20.34 16.16
C VAL D 423 12.02 -19.22 16.56
N PHE D 424 12.45 -18.00 16.25
CA PHE D 424 11.64 -16.80 16.50
C PHE D 424 11.85 -15.89 15.29
N THR D 425 10.86 -15.85 14.40
CA THR D 425 10.98 -15.19 13.11
C THR D 425 10.67 -13.70 13.17
N ASP D 426 10.64 -13.11 14.36
CA ASP D 426 10.50 -11.67 14.45
C ASP D 426 11.81 -10.99 14.07
N LYS D 427 11.69 -9.84 13.40
CA LYS D 427 12.87 -9.10 12.95
C LYS D 427 13.80 -8.78 14.12
N VAL D 428 13.24 -8.21 15.19
CA VAL D 428 14.04 -7.89 16.36
C VAL D 428 14.54 -9.17 17.03
N ASP D 429 13.69 -10.20 17.04
CA ASP D 429 14.14 -11.50 17.56
C ASP D 429 15.26 -12.07 16.70
N ILE D 430 15.21 -11.85 15.39
CA ILE D 430 16.29 -12.31 14.52
C ILE D 430 17.59 -11.58 14.86
N SER D 431 17.51 -10.27 15.08
CA SER D 431 18.70 -9.51 15.45
C SER D 431 19.26 -9.98 16.79
N SER D 432 18.39 -10.24 17.76
CA SER D 432 18.85 -10.73 19.05
C SER D 432 19.46 -12.13 18.96
N GLN D 433 18.89 -13.00 18.13
CA GLN D 433 19.47 -14.32 17.92
C GLN D 433 20.84 -14.23 17.27
N ILE D 434 20.99 -13.31 16.31
CA ILE D 434 22.31 -13.06 15.71
C ILE D 434 23.28 -12.60 16.78
N SER D 435 22.83 -11.71 17.66
CA SER D 435 23.67 -11.25 18.77
C SER D 435 24.14 -12.42 19.62
N SER D 436 23.20 -13.28 20.03
CA SER D 436 23.55 -14.40 20.91
C SER D 436 24.49 -15.38 20.23
N MET D 437 24.24 -15.68 18.94
CA MET D 437 25.13 -16.59 18.23
C MET D 437 26.52 -16.00 18.09
N ASN D 438 26.63 -14.71 17.79
CA ASN D 438 27.94 -14.08 17.68
C ASN D 438 28.66 -14.09 19.03
N GLN D 439 27.94 -13.82 20.11
CA GLN D 439 28.54 -13.83 21.44
C GLN D 439 29.06 -15.21 21.79
N SER D 440 28.24 -16.24 21.60
CA SER D 440 28.68 -17.59 21.94
C SER D 440 29.79 -18.07 21.01
N LEU D 441 29.80 -17.60 19.76
CA LEU D 441 30.88 -17.94 18.84
C LEU D 441 32.20 -17.31 19.29
N GLN D 442 32.16 -16.05 19.72
CA GLN D 442 33.35 -15.41 20.24
C GLN D 442 33.82 -16.07 21.54
N GLN D 443 32.88 -16.54 22.36
CA GLN D 443 33.26 -17.26 23.57
C GLN D 443 33.98 -18.56 23.25
N SER D 444 33.51 -19.27 22.23
CA SER D 444 34.12 -20.55 21.84
C SER D 444 35.53 -20.34 21.29
N VAL E 2 20.47 -15.48 -39.83
CA VAL E 2 19.31 -16.01 -39.14
C VAL E 2 18.73 -17.24 -39.86
N GLN E 3 18.93 -18.40 -39.25
CA GLN E 3 18.55 -19.67 -39.84
C GLN E 3 17.90 -20.58 -38.81
N LEU E 4 16.91 -21.36 -39.24
CA LEU E 4 16.29 -22.40 -38.44
C LEU E 4 16.44 -23.72 -39.18
N GLN E 5 17.26 -24.62 -38.63
CA GLN E 5 17.53 -25.91 -39.25
C GLN E 5 16.60 -26.95 -38.64
N GLN E 6 15.72 -27.52 -39.46
CA GLN E 6 14.91 -28.64 -39.04
C GLN E 6 15.72 -29.92 -39.00
N SER E 7 15.16 -30.95 -38.36
CA SER E 7 15.84 -32.23 -38.29
C SER E 7 15.80 -32.98 -39.61
N GLY E 8 14.70 -32.87 -40.34
CA GLY E 8 14.56 -33.56 -41.60
C GLY E 8 13.33 -34.46 -41.63
N PRO E 9 12.85 -34.79 -42.82
CA PRO E 9 11.69 -35.68 -42.92
C PRO E 9 11.99 -37.04 -42.32
N GLU E 10 10.99 -37.62 -41.66
CA GLU E 10 11.15 -38.88 -40.95
C GLU E 10 9.99 -39.81 -41.27
N LEU E 11 10.29 -41.11 -41.35
CA LEU E 11 9.29 -42.16 -41.46
C LEU E 11 9.19 -42.82 -40.09
N VAL E 12 8.03 -42.71 -39.46
CA VAL E 12 7.81 -43.17 -38.10
C VAL E 12 6.58 -44.06 -38.07
N LYS E 13 6.63 -45.11 -37.26
CA LYS E 13 5.54 -46.07 -37.16
C LYS E 13 4.41 -45.52 -36.29
N PRO E 14 3.16 -45.92 -36.56
CA PRO E 14 2.05 -45.46 -35.74
C PRO E 14 2.20 -45.89 -34.29
N GLY E 15 1.78 -45.00 -33.39
CA GLY E 15 1.88 -45.25 -31.97
C GLY E 15 3.24 -44.98 -31.36
N ALA E 16 4.23 -44.65 -32.19
CA ALA E 16 5.56 -44.32 -31.69
C ALA E 16 5.64 -42.83 -31.36
N SER E 17 6.79 -42.42 -30.83
CA SER E 17 7.05 -41.02 -30.51
C SER E 17 8.33 -40.58 -31.18
N MET E 18 8.31 -39.38 -31.77
CA MET E 18 9.45 -38.85 -32.49
C MET E 18 9.61 -37.37 -32.17
N LYS E 19 10.81 -36.86 -32.40
CA LYS E 19 11.21 -35.53 -31.96
C LYS E 19 11.72 -34.73 -33.15
N ILE E 20 11.13 -33.56 -33.37
CA ILE E 20 11.63 -32.61 -34.37
C ILE E 20 12.72 -31.76 -33.72
N ALA E 21 13.86 -31.67 -34.39
CA ALA E 21 14.91 -30.76 -33.95
C ALA E 21 14.85 -29.47 -34.75
N CYS E 22 15.02 -28.35 -34.07
CA CYS E 22 15.03 -27.03 -34.71
C CYS E 22 16.24 -26.26 -34.18
N LYS E 23 17.38 -26.43 -34.84
CA LYS E 23 18.58 -25.68 -34.50
C LYS E 23 18.41 -24.23 -34.91
N ALA E 24 18.88 -23.31 -34.07
CA ALA E 24 18.81 -21.88 -34.34
C ALA E 24 20.21 -21.31 -34.46
N SER E 25 20.38 -20.35 -35.36
CA SER E 25 21.64 -19.65 -35.53
C SER E 25 21.37 -18.28 -36.12
N GLY E 26 22.33 -17.38 -35.95
CA GLY E 26 22.22 -16.04 -36.49
C GLY E 26 21.42 -15.07 -35.64
N TYR E 27 21.03 -15.47 -34.43
CA TYR E 27 20.27 -14.58 -33.56
C TYR E 27 20.34 -15.14 -32.14
N SER E 28 19.79 -14.38 -31.19
CA SER E 28 19.76 -14.79 -29.80
C SER E 28 18.63 -15.79 -29.61
N PHE E 29 18.99 -17.06 -29.45
CA PHE E 29 17.99 -18.12 -29.30
C PHE E 29 17.10 -17.88 -28.08
N THR E 30 17.73 -17.54 -26.95
CA THR E 30 16.98 -17.38 -25.70
C THR E 30 15.99 -16.23 -25.75
N ASP E 31 16.28 -15.17 -26.51
CA ASP E 31 15.45 -13.98 -26.53
C ASP E 31 14.31 -14.05 -27.54
N TYR E 32 14.14 -15.16 -28.24
CA TYR E 32 13.05 -15.31 -29.20
C TYR E 32 12.25 -16.56 -28.87
N THR E 33 10.93 -16.42 -28.95
CA THR E 33 10.01 -17.54 -28.83
C THR E 33 9.91 -18.27 -30.17
N MET E 34 9.92 -19.60 -30.12
CA MET E 34 9.66 -20.39 -31.32
C MET E 34 8.25 -20.99 -31.25
N ASN E 35 7.49 -20.78 -32.31
CA ASN E 35 6.20 -21.43 -32.47
C ASN E 35 6.36 -22.70 -33.29
N TRP E 36 5.34 -23.55 -33.23
CA TRP E 36 5.29 -24.76 -34.04
C TRP E 36 3.91 -24.80 -34.69
N VAL E 37 3.89 -25.10 -35.99
CA VAL E 37 2.64 -25.20 -36.74
C VAL E 37 2.62 -26.52 -37.49
N LYS E 38 1.42 -27.02 -37.76
CA LYS E 38 1.23 -28.28 -38.47
C LYS E 38 0.57 -27.97 -39.81
N GLN E 39 1.27 -28.24 -40.90
CA GLN E 39 0.73 -28.11 -42.24
C GLN E 39 0.26 -29.48 -42.71
N SER E 40 -1.06 -29.65 -42.77
CA SER E 40 -1.66 -30.90 -43.22
C SER E 40 -2.25 -30.72 -44.61
N HIS E 41 -2.13 -31.77 -45.42
CA HIS E 41 -2.72 -31.85 -46.75
C HIS E 41 -2.17 -30.77 -47.69
N GLY E 42 -1.03 -30.18 -47.36
CA GLY E 42 -0.39 -29.20 -48.21
C GLY E 42 -1.02 -27.83 -48.20
N LYS E 43 -2.24 -27.71 -47.68
CA LYS E 43 -2.97 -26.44 -47.67
C LYS E 43 -3.18 -25.91 -46.26
N ASN E 44 -3.80 -26.70 -45.39
CA ASN E 44 -4.25 -26.18 -44.10
C ASN E 44 -3.09 -26.05 -43.12
N LEU E 45 -3.01 -24.88 -42.49
CA LEU E 45 -2.03 -24.62 -41.44
C LEU E 45 -2.76 -24.48 -40.11
N GLU E 46 -2.12 -24.94 -39.04
CA GLU E 46 -2.67 -24.79 -37.71
C GLU E 46 -1.54 -24.75 -36.69
N TRP E 47 -1.62 -23.78 -35.79
CA TRP E 47 -0.57 -23.54 -34.82
C TRP E 47 -0.60 -24.60 -33.72
N ILE E 48 0.55 -25.21 -33.46
CA ILE E 48 0.64 -26.30 -32.49
C ILE E 48 0.87 -25.71 -31.10
N GLY E 49 1.89 -24.88 -30.98
CA GLY E 49 2.24 -24.30 -29.69
C GLY E 49 3.52 -23.50 -29.77
N LEU E 50 3.77 -22.67 -28.77
CA LEU E 50 4.99 -21.89 -28.68
C LEU E 50 5.75 -22.26 -27.42
N ILE E 51 7.06 -22.09 -27.46
CA ILE E 51 7.92 -22.24 -26.30
C ILE E 51 8.75 -20.98 -26.14
N ASN E 52 8.80 -20.46 -24.92
CA ASN E 52 9.62 -19.31 -24.61
C ASN E 52 10.90 -19.80 -23.93
N PRO E 53 12.01 -19.92 -24.66
CA PRO E 53 13.24 -20.47 -24.04
C PRO E 53 13.77 -19.60 -22.91
N TYR E 54 13.49 -18.30 -22.93
CA TYR E 54 13.98 -17.43 -21.87
C TYR E 54 13.39 -17.80 -20.52
N ILE E 55 12.09 -18.11 -20.48
CA ILE E 55 11.42 -18.39 -19.22
C ILE E 55 11.13 -19.87 -19.04
N GLY E 56 11.27 -20.68 -20.08
CA GLY E 56 10.88 -22.08 -20.00
C GLY E 56 9.40 -22.30 -20.12
N GLY E 57 8.65 -21.30 -20.57
CA GLY E 57 7.22 -21.42 -20.67
C GLY E 57 6.74 -21.92 -22.02
N THR E 58 5.57 -22.55 -22.01
CA THR E 58 4.96 -23.07 -23.22
C THR E 58 3.48 -22.70 -23.23
N ASN E 59 2.96 -22.48 -24.43
CA ASN E 59 1.54 -22.21 -24.64
C ASN E 59 1.10 -23.08 -25.80
N TYR E 60 0.29 -24.10 -25.52
CA TYR E 60 -0.12 -25.07 -26.52
C TYR E 60 -1.52 -24.76 -27.05
N ASN E 61 -1.74 -25.09 -28.31
CA ASN E 61 -3.10 -25.24 -28.81
C ASN E 61 -3.77 -26.38 -28.07
N GLN E 62 -5.07 -26.24 -27.81
CA GLN E 62 -5.80 -27.29 -27.11
C GLN E 62 -5.77 -28.59 -27.88
N LYS E 63 -5.81 -28.51 -29.22
CA LYS E 63 -5.79 -29.71 -30.05
C LYS E 63 -4.51 -30.51 -29.87
N PHE E 64 -3.41 -29.85 -29.53
CA PHE E 64 -2.10 -30.48 -29.50
C PHE E 64 -1.56 -30.72 -28.09
N LYS E 65 -2.36 -30.48 -27.06
CA LYS E 65 -1.94 -30.82 -25.72
C LYS E 65 -1.88 -32.33 -25.55
N GLY E 66 -0.78 -32.82 -24.98
CA GLY E 66 -0.60 -34.24 -24.81
C GLY E 66 0.06 -34.90 -26.02
N LYS E 67 -0.40 -34.53 -27.22
CA LYS E 67 0.19 -35.09 -28.43
C LYS E 67 1.56 -34.49 -28.72
N ALA E 68 1.72 -33.19 -28.49
CA ALA E 68 2.97 -32.50 -28.73
C ALA E 68 3.44 -31.81 -27.46
N THR E 69 4.71 -31.99 -27.13
CA THR E 69 5.36 -31.28 -26.03
C THR E 69 6.60 -30.58 -26.57
N LEU E 70 6.76 -29.31 -26.22
CA LEU E 70 7.84 -28.49 -26.76
C LEU E 70 8.93 -28.33 -25.71
N THR E 71 10.16 -28.65 -26.10
CA THR E 71 11.33 -28.41 -25.26
C THR E 71 12.33 -27.55 -26.03
N VAL E 72 13.29 -27.02 -25.30
CA VAL E 72 14.38 -26.23 -25.89
C VAL E 72 15.70 -26.72 -25.32
N ASP E 73 16.76 -26.49 -26.09
CA ASP E 73 18.13 -26.77 -25.67
C ASP E 73 18.91 -25.47 -25.84
N LYS E 74 18.97 -24.68 -24.77
CA LYS E 74 19.64 -23.38 -24.85
C LYS E 74 21.13 -23.52 -25.11
N SER E 75 21.73 -24.64 -24.68
CA SER E 75 23.14 -24.87 -24.95
C SER E 75 23.39 -25.03 -26.45
N SER E 76 22.52 -25.76 -27.14
CA SER E 76 22.63 -25.97 -28.58
C SER E 76 21.78 -25.04 -29.40
N SER E 77 21.05 -24.12 -28.75
CA SER E 77 20.12 -23.22 -29.43
C SER E 77 19.12 -23.99 -30.28
N THR E 78 18.67 -25.12 -29.76
CA THR E 78 17.76 -26.02 -30.46
C THR E 78 16.46 -26.16 -29.66
N ALA E 79 15.33 -26.05 -30.35
CA ALA E 79 14.03 -26.31 -29.75
C ALA E 79 13.46 -27.59 -30.37
N TYR E 80 12.87 -28.42 -29.53
CA TYR E 80 12.36 -29.72 -29.96
C TYR E 80 10.84 -29.76 -29.84
N MET E 81 10.24 -30.64 -30.65
CA MET E 81 8.80 -30.90 -30.60
C MET E 81 8.62 -32.42 -30.57
N GLU E 82 8.51 -32.97 -29.37
CA GLU E 82 8.25 -34.39 -29.18
C GLU E 82 6.78 -34.66 -29.46
N LEU E 83 6.51 -35.52 -30.43
CA LEU E 83 5.15 -35.87 -30.81
C LEU E 83 4.80 -37.22 -30.21
N LEU E 84 3.67 -37.28 -29.49
CA LEU E 84 3.28 -38.45 -28.73
C LEU E 84 2.09 -39.14 -29.37
N SER E 85 2.09 -40.48 -29.32
CA SER E 85 0.98 -41.30 -29.79
C SER E 85 0.61 -40.95 -31.23
N LEU E 86 1.56 -41.15 -32.12
CA LEU E 86 1.40 -40.75 -33.51
C LEU E 86 0.34 -41.59 -34.20
N THR E 87 -0.57 -40.92 -34.91
CA THR E 87 -1.59 -41.55 -35.73
C THR E 87 -1.41 -41.12 -37.17
N PHE E 88 -2.31 -41.60 -38.04
CA PHE E 88 -2.24 -41.23 -39.45
C PHE E 88 -2.46 -39.74 -39.65
N GLU E 89 -3.29 -39.12 -38.82
CA GLU E 89 -3.54 -37.69 -38.90
C GLU E 89 -2.31 -36.84 -38.55
N ASP E 90 -1.39 -37.40 -37.76
CA ASP E 90 -0.16 -36.69 -37.41
C ASP E 90 0.81 -36.58 -38.57
N SER E 91 0.53 -37.22 -39.70
CA SER E 91 1.36 -37.09 -40.89
C SER E 91 1.08 -35.73 -41.53
N ALA E 92 2.04 -34.82 -41.43
CA ALA E 92 1.87 -33.45 -41.89
C ALA E 92 3.25 -32.81 -41.98
N VAL E 93 3.29 -31.54 -42.35
CA VAL E 93 4.53 -30.76 -42.40
C VAL E 93 4.62 -29.92 -41.13
N TYR E 94 5.71 -30.05 -40.40
CA TYR E 94 5.88 -29.41 -39.10
C TYR E 94 6.95 -28.33 -39.22
N TYR E 95 6.59 -27.10 -38.88
CA TYR E 95 7.49 -25.96 -38.94
C TYR E 95 7.84 -25.49 -37.54
N CYS E 96 9.08 -25.04 -37.36
CA CYS E 96 9.46 -24.22 -36.23
C CYS E 96 9.63 -22.79 -36.75
N ALA E 97 8.92 -21.86 -36.14
CA ALA E 97 8.91 -20.47 -36.60
C ALA E 97 9.34 -19.57 -35.46
N ARG E 98 10.37 -18.75 -35.71
CA ARG E 98 10.84 -17.80 -34.71
C ARG E 98 9.80 -16.71 -34.51
N ASP E 99 9.66 -16.28 -33.27
CA ASP E 99 8.66 -15.29 -32.90
C ASP E 99 9.21 -14.31 -31.89
N PRO E 100 9.41 -13.04 -32.25
CA PRO E 100 9.78 -12.05 -31.24
C PRO E 100 8.71 -11.95 -30.16
N SER E 101 7.49 -11.54 -30.54
CA SER E 101 6.37 -11.73 -29.63
C SER E 101 5.14 -12.32 -30.32
N ARG E 102 4.81 -11.83 -31.51
CA ARG E 102 3.53 -12.20 -32.13
C ARG E 102 3.60 -12.37 -33.65
N ALA E 103 4.77 -12.32 -34.26
CA ALA E 103 4.86 -12.38 -35.72
C ALA E 103 5.92 -13.40 -36.10
N MET E 104 5.48 -14.55 -36.60
CA MET E 104 6.40 -15.62 -36.99
C MET E 104 7.11 -15.21 -38.27
N ASP E 105 8.29 -14.58 -38.11
CA ASP E 105 9.01 -13.98 -39.22
C ASP E 105 9.98 -14.93 -39.90
N TYR E 106 10.63 -15.80 -39.14
CA TYR E 106 11.62 -16.72 -39.68
C TYR E 106 11.21 -18.15 -39.36
N TRP E 107 11.13 -18.98 -40.39
CA TRP E 107 10.63 -20.34 -40.28
C TRP E 107 11.72 -21.34 -40.65
N GLY E 108 11.65 -22.52 -40.04
CA GLY E 108 12.42 -23.64 -40.52
C GLY E 108 11.87 -24.17 -41.83
N GLN E 109 12.69 -24.96 -42.52
CA GLN E 109 12.29 -25.49 -43.82
C GLN E 109 11.10 -26.44 -43.71
N GLY E 110 10.82 -26.95 -42.53
CA GLY E 110 9.72 -27.86 -42.30
C GLY E 110 10.15 -29.31 -42.37
N THR E 111 9.53 -30.14 -41.54
CA THR E 111 9.72 -31.59 -41.57
C THR E 111 8.42 -32.24 -42.01
N SER E 112 8.46 -32.88 -43.18
CA SER E 112 7.32 -33.64 -43.65
C SER E 112 7.36 -35.01 -42.98
N VAL E 113 6.63 -35.14 -41.86
CA VAL E 113 6.59 -36.37 -41.09
C VAL E 113 5.44 -37.22 -41.60
N THR E 114 5.72 -38.48 -41.92
CA THR E 114 4.71 -39.43 -42.35
C THR E 114 4.64 -40.56 -41.34
N VAL E 115 3.42 -41.00 -41.04
CA VAL E 115 3.17 -42.01 -40.03
C VAL E 115 2.57 -43.23 -40.72
N SER E 116 3.34 -44.32 -40.75
CA SER E 116 2.91 -45.57 -41.38
C SER E 116 3.94 -46.63 -41.01
N SER E 117 3.66 -47.87 -41.43
CA SER E 117 4.55 -49.01 -41.21
C SER E 117 5.16 -49.49 -42.52
N ALA E 118 5.50 -48.55 -43.40
CA ALA E 118 6.08 -48.83 -44.71
C ALA E 118 5.17 -49.75 -45.53
N ASP F 1 -11.60 -21.27 -29.84
CA ASP F 1 -10.76 -20.82 -30.94
C ASP F 1 -11.48 -19.79 -31.80
N ILE F 2 -10.71 -18.90 -32.41
CA ILE F 2 -11.25 -17.94 -33.37
C ILE F 2 -11.17 -18.55 -34.76
N GLN F 3 -12.32 -18.68 -35.42
CA GLN F 3 -12.36 -19.23 -36.76
C GLN F 3 -11.98 -18.14 -37.75
N MET F 4 -10.89 -18.36 -38.48
CA MET F 4 -10.34 -17.36 -39.39
C MET F 4 -10.67 -17.81 -40.81
N THR F 5 -11.40 -16.98 -41.54
CA THR F 5 -11.98 -17.38 -42.82
C THR F 5 -11.51 -16.44 -43.93
N GLN F 6 -11.15 -17.03 -45.07
CA GLN F 6 -10.78 -16.29 -46.27
C GLN F 6 -11.82 -16.56 -47.35
N SER F 7 -12.38 -15.49 -47.91
CA SER F 7 -13.44 -15.64 -48.89
C SER F 7 -12.93 -16.21 -50.21
N PRO F 8 -11.93 -15.59 -50.87
CA PRO F 8 -11.44 -16.17 -52.13
C PRO F 8 -10.43 -17.29 -51.91
N ALA F 9 -10.92 -18.51 -51.66
CA ALA F 9 -10.01 -19.63 -51.40
C ALA F 9 -9.05 -19.85 -52.56
N SER F 10 -9.56 -19.80 -53.79
CA SER F 10 -8.73 -19.90 -54.98
C SER F 10 -9.05 -18.71 -55.89
N LEU F 11 -8.01 -17.96 -56.26
CA LEU F 11 -8.18 -16.79 -57.10
C LEU F 11 -7.05 -16.75 -58.12
N SER F 12 -7.39 -16.39 -59.36
CA SER F 12 -6.41 -16.24 -60.43
C SER F 12 -6.79 -15.04 -61.27
N ALA F 13 -5.91 -14.04 -61.31
CA ALA F 13 -6.14 -12.82 -62.08
C ALA F 13 -4.90 -12.50 -62.90
N SER F 14 -5.07 -11.63 -63.88
CA SER F 14 -3.98 -11.27 -64.77
C SER F 14 -2.88 -10.55 -64.00
N VAL F 15 -1.64 -10.69 -64.49
CA VAL F 15 -0.52 -10.02 -63.86
C VAL F 15 -0.62 -8.52 -64.08
N GLY F 16 -0.40 -7.76 -63.00
CA GLY F 16 -0.41 -6.32 -63.09
C GLY F 16 -1.73 -5.63 -62.80
N GLU F 17 -2.67 -6.31 -62.14
CA GLU F 17 -3.95 -5.71 -61.77
C GLU F 17 -4.23 -5.98 -60.30
N THR F 18 -4.96 -5.05 -59.69
CA THR F 18 -5.16 -5.07 -58.25
C THR F 18 -5.85 -6.34 -57.79
N VAL F 19 -5.40 -6.87 -56.65
CA VAL F 19 -5.91 -8.10 -56.07
C VAL F 19 -6.14 -7.86 -54.59
N THR F 20 -7.36 -8.11 -54.12
CA THR F 20 -7.72 -7.99 -52.72
C THR F 20 -8.03 -9.37 -52.17
N ILE F 21 -7.31 -9.77 -51.14
CA ILE F 21 -7.51 -11.07 -50.49
C ILE F 21 -8.19 -10.80 -49.15
N THR F 22 -9.51 -11.00 -49.12
CA THR F 22 -10.27 -10.72 -47.91
C THR F 22 -10.15 -11.86 -46.92
N CYS F 23 -10.04 -11.50 -45.65
CA CYS F 23 -10.00 -12.46 -44.54
C CYS F 23 -10.99 -12.04 -43.47
N GLY F 24 -11.60 -13.03 -42.84
CA GLY F 24 -12.58 -12.77 -41.80
C GLY F 24 -12.25 -13.55 -40.54
N ALA F 25 -12.75 -13.04 -39.42
CA ALA F 25 -12.54 -13.63 -38.11
C ALA F 25 -13.87 -13.79 -37.39
N SER F 26 -14.03 -14.91 -36.68
CA SER F 26 -15.26 -15.14 -35.94
C SER F 26 -15.42 -14.12 -34.82
N GLU F 27 -14.34 -13.80 -34.11
CA GLU F 27 -14.34 -12.77 -33.09
C GLU F 27 -13.47 -11.61 -33.52
N ASN F 28 -13.82 -10.41 -33.05
CA ASN F 28 -12.99 -9.23 -33.29
C ASN F 28 -11.60 -9.45 -32.74
N ILE F 29 -10.60 -9.34 -33.62
CA ILE F 29 -9.22 -9.59 -33.24
C ILE F 29 -8.40 -8.32 -33.15
N TYR F 30 -9.00 -7.16 -33.39
CA TYR F 30 -8.40 -5.85 -33.09
C TYR F 30 -7.06 -5.67 -33.80
N GLY F 31 -6.98 -6.08 -35.06
CA GLY F 31 -5.76 -5.89 -35.82
C GLY F 31 -4.64 -6.83 -35.47
N ALA F 32 -4.87 -7.82 -34.62
CA ALA F 32 -3.86 -8.82 -34.32
C ALA F 32 -3.92 -9.93 -35.36
N LEU F 33 -3.79 -9.56 -36.63
CA LEU F 33 -3.84 -10.49 -37.75
C LEU F 33 -2.52 -10.43 -38.49
N ASN F 34 -1.87 -11.58 -38.63
CA ASN F 34 -0.68 -11.69 -39.45
C ASN F 34 -1.03 -12.27 -40.81
N TRP F 35 -0.26 -11.88 -41.82
CA TRP F 35 -0.37 -12.43 -43.15
C TRP F 35 0.90 -13.20 -43.49
N PHE F 36 0.73 -14.37 -44.07
CA PHE F 36 1.85 -15.24 -44.43
C PHE F 36 1.76 -15.63 -45.89
N GLN F 37 2.91 -15.58 -46.57
CA GLN F 37 3.02 -16.02 -47.96
C GLN F 37 3.74 -17.36 -47.96
N ARG F 38 3.08 -18.38 -48.51
CA ARG F 38 3.64 -19.72 -48.58
C ARG F 38 3.74 -20.13 -50.06
N LYS F 39 4.92 -19.98 -50.63
CA LYS F 39 5.16 -20.47 -51.97
C LYS F 39 5.22 -22.00 -51.96
N GLN F 40 4.96 -22.59 -53.13
CA GLN F 40 4.88 -24.04 -53.23
C GLN F 40 6.19 -24.70 -52.78
N GLY F 41 6.07 -25.63 -51.84
CA GLY F 41 7.21 -26.39 -51.37
C GLY F 41 8.15 -25.65 -50.45
N LYS F 42 7.79 -24.46 -49.97
CA LYS F 42 8.64 -23.67 -49.10
C LYS F 42 7.85 -23.19 -47.90
N SER F 43 8.58 -22.88 -46.82
CA SER F 43 7.96 -22.47 -45.58
C SER F 43 7.20 -21.17 -45.76
N PRO F 44 6.10 -20.98 -45.02
CA PRO F 44 5.39 -19.70 -45.07
C PRO F 44 6.29 -18.56 -44.64
N GLN F 45 6.16 -17.42 -45.32
CA GLN F 45 6.95 -16.23 -45.04
C GLN F 45 6.04 -15.16 -44.45
N LEU F 46 6.46 -14.57 -43.34
CA LEU F 46 5.69 -13.48 -42.74
C LEU F 46 5.54 -12.35 -43.76
N LEU F 47 4.29 -12.07 -44.12
CA LEU F 47 3.99 -11.10 -45.17
C LEU F 47 3.61 -9.75 -44.59
N ILE F 48 2.60 -9.73 -43.71
CA ILE F 48 2.14 -8.51 -43.05
C ILE F 48 1.72 -8.87 -41.64
N TYR F 49 2.38 -8.29 -40.64
CA TYR F 49 2.03 -8.49 -39.25
C TYR F 49 1.31 -7.25 -38.71
N GLY F 50 0.39 -7.50 -37.77
CA GLY F 50 -0.43 -6.42 -37.26
C GLY F 50 -1.50 -5.95 -38.23
N ALA F 51 -1.71 -6.70 -39.31
CA ALA F 51 -2.75 -6.46 -40.30
C ALA F 51 -2.50 -5.20 -41.13
N THR F 52 -1.48 -4.44 -40.79
CA THR F 52 -1.09 -3.27 -41.58
C THR F 52 0.39 -3.23 -41.90
N ASN F 53 1.25 -3.66 -40.97
CA ASN F 53 2.68 -3.44 -41.10
C ASN F 53 3.28 -4.41 -42.11
N LEU F 54 4.02 -3.90 -43.08
CA LEU F 54 4.74 -4.74 -44.01
C LEU F 54 5.95 -5.36 -43.33
N ALA F 55 6.11 -6.67 -43.47
CA ALA F 55 7.27 -7.34 -42.90
C ALA F 55 8.52 -6.97 -43.68
N ASP F 56 9.65 -6.88 -42.97
CA ASP F 56 10.90 -6.52 -43.61
C ASP F 56 11.31 -7.58 -44.63
N GLY F 57 11.93 -7.11 -45.72
CA GLY F 57 12.32 -7.99 -46.80
C GLY F 57 11.21 -8.37 -47.75
N MET F 58 10.02 -7.81 -47.61
CA MET F 58 8.88 -8.12 -48.45
C MET F 58 8.58 -6.96 -49.38
N SER F 59 8.00 -7.28 -50.54
CA SER F 59 7.76 -6.28 -51.57
C SER F 59 6.75 -5.24 -51.10
N SER F 60 6.92 -4.00 -51.59
CA SER F 60 6.07 -2.89 -51.19
C SER F 60 4.66 -2.98 -51.78
N ARG F 61 4.40 -3.89 -52.70
CA ARG F 61 3.08 -4.02 -53.28
C ARG F 61 2.08 -4.71 -52.36
N PHE F 62 2.52 -5.25 -51.23
CA PHE F 62 1.63 -5.85 -50.25
C PHE F 62 1.13 -4.76 -49.31
N SER F 63 -0.16 -4.45 -49.39
CA SER F 63 -0.77 -3.33 -48.68
C SER F 63 -2.00 -3.77 -47.92
N GLY F 64 -1.88 -4.87 -47.17
CA GLY F 64 -2.97 -5.41 -46.39
C GLY F 64 -3.56 -4.47 -45.37
N SER F 65 -4.89 -4.41 -45.31
CA SER F 65 -5.61 -3.51 -44.40
C SER F 65 -6.66 -4.27 -43.61
N GLY F 66 -7.51 -3.54 -42.91
CA GLY F 66 -8.62 -4.13 -42.20
C GLY F 66 -8.59 -3.81 -40.71
N SER F 67 -9.75 -3.93 -40.08
CA SER F 67 -9.90 -3.69 -38.65
C SER F 67 -11.11 -4.45 -38.14
N GLY F 68 -11.03 -4.92 -36.92
CA GLY F 68 -12.15 -5.65 -36.30
C GLY F 68 -12.09 -7.14 -36.61
N ARG F 69 -13.07 -7.63 -37.36
CA ARG F 69 -13.12 -9.03 -37.77
C ARG F 69 -12.98 -9.22 -39.27
N GLN F 70 -13.15 -8.16 -40.06
CA GLN F 70 -13.06 -8.23 -41.52
C GLN F 70 -11.79 -7.54 -41.97
N TYR F 71 -10.92 -8.28 -42.64
CA TYR F 71 -9.63 -7.78 -43.09
C TYR F 71 -9.48 -8.02 -44.59
N SER F 72 -8.38 -7.51 -45.15
CA SER F 72 -8.12 -7.64 -46.58
C SER F 72 -6.64 -7.47 -46.83
N LEU F 73 -6.09 -8.31 -47.70
CA LEU F 73 -4.71 -8.20 -48.15
C LEU F 73 -4.71 -7.77 -49.61
N LYS F 74 -4.00 -6.69 -49.91
CA LYS F 74 -3.98 -6.10 -51.24
C LYS F 74 -2.64 -6.36 -51.91
N ILE F 75 -2.68 -6.77 -53.17
CA ILE F 75 -1.49 -7.09 -53.94
C ILE F 75 -1.09 -5.95 -54.86
N GLY F 76 -2.06 -5.18 -55.34
CA GLY F 76 -1.78 -4.18 -56.34
C GLY F 76 -1.38 -4.81 -57.64
N SER F 77 -0.25 -4.38 -58.22
CA SER F 77 0.24 -4.96 -59.46
C SER F 77 0.84 -6.33 -59.16
N MET F 78 0.30 -7.37 -59.79
CA MET F 78 0.87 -8.70 -59.63
C MET F 78 2.27 -8.78 -60.22
N HIS F 79 2.87 -9.96 -60.07
CA HIS F 79 4.15 -10.32 -60.62
C HIS F 79 4.11 -11.84 -60.60
N PRO F 80 4.84 -12.53 -61.49
CA PRO F 80 4.85 -14.00 -61.42
C PRO F 80 5.39 -14.56 -60.11
N ASP F 81 6.10 -13.76 -59.32
CA ASP F 81 6.77 -14.29 -58.13
C ASP F 81 5.78 -14.59 -57.01
N ASP F 82 4.78 -13.74 -56.80
CA ASP F 82 3.89 -13.87 -55.65
C ASP F 82 2.75 -14.84 -55.90
N VAL F 83 2.92 -15.77 -56.83
CA VAL F 83 2.02 -16.90 -57.01
C VAL F 83 2.28 -17.86 -55.87
N ALA F 84 1.45 -17.81 -54.83
CA ALA F 84 1.68 -18.57 -53.61
C ALA F 84 0.36 -18.73 -52.88
N THR F 85 0.44 -19.18 -51.63
CA THR F 85 -0.73 -19.36 -50.76
C THR F 85 -0.63 -18.35 -49.64
N TYR F 86 -1.68 -17.56 -49.45
CA TYR F 86 -1.71 -16.50 -48.44
C TYR F 86 -2.56 -16.95 -47.26
N TYR F 87 -1.99 -16.90 -46.06
CA TYR F 87 -2.66 -17.27 -44.83
C TYR F 87 -2.78 -16.06 -43.93
N CYS F 88 -3.99 -15.79 -43.44
CA CYS F 88 -4.21 -14.79 -42.41
C CYS F 88 -4.28 -15.51 -41.06
N GLN F 89 -3.36 -15.15 -40.17
CA GLN F 89 -3.23 -15.82 -38.89
C GLN F 89 -3.82 -14.96 -37.77
N ASN F 90 -4.69 -15.58 -36.97
CA ASN F 90 -5.12 -14.97 -35.73
C ASN F 90 -3.94 -14.90 -34.78
N VAL F 91 -3.83 -13.78 -34.05
CA VAL F 91 -2.77 -13.58 -33.08
C VAL F 91 -3.29 -13.09 -31.74
N LEU F 92 -4.55 -12.64 -31.68
CA LEU F 92 -5.09 -12.08 -30.44
C LEU F 92 -5.18 -13.12 -29.34
N SER F 93 -6.01 -14.15 -29.53
CA SER F 93 -6.27 -15.14 -28.51
C SER F 93 -5.31 -16.31 -28.62
N THR F 94 -4.99 -16.91 -27.47
CA THR F 94 -3.84 -17.81 -27.37
C THR F 94 -3.80 -18.93 -28.42
N PRO F 95 -4.90 -19.61 -28.79
CA PRO F 95 -4.80 -20.56 -29.90
C PRO F 95 -4.75 -19.83 -31.24
N TRP F 96 -3.55 -19.38 -31.62
CA TRP F 96 -3.38 -18.51 -32.78
C TRP F 96 -3.73 -19.29 -34.04
N THR F 97 -4.95 -19.12 -34.52
CA THR F 97 -5.45 -19.89 -35.65
C THR F 97 -5.06 -19.25 -36.98
N PHE F 98 -5.16 -20.04 -38.03
CA PHE F 98 -4.86 -19.61 -39.38
C PHE F 98 -6.14 -19.58 -40.22
N GLY F 99 -6.12 -18.78 -41.27
CA GLY F 99 -7.18 -18.81 -42.25
C GLY F 99 -7.09 -20.04 -43.13
N GLY F 100 -8.15 -20.25 -43.91
CA GLY F 100 -8.17 -21.40 -44.81
C GLY F 100 -7.03 -21.38 -45.81
N GLY F 101 -6.70 -20.20 -46.32
CA GLY F 101 -5.63 -20.06 -47.29
C GLY F 101 -6.14 -19.62 -48.64
N THR F 102 -5.42 -18.70 -49.28
CA THR F 102 -5.78 -18.19 -50.60
C THR F 102 -4.66 -18.54 -51.57
N ARG F 103 -4.95 -19.42 -52.52
CA ARG F 103 -3.99 -19.80 -53.56
C ARG F 103 -4.17 -18.87 -54.75
N LEU F 104 -3.19 -18.00 -54.97
CA LEU F 104 -3.22 -17.01 -56.04
C LEU F 104 -2.39 -17.53 -57.20
N GLU F 105 -3.01 -17.62 -58.37
CA GLU F 105 -2.34 -18.12 -59.57
C GLU F 105 -2.14 -17.02 -60.59
N ILE G 1 35.78 5.70 -2.32
CA ILE G 1 36.06 4.80 -1.20
C ILE G 1 35.55 3.41 -1.54
N LEU G 2 34.47 3.35 -2.32
CA LEU G 2 33.97 2.08 -2.82
C LEU G 2 34.86 1.58 -3.95
N HIS G 3 35.26 0.31 -3.87
CA HIS G 3 36.09 -0.28 -4.91
C HIS G 3 35.18 -0.70 -6.06
N TYR G 4 34.93 0.24 -6.96
CA TYR G 4 33.95 0.02 -8.02
C TYR G 4 34.38 -1.07 -8.99
N GLU G 5 35.69 -1.21 -9.24
CA GLU G 5 36.17 -2.28 -10.10
C GLU G 5 35.84 -3.65 -9.52
N LYS G 6 36.23 -3.87 -8.25
CA LYS G 6 35.97 -5.15 -7.61
C LYS G 6 34.47 -5.38 -7.40
N LEU G 7 33.72 -4.32 -7.09
CA LEU G 7 32.28 -4.46 -6.96
C LEU G 7 31.65 -4.87 -8.28
N SER G 8 32.08 -4.26 -9.38
CA SER G 8 31.54 -4.63 -10.69
C SER G 8 31.95 -6.05 -11.06
N LYS G 9 33.12 -6.51 -10.60
CA LYS G 9 33.52 -7.88 -10.87
C LYS G 9 32.60 -8.89 -10.21
N ILE G 10 31.92 -8.50 -9.13
CA ILE G 10 30.95 -9.39 -8.49
C ILE G 10 29.54 -8.89 -8.74
N GLY G 11 29.36 -8.16 -9.84
CA GLY G 11 28.06 -7.78 -10.32
C GLY G 11 27.52 -6.46 -9.81
N LEU G 12 28.23 -5.80 -8.91
CA LEU G 12 27.75 -4.52 -8.37
C LEU G 12 28.22 -3.43 -9.33
N VAL G 13 27.49 -3.27 -10.42
CA VAL G 13 27.85 -2.32 -11.46
C VAL G 13 27.53 -0.91 -10.98
N LYS G 14 28.52 -0.02 -11.09
CA LYS G 14 28.36 1.35 -10.61
C LYS G 14 27.26 2.06 -11.38
N GLY G 15 26.22 2.46 -10.65
CA GLY G 15 25.10 3.17 -11.24
C GLY G 15 25.24 4.67 -11.13
N VAL G 16 24.10 5.35 -11.07
CA VAL G 16 24.08 6.81 -11.04
C VAL G 16 24.40 7.28 -9.63
N THR G 17 25.40 8.17 -9.53
CA THR G 17 25.74 8.79 -8.26
C THR G 17 24.78 9.96 -8.01
N ARG G 18 24.15 9.96 -6.84
CA ARG G 18 23.13 10.94 -6.51
C ARG G 18 23.54 11.72 -5.27
N LYS G 19 23.18 13.01 -5.26
CA LYS G 19 23.41 13.84 -4.09
C LYS G 19 22.27 13.67 -3.10
N TYR G 20 22.58 13.91 -1.83
CA TYR G 20 21.68 13.59 -0.73
C TYR G 20 20.99 14.88 -0.26
N LYS G 21 19.67 14.92 -0.38
CA LYS G 21 18.88 16.09 -0.02
C LYS G 21 17.86 15.72 1.05
N ILE G 22 17.71 16.59 2.04
CA ILE G 22 16.75 16.41 3.12
C ILE G 22 16.00 17.73 3.29
N LYS G 23 14.70 17.63 3.59
CA LYS G 23 13.89 18.82 3.80
C LYS G 23 14.44 19.66 4.94
N SER G 24 14.34 20.97 4.78
CA SER G 24 14.78 21.90 5.80
C SER G 24 14.06 23.23 5.59
N ASN G 25 14.05 24.05 6.64
CA ASN G 25 13.53 25.41 6.58
C ASN G 25 12.09 25.47 6.07
N PRO G 26 11.13 24.91 6.81
CA PRO G 26 9.75 24.89 6.32
C PRO G 26 9.10 26.26 6.37
N LEU G 27 8.53 26.67 5.23
CA LEU G 27 7.64 27.82 5.20
C LEU G 27 6.25 27.36 5.60
N THR G 28 5.70 27.98 6.63
CA THR G 28 4.43 27.54 7.22
C THR G 28 3.29 28.38 6.68
N LYS G 29 2.28 27.73 6.11
CA LYS G 29 1.07 28.36 5.64
C LYS G 29 -0.12 27.67 6.27
N ASP G 30 -1.05 28.46 6.79
CA ASP G 30 -2.24 27.95 7.46
C ASP G 30 -3.44 28.07 6.54
N ILE G 31 -4.16 26.97 6.37
CA ILE G 31 -5.33 26.93 5.50
C ILE G 31 -6.47 26.28 6.26
N VAL G 32 -7.69 26.68 5.91
CA VAL G 32 -8.89 26.14 6.51
C VAL G 32 -9.50 25.14 5.55
N ILE G 33 -9.70 23.92 6.01
CA ILE G 33 -10.44 22.91 5.26
C ILE G 33 -11.78 22.72 5.96
N LYS G 34 -12.83 23.32 5.42
CA LYS G 34 -14.16 23.13 5.99
C LYS G 34 -14.68 21.77 5.54
N MET G 35 -14.75 20.85 6.49
CA MET G 35 -15.06 19.45 6.21
C MET G 35 -16.55 19.21 6.02
N ILE G 36 -17.34 20.27 5.91
CA ILE G 36 -18.78 20.18 5.72
C ILE G 36 -19.20 21.15 4.62
N PRO G 37 -19.98 20.72 3.64
CA PRO G 37 -20.41 21.62 2.58
C PRO G 37 -21.52 22.56 3.03
N ASN G 38 -21.62 23.67 2.31
CA ASN G 38 -22.68 24.65 2.54
C ASN G 38 -23.86 24.29 1.64
N VAL G 39 -24.95 23.85 2.26
CA VAL G 39 -26.13 23.41 1.53
C VAL G 39 -27.24 24.46 1.58
N SER G 40 -26.90 25.72 1.82
CA SER G 40 -27.91 26.77 1.93
C SER G 40 -28.66 27.01 0.64
N ASN G 41 -28.02 26.82 -0.51
CA ASN G 41 -28.69 26.99 -1.80
C ASN G 41 -29.62 25.83 -2.14
N MET G 42 -29.57 24.74 -1.36
CA MET G 42 -30.39 23.57 -1.59
C MET G 42 -30.94 23.01 -0.28
N SER G 43 -31.08 23.88 0.73
CA SER G 43 -31.54 23.43 2.04
C SER G 43 -33.03 23.12 2.07
N GLN G 44 -33.76 23.40 0.98
CA GLN G 44 -35.20 23.27 0.99
C GLN G 44 -35.65 21.82 1.23
N CYS G 45 -34.89 20.85 0.72
CA CYS G 45 -35.28 19.45 0.87
C CYS G 45 -34.04 18.62 1.23
N THR G 46 -33.21 19.18 2.12
CA THR G 46 -32.01 18.48 2.57
C THR G 46 -32.33 17.37 3.57
N GLY G 47 -33.40 17.54 4.34
CA GLY G 47 -33.76 16.50 5.31
C GLY G 47 -32.79 16.46 6.47
N SER G 48 -32.67 15.27 7.07
CA SER G 48 -31.79 15.05 8.20
C SER G 48 -30.41 14.53 7.80
N VAL G 49 -30.07 14.64 6.51
CA VAL G 49 -28.79 14.14 6.03
C VAL G 49 -27.65 14.93 6.65
N MET G 50 -27.76 16.25 6.69
CA MET G 50 -26.68 17.06 7.24
C MET G 50 -26.52 16.85 8.74
N GLU G 51 -27.61 16.60 9.47
CA GLU G 51 -27.50 16.35 10.89
C GLU G 51 -26.76 15.04 11.17
N ASN G 52 -27.10 13.98 10.43
CA ASN G 52 -26.40 12.72 10.59
C ASN G 52 -24.94 12.85 10.20
N TYR G 53 -24.68 13.59 9.12
CA TYR G 53 -23.30 13.83 8.70
C TYR G 53 -22.53 14.60 9.76
N LYS G 54 -23.16 15.60 10.38
CA LYS G 54 -22.52 16.33 11.45
C LYS G 54 -22.22 15.43 12.64
N THR G 55 -23.15 14.55 12.99
CA THR G 55 -22.91 13.61 14.08
C THR G 55 -21.70 12.72 13.79
N ARG G 56 -21.66 12.15 12.59
CA ARG G 56 -20.55 11.26 12.23
C ARG G 56 -19.23 12.02 12.17
N LEU G 57 -19.24 13.22 11.59
CA LEU G 57 -18.01 13.99 11.47
C LEU G 57 -17.54 14.49 12.83
N ASN G 58 -18.46 14.83 13.72
CA ASN G 58 -18.09 15.19 15.08
C ASN G 58 -17.46 14.00 15.80
N GLY G 59 -18.04 12.81 15.62
CA GLY G 59 -17.42 11.63 16.19
C GLY G 59 -16.03 11.36 15.65
N ILE G 60 -15.81 11.67 14.37
CA ILE G 60 -14.48 11.49 13.79
C ILE G 60 -13.51 12.53 14.32
N LEU G 61 -13.95 13.78 14.43
CA LEU G 61 -13.04 14.89 14.72
C LEU G 61 -12.79 15.07 16.21
N THR G 62 -13.67 14.57 17.07
CA THR G 62 -13.48 14.74 18.51
C THR G 62 -12.18 14.14 19.03
N PRO G 63 -11.78 12.92 18.66
CA PRO G 63 -10.47 12.44 19.12
C PRO G 63 -9.32 13.33 18.68
N ILE G 64 -9.38 13.88 17.47
CA ILE G 64 -8.33 14.77 16.99
C ILE G 64 -8.27 16.04 17.84
N LYS G 65 -9.44 16.64 18.09
CA LYS G 65 -9.46 17.86 18.90
C LYS G 65 -9.02 17.59 20.33
N GLY G 66 -9.38 16.43 20.88
CA GLY G 66 -8.92 16.09 22.22
C GLY G 66 -7.42 15.89 22.28
N ALA G 67 -6.85 15.19 21.28
CA ALA G 67 -5.41 14.99 21.25
C ALA G 67 -4.68 16.32 21.11
N LEU G 68 -5.22 17.23 20.28
CA LEU G 68 -4.62 18.56 20.18
C LEU G 68 -4.73 19.32 21.50
N GLU G 69 -5.89 19.27 22.14
CA GLU G 69 -6.10 19.98 23.40
C GLU G 69 -5.23 19.43 24.52
N ILE G 70 -4.76 18.19 24.40
CA ILE G 70 -3.78 17.68 25.36
C ILE G 70 -2.56 18.58 25.39
N TYR G 71 -2.14 19.08 24.23
CA TYR G 71 -1.00 19.99 24.17
C TYR G 71 -1.40 21.45 24.30
N LYS G 72 -2.54 21.84 23.73
CA LYS G 72 -2.99 23.22 23.80
C LYS G 72 -3.28 23.66 25.23
N ASN G 73 -3.61 22.73 26.12
CA ASN G 73 -3.88 23.05 27.52
C ASN G 73 -2.68 22.85 28.42
N ASN G 74 -1.62 22.22 27.93
CA ASN G 74 -0.41 21.98 28.72
C ASN G 74 0.81 22.70 28.12
N THR G 75 0.58 23.68 27.26
CA THR G 75 1.65 24.44 26.63
C THR G 75 1.46 25.91 26.95
N HIS G 76 2.49 26.54 27.50
CA HIS G 76 2.44 27.92 27.93
C HIS G 76 3.73 28.63 27.53
N ASP G 77 3.64 29.94 27.33
CA ASP G 77 4.82 30.76 27.09
C ASP G 77 5.47 31.13 28.41
N LEU G 78 6.73 31.56 28.35
CA LEU G 78 7.44 32.01 29.55
C LEU G 78 6.74 33.20 30.19
N GLY G 86 10.27 31.39 23.80
CA GLY G 86 10.08 30.77 25.10
C GLY G 86 8.71 30.15 25.28
N VAL G 87 8.66 28.82 25.22
CA VAL G 87 7.42 28.07 25.30
C VAL G 87 7.61 26.91 26.27
N ILE G 88 6.72 26.82 27.26
CA ILE G 88 6.79 25.81 28.31
C ILE G 88 5.73 24.75 28.04
N MET G 89 6.07 23.49 28.30
CA MET G 89 5.08 22.42 28.39
C MET G 89 5.08 21.80 29.77
N ALA G 90 3.87 21.52 30.28
CA ALA G 90 3.73 20.74 31.49
C ALA G 90 3.98 19.27 31.19
N GLY G 91 5.21 18.81 31.40
CA GLY G 91 5.52 17.41 31.15
C GLY G 91 4.71 16.45 31.98
N VAL G 92 4.36 16.86 33.21
CA VAL G 92 3.49 16.03 34.04
C VAL G 92 2.11 15.89 33.40
N ALA G 93 1.55 17.00 32.91
CA ALA G 93 0.24 16.92 32.27
C ALA G 93 0.29 16.18 30.95
N ILE G 94 1.35 16.39 30.17
CA ILE G 94 1.55 15.58 28.97
C ILE G 94 1.81 14.12 29.35
N GLY G 95 2.64 13.91 30.36
CA GLY G 95 2.87 12.58 30.90
C GLY G 95 3.83 11.75 30.07
N ILE G 96 3.36 11.28 28.92
CA ILE G 96 4.16 10.45 28.02
C ILE G 96 4.15 11.08 26.65
N ALA G 97 5.34 11.28 26.09
CA ALA G 97 5.47 11.87 24.76
C ALA G 97 6.85 11.57 24.20
N THR G 98 6.92 11.50 22.88
CA THR G 98 8.19 11.37 22.19
C THR G 98 8.74 12.74 21.86
N ALA G 99 10.03 12.79 21.52
CA ALA G 99 10.66 14.06 21.16
C ALA G 99 9.99 14.68 19.96
N ALA G 100 9.69 13.88 18.94
CA ALA G 100 9.01 14.39 17.76
C ALA G 100 7.65 14.97 18.13
N GLN G 101 6.92 14.29 19.02
CA GLN G 101 5.59 14.76 19.41
C GLN G 101 5.69 16.04 20.25
N ILE G 102 6.76 16.18 21.04
CA ILE G 102 6.93 17.40 21.82
C ILE G 102 7.27 18.58 20.93
N THR G 103 8.19 18.39 19.99
CA THR G 103 8.48 19.48 19.04
C THR G 103 7.26 19.80 18.19
N ALA G 104 6.45 18.80 17.86
CA ALA G 104 5.22 19.04 17.13
C ALA G 104 4.20 19.81 17.97
N GLY G 105 4.16 19.56 19.28
CA GLY G 105 3.34 20.37 20.16
C GLY G 105 3.82 21.80 20.23
N VAL G 106 5.13 22.00 20.22
CA VAL G 106 5.68 23.36 20.15
C VAL G 106 5.21 24.05 18.87
N ALA G 107 5.31 23.34 17.74
CA ALA G 107 4.86 23.90 16.48
C ALA G 107 3.36 24.19 16.51
N LEU G 108 2.58 23.33 17.15
CA LEU G 108 1.15 23.56 17.30
C LEU G 108 0.88 24.83 18.11
N TYR G 109 1.64 25.03 19.18
CA TYR G 109 1.46 26.22 20.00
C TYR G 109 1.82 27.49 19.24
N GLU G 110 2.93 27.46 18.49
CA GLU G 110 3.28 28.63 17.68
C GLU G 110 2.23 28.94 16.63
N ALA G 111 1.49 27.93 16.18
CA ALA G 111 0.43 28.12 15.20
C ALA G 111 -0.89 28.53 15.82
N MET G 112 -0.97 28.60 17.16
CA MET G 112 -2.21 28.94 17.82
C MET G 112 -2.59 30.40 17.67
N LYS G 113 -1.61 31.30 17.51
CA LYS G 113 -1.93 32.71 17.31
C LYS G 113 -2.66 32.91 15.99
N ASN G 114 -2.10 32.40 14.90
CA ASN G 114 -2.79 32.48 13.61
C ASN G 114 -4.07 31.67 13.62
N ALA G 115 -4.11 30.58 14.40
CA ALA G 115 -5.35 29.81 14.52
C ALA G 115 -6.45 30.64 15.14
N ASP G 116 -6.14 31.40 16.19
CA ASP G 116 -7.13 32.29 16.80
C ASP G 116 -7.53 33.40 15.85
N ASN G 117 -6.55 33.96 15.12
CA ASN G 117 -6.87 35.00 14.14
C ASN G 117 -7.83 34.48 13.08
N ILE G 118 -7.63 33.23 12.65
CA ILE G 118 -8.53 32.64 11.66
C ILE G 118 -9.90 32.35 12.28
N ASN G 119 -9.91 31.79 13.49
CA ASN G 119 -11.16 31.45 14.16
C ASN G 119 -11.99 32.68 14.48
N LYS G 120 -11.37 33.87 14.49
CA LYS G 120 -12.16 35.10 14.55
C LYS G 120 -13.08 35.23 13.34
N LEU G 121 -12.81 34.50 12.26
CA LEU G 121 -13.66 34.46 11.08
C LEU G 121 -14.51 33.19 11.01
N LYS G 122 -14.98 32.70 12.16
CA LYS G 122 -15.77 31.47 12.19
C LYS G 122 -17.06 31.62 11.38
N SER G 123 -17.74 32.75 11.54
CA SER G 123 -18.99 32.99 10.81
C SER G 123 -18.74 33.03 9.31
N SER G 124 -17.67 33.69 8.87
CA SER G 124 -17.34 33.73 7.45
C SER G 124 -16.92 32.38 6.91
N ILE G 125 -16.25 31.56 7.72
CA ILE G 125 -15.93 30.20 7.31
C ILE G 125 -17.20 29.38 7.12
N GLU G 126 -18.17 29.51 8.03
CA GLU G 126 -19.43 28.79 7.90
C GLU G 126 -20.23 29.20 6.67
N SER G 127 -20.11 30.45 6.22
CA SER G 127 -20.86 30.94 5.08
C SER G 127 -20.15 30.70 3.75
N THR G 128 -19.02 30.00 3.78
CA THR G 128 -18.26 29.70 2.56
C THR G 128 -19.07 28.78 1.66
N ASN G 129 -19.56 29.32 0.54
CA ASN G 129 -20.40 28.57 -0.39
C ASN G 129 -19.66 28.20 -1.67
N GLU G 130 -18.32 28.26 -1.65
CA GLU G 130 -17.51 27.80 -2.77
C GLU G 130 -16.41 26.91 -2.23
N ALA G 131 -15.96 25.97 -3.06
CA ALA G 131 -14.95 25.01 -2.61
C ALA G 131 -13.65 25.68 -2.22
N VAL G 132 -13.33 26.82 -2.84
CA VAL G 132 -12.16 27.62 -2.48
C VAL G 132 -12.61 29.06 -2.32
N VAL G 133 -12.43 29.61 -1.12
CA VAL G 133 -12.80 30.99 -0.83
C VAL G 133 -11.68 31.64 -0.02
N LYS G 134 -11.32 32.86 -0.39
CA LYS G 134 -10.34 33.65 0.34
C LYS G 134 -11.07 34.55 1.33
N LEU G 135 -10.65 34.51 2.58
CA LEU G 135 -11.27 35.29 3.64
C LEU G 135 -10.26 36.30 4.17
N GLN G 136 -10.75 37.50 4.51
CA GLN G 136 -9.90 38.59 4.98
C GLN G 136 -9.74 38.46 6.49
N GLU G 137 -8.57 37.99 6.94
CA GLU G 137 -8.32 37.85 8.37
C GLU G 137 -8.32 39.21 9.06
N THR G 138 -7.35 40.06 8.70
CA THR G 138 -7.19 41.35 9.38
C THR G 138 -6.91 42.46 8.35
N ALA G 139 -7.56 42.40 7.20
CA ALA G 139 -7.48 43.42 6.16
C ALA G 139 -6.10 43.47 5.51
N GLU G 140 -5.16 42.67 6.02
CA GLU G 140 -3.84 42.53 5.42
C GLU G 140 -3.35 41.10 5.38
N LYS G 141 -3.96 40.19 6.15
CA LYS G 141 -3.69 38.76 6.09
C LYS G 141 -4.95 38.07 5.56
N THR G 142 -4.77 37.09 4.70
CA THR G 142 -5.87 36.35 4.12
C THR G 142 -5.75 34.87 4.45
N VAL G 143 -6.90 34.25 4.72
CA VAL G 143 -6.98 32.82 4.96
C VAL G 143 -7.89 32.21 3.92
N TYR G 144 -7.58 30.98 3.53
CA TYR G 144 -8.29 30.28 2.48
C TYR G 144 -9.10 29.14 3.08
N VAL G 145 -10.34 29.00 2.63
CA VAL G 145 -11.24 27.95 3.10
C VAL G 145 -11.41 26.95 1.97
N LEU G 146 -11.05 25.70 2.23
CA LEU G 146 -11.30 24.60 1.30
C LEU G 146 -12.48 23.80 1.82
N THR G 147 -13.64 23.99 1.19
CA THR G 147 -14.86 23.32 1.61
C THR G 147 -14.99 22.00 0.88
N ALA G 148 -14.95 20.89 1.62
CA ALA G 148 -15.12 19.58 1.04
C ALA G 148 -16.52 19.43 0.47
N LEU G 149 -16.61 18.88 -0.74
CA LEU G 149 -17.84 18.56 -1.47
C LEU G 149 -18.63 19.79 -1.88
N GLN G 150 -18.18 21.00 -1.57
CA GLN G 150 -18.89 22.19 -2.04
C GLN G 150 -18.90 22.26 -3.56
N ASP G 151 -17.80 21.85 -4.19
CA ASP G 151 -17.76 21.78 -5.64
C ASP G 151 -18.85 20.84 -6.16
N TYR G 152 -18.98 19.66 -5.55
CA TYR G 152 -20.02 18.73 -5.95
C TYR G 152 -21.41 19.32 -5.76
N ILE G 153 -21.65 19.95 -4.61
CA ILE G 153 -22.97 20.52 -4.36
C ILE G 153 -23.31 21.55 -5.42
N ASN G 154 -22.41 22.51 -5.64
CA ASN G 154 -22.69 23.63 -6.53
C ASN G 154 -22.74 23.20 -7.99
N THR G 155 -22.00 22.15 -8.35
CA THR G 155 -21.89 21.77 -9.75
C THR G 155 -22.92 20.72 -10.16
N ASN G 156 -23.38 19.89 -9.24
CA ASN G 156 -24.28 18.79 -9.55
C ASN G 156 -25.65 18.95 -8.89
N LEU G 157 -25.70 19.28 -7.60
CA LEU G 157 -26.95 19.17 -6.87
C LEU G 157 -27.79 20.45 -6.99
N VAL G 158 -27.16 21.61 -6.79
CA VAL G 158 -27.90 22.87 -6.93
C VAL G 158 -28.45 23.07 -8.33
N PRO G 159 -27.70 22.84 -9.42
CA PRO G 159 -28.30 23.02 -10.76
C PRO G 159 -29.44 22.07 -11.06
N THR G 160 -29.56 20.95 -10.34
CA THR G 160 -30.57 19.93 -10.62
C THR G 160 -31.58 19.78 -9.48
N ILE G 161 -32.04 20.88 -8.89
CA ILE G 161 -33.02 20.78 -7.81
C ILE G 161 -34.36 20.31 -8.34
N ASP G 162 -34.84 20.91 -9.42
CA ASP G 162 -36.16 20.59 -9.96
C ASP G 162 -36.09 19.52 -11.05
N LYS G 163 -34.89 19.16 -11.50
CA LYS G 163 -34.75 18.15 -12.53
C LYS G 163 -35.01 16.76 -11.96
N ILE G 164 -34.50 16.50 -10.76
CA ILE G 164 -34.80 15.28 -10.01
C ILE G 164 -35.65 15.69 -8.82
N SER G 165 -36.42 14.74 -8.29
CA SER G 165 -37.17 15.00 -7.08
C SER G 165 -36.20 15.31 -5.94
N CYS G 166 -36.60 16.21 -5.04
CA CYS G 166 -35.67 16.68 -4.04
C CYS G 166 -35.23 15.56 -3.11
N LYS G 167 -36.01 14.48 -3.02
CA LYS G 167 -35.56 13.30 -2.30
C LYS G 167 -34.33 12.69 -2.98
N GLN G 168 -34.30 12.71 -4.31
CA GLN G 168 -33.11 12.25 -5.02
C GLN G 168 -31.91 13.15 -4.72
N THR G 169 -32.14 14.46 -4.63
CA THR G 169 -31.06 15.38 -4.25
C THR G 169 -30.57 15.07 -2.84
N GLU G 170 -31.50 14.82 -1.92
CA GLU G 170 -31.14 14.44 -0.55
C GLU G 170 -30.30 13.17 -0.52
N LEU G 171 -30.73 12.15 -1.28
CA LEU G 171 -30.00 10.88 -1.30
C LEU G 171 -28.62 11.06 -1.92
N SER G 172 -28.53 11.85 -2.99
CA SER G 172 -27.23 12.11 -3.62
C SER G 172 -26.30 12.86 -2.68
N LEU G 173 -26.84 13.84 -1.94
CA LEU G 173 -26.04 14.55 -0.95
C LEU G 173 -25.55 13.59 0.14
N ASP G 174 -26.43 12.72 0.62
CA ASP G 174 -26.03 11.75 1.64
C ASP G 174 -24.95 10.83 1.12
N LEU G 175 -25.08 10.38 -0.14
CA LEU G 175 -24.09 9.50 -0.73
C LEU G 175 -22.75 10.21 -0.90
N ALA G 176 -22.77 11.47 -1.32
CA ALA G 176 -21.54 12.23 -1.47
C ALA G 176 -20.85 12.42 -0.12
N LEU G 177 -21.63 12.78 0.91
CA LEU G 177 -21.06 12.95 2.24
C LEU G 177 -20.49 11.64 2.76
N SER G 178 -21.18 10.52 2.52
CA SER G 178 -20.70 9.24 3.01
C SER G 178 -19.46 8.77 2.25
N LYS G 179 -19.39 9.04 0.94
CA LYS G 179 -18.18 8.74 0.20
C LYS G 179 -17.01 9.59 0.70
N TYR G 180 -17.26 10.86 1.00
CA TYR G 180 -16.23 11.72 1.56
C TYR G 180 -15.75 11.17 2.91
N LEU G 181 -16.69 10.73 3.76
CA LEU G 181 -16.31 10.15 5.04
C LEU G 181 -15.54 8.85 4.87
N SER G 182 -15.94 8.02 3.90
CA SER G 182 -15.23 6.77 3.65
C SER G 182 -13.79 7.01 3.24
N ASP G 183 -13.58 7.98 2.35
CA ASP G 183 -12.21 8.35 1.99
C ASP G 183 -11.49 9.01 3.16
N LEU G 184 -12.25 9.72 3.99
CA LEU G 184 -11.70 10.43 5.14
C LEU G 184 -11.12 9.48 6.18
N LEU G 185 -11.85 8.40 6.47
CA LEU G 185 -11.58 7.63 7.69
C LEU G 185 -10.22 6.93 7.64
N PHE G 186 -9.69 6.66 6.46
CA PHE G 186 -8.36 6.06 6.37
C PHE G 186 -7.29 6.99 6.90
N VAL G 187 -7.57 8.29 6.93
CA VAL G 187 -6.57 9.30 7.27
C VAL G 187 -6.89 10.01 8.58
N PHE G 188 -8.12 10.52 8.71
CA PHE G 188 -8.54 11.28 9.89
C PHE G 188 -9.29 10.42 10.88
N GLY G 189 -9.30 9.11 10.70
CA GLY G 189 -10.00 8.23 11.62
C GLY G 189 -9.10 7.80 12.77
N PRO G 190 -9.39 6.64 13.35
CA PRO G 190 -8.56 6.13 14.45
C PRO G 190 -7.11 5.88 14.08
N ASN G 191 -6.77 5.82 12.79
CA ASN G 191 -5.35 5.79 12.41
C ASN G 191 -4.64 7.06 12.87
N LEU G 192 -5.36 8.19 12.90
CA LEU G 192 -4.80 9.47 13.32
C LEU G 192 -4.83 9.54 14.85
N GLN G 193 -3.90 8.84 15.47
CA GLN G 193 -3.73 8.89 16.93
C GLN G 193 -2.73 9.94 17.37
N ASP G 194 -1.96 10.52 16.45
CA ASP G 194 -1.00 11.57 16.76
C ASP G 194 -1.20 12.71 15.77
N PRO G 195 -2.32 13.43 15.86
CA PRO G 195 -2.50 14.62 15.01
C PRO G 195 -1.54 15.74 15.36
N VAL G 196 -0.92 15.69 16.54
CA VAL G 196 0.03 16.73 16.93
C VAL G 196 1.23 16.72 16.00
N SER G 197 1.72 15.54 15.61
CA SER G 197 2.90 15.43 14.78
C SER G 197 2.72 16.16 13.46
N ASN G 198 3.70 16.99 13.12
CA ASN G 198 3.78 17.61 11.79
C ASN G 198 4.65 16.79 10.85
N SER G 199 4.37 15.50 10.76
CA SER G 199 5.01 14.62 9.80
C SER G 199 4.00 14.03 8.81
N MET G 200 2.71 14.25 9.04
CA MET G 200 1.67 13.80 8.15
C MET G 200 1.68 14.64 6.88
N THR G 201 1.71 13.98 5.73
CA THR G 201 1.91 14.66 4.46
C THR G 201 0.68 15.47 4.09
N ILE G 202 0.88 16.49 3.24
CA ILE G 202 -0.22 17.29 2.74
C ILE G 202 -1.14 16.47 1.85
N GLN G 203 -0.62 15.40 1.23
CA GLN G 203 -1.47 14.51 0.45
C GLN G 203 -2.49 13.81 1.35
N ALA G 204 -2.06 13.36 2.53
CA ALA G 204 -2.99 12.79 3.50
C ALA G 204 -3.93 13.85 4.05
N ILE G 205 -3.40 15.04 4.34
CA ILE G 205 -4.24 16.14 4.82
C ILE G 205 -5.36 16.44 3.83
N SER G 206 -5.04 16.40 2.53
CA SER G 206 -5.99 16.77 1.49
C SER G 206 -7.18 15.85 1.39
N GLN G 207 -7.14 14.68 2.04
CA GLN G 207 -8.34 13.84 2.09
C GLN G 207 -9.49 14.58 2.74
N ALA G 208 -9.20 15.53 3.63
CA ALA G 208 -10.23 16.42 4.14
C ALA G 208 -10.83 17.29 3.05
N PHE G 209 -10.09 17.51 1.96
CA PHE G 209 -10.60 18.22 0.79
C PHE G 209 -10.87 17.28 -0.38
N GLY G 210 -11.00 15.98 -0.10
CA GLY G 210 -11.21 15.01 -1.15
C GLY G 210 -9.96 14.55 -1.85
N GLY G 211 -8.80 14.63 -1.19
CA GLY G 211 -7.55 14.23 -1.80
C GLY G 211 -6.98 15.19 -2.80
N ASN G 212 -7.57 16.39 -2.94
CA ASN G 212 -7.14 17.37 -3.93
C ASN G 212 -6.10 18.30 -3.31
N TYR G 213 -4.90 17.75 -3.10
CA TYR G 213 -3.81 18.56 -2.58
C TYR G 213 -3.26 19.53 -3.62
N GLU G 214 -3.49 19.28 -4.91
CA GLU G 214 -3.07 20.22 -5.94
C GLU G 214 -3.76 21.56 -5.74
N THR G 215 -5.08 21.55 -5.54
CA THR G 215 -5.81 22.78 -5.27
C THR G 215 -5.30 23.45 -4.00
N LEU G 216 -5.10 22.67 -2.94
CA LEU G 216 -4.63 23.21 -1.67
C LEU G 216 -3.30 23.94 -1.85
N LEU G 217 -2.33 23.28 -2.46
CA LEU G 217 -0.99 23.86 -2.56
C LEU G 217 -0.96 25.03 -3.54
N ARG G 218 -1.66 24.92 -4.68
CA ARG G 218 -1.70 26.04 -5.61
C ARG G 218 -2.42 27.24 -5.00
N THR G 219 -3.40 26.98 -4.12
CA THR G 219 -4.12 28.07 -3.48
C THR G 219 -3.26 28.75 -2.42
N LEU G 220 -2.55 27.96 -1.63
CA LEU G 220 -1.63 28.54 -0.65
C LEU G 220 -0.47 29.24 -1.34
N GLY G 221 0.05 28.65 -2.41
CA GLY G 221 1.22 29.20 -3.08
C GLY G 221 2.49 28.53 -2.59
N TYR G 222 3.46 28.34 -3.48
CA TYR G 222 4.67 27.63 -3.12
C TYR G 222 5.79 28.04 -4.06
N ALA G 223 7.01 27.76 -3.64
CA ALA G 223 8.16 27.87 -4.54
C ALA G 223 8.14 26.70 -5.50
N THR G 224 8.09 27.00 -6.80
CA THR G 224 8.06 25.95 -7.80
C THR G 224 9.34 25.14 -7.83
N GLU G 225 10.42 25.65 -7.26
CA GLU G 225 11.68 24.92 -7.22
C GLU G 225 11.55 23.69 -6.33
N ASP G 226 11.77 22.51 -6.91
CA ASP G 226 11.76 21.23 -6.20
C ASP G 226 10.39 20.92 -5.60
N PHE G 227 9.34 21.55 -6.09
CA PHE G 227 8.01 21.39 -5.47
C PHE G 227 7.52 19.95 -5.59
N ASP G 228 7.57 19.39 -6.80
CA ASP G 228 7.16 18.00 -6.98
C ASP G 228 8.07 17.04 -6.22
N ASP G 229 9.37 17.34 -6.22
CA ASP G 229 10.31 16.51 -5.47
C ASP G 229 10.05 16.57 -3.97
N LEU G 230 9.60 17.72 -3.47
CA LEU G 230 9.24 17.82 -2.06
C LEU G 230 7.91 17.12 -1.78
N LEU G 231 6.99 17.12 -2.75
CA LEU G 231 5.74 16.39 -2.59
C LEU G 231 5.98 14.89 -2.49
N GLU G 232 6.72 14.32 -3.45
CA GLU G 232 6.84 12.88 -3.50
C GLU G 232 7.88 12.33 -2.53
N SER G 233 8.64 13.19 -1.87
CA SER G 233 9.51 12.77 -0.78
C SER G 233 8.82 12.85 0.57
N ASP G 234 7.53 13.17 0.58
CA ASP G 234 6.76 13.34 1.82
C ASP G 234 7.37 14.43 2.69
N SER G 235 7.79 15.52 2.06
CA SER G 235 8.39 16.65 2.75
C SER G 235 7.41 17.79 2.97
N ILE G 236 6.42 17.95 2.10
CA ILE G 236 5.39 18.96 2.31
C ILE G 236 4.35 18.36 3.25
N THR G 237 4.57 18.53 4.55
CA THR G 237 3.72 17.94 5.56
C THR G 237 2.71 18.96 6.07
N GLY G 238 1.62 18.45 6.63
CA GLY G 238 0.60 19.28 7.22
C GLY G 238 0.36 18.89 8.67
N GLN G 239 0.06 19.89 9.49
CA GLN G 239 -0.27 19.67 10.89
C GLN G 239 -1.63 20.29 11.17
N ILE G 240 -2.57 19.48 11.66
CA ILE G 240 -3.86 20.02 12.07
C ILE G 240 -3.63 20.88 13.31
N ILE G 241 -3.97 22.17 13.19
CA ILE G 241 -3.73 23.12 14.25
C ILE G 241 -4.99 23.35 15.07
N TYR G 242 -6.14 23.46 14.43
CA TYR G 242 -7.39 23.70 15.12
C TYR G 242 -8.47 22.81 14.53
N VAL G 243 -9.29 22.24 15.41
CA VAL G 243 -10.46 21.46 15.02
C VAL G 243 -11.69 22.14 15.61
N ASP G 244 -12.65 22.46 14.76
CA ASP G 244 -13.92 23.03 15.20
C ASP G 244 -14.98 21.94 15.15
N LEU G 245 -15.62 21.70 16.28
CA LEU G 245 -16.67 20.69 16.37
C LEU G 245 -18.06 21.27 16.18
N SER G 246 -18.17 22.57 15.96
CA SER G 246 -19.44 23.23 15.69
C SER G 246 -19.60 23.63 14.23
N SER G 247 -18.58 24.23 13.63
CA SER G 247 -18.56 24.54 12.22
C SER G 247 -17.92 23.44 11.38
N TYR G 248 -17.32 22.44 12.03
CA TYR G 248 -16.77 21.26 11.37
C TYR G 248 -15.75 21.64 10.30
N TYR G 249 -14.73 22.39 10.74
CA TYR G 249 -13.62 22.74 9.88
C TYR G 249 -12.32 22.53 10.66
N ILE G 250 -11.25 22.28 9.93
CA ILE G 250 -9.93 22.14 10.52
C ILE G 250 -9.01 23.21 9.94
N ILE G 251 -8.11 23.71 10.78
CA ILE G 251 -7.05 24.59 10.36
C ILE G 251 -5.78 23.76 10.27
N VAL G 252 -5.18 23.72 9.10
CA VAL G 252 -3.97 22.93 8.86
C VAL G 252 -2.83 23.87 8.52
N ARG G 253 -1.75 23.80 9.28
CA ARG G 253 -0.53 24.52 8.95
C ARG G 253 0.29 23.64 8.01
N VAL G 254 0.45 24.11 6.77
CA VAL G 254 1.17 23.36 5.75
C VAL G 254 2.61 23.83 5.73
N TYR G 255 3.54 22.89 5.91
CA TYR G 255 4.96 23.19 5.97
C TYR G 255 5.55 23.05 4.58
N PHE G 256 6.07 24.15 4.04
CA PHE G 256 6.72 24.17 2.74
C PHE G 256 8.23 24.26 2.94
N PRO G 257 8.92 23.14 3.05
CA PRO G 257 10.38 23.19 3.24
C PRO G 257 11.10 23.43 1.93
N ILE G 258 12.39 23.70 2.05
CA ILE G 258 13.30 23.73 0.91
C ILE G 258 14.18 22.50 0.98
N LEU G 259 14.94 22.27 -0.08
CA LEU G 259 15.85 21.14 -0.15
C LEU G 259 17.27 21.60 0.07
N THR G 260 17.97 20.97 1.02
CA THR G 260 19.35 21.28 1.32
C THR G 260 20.21 20.06 1.02
N GLU G 261 21.29 20.27 0.27
CA GLU G 261 22.23 19.20 -0.03
C GLU G 261 23.06 18.88 1.20
N ILE G 262 23.04 17.61 1.60
CA ILE G 262 23.81 17.19 2.78
C ILE G 262 25.29 17.26 2.47
N GLN G 263 26.05 17.85 3.38
CA GLN G 263 27.48 18.07 3.16
C GLN G 263 28.22 16.75 2.98
N GLN G 264 29.09 16.70 1.98
CA GLN G 264 30.00 15.57 1.76
C GLN G 264 29.25 14.25 1.66
N ALA G 265 28.00 14.28 1.22
CA ALA G 265 27.14 13.11 1.18
C ALA G 265 26.70 12.86 -0.25
N TYR G 266 26.98 11.67 -0.75
CA TYR G 266 26.43 11.20 -2.01
C TYR G 266 25.92 9.79 -1.81
N ILE G 267 24.89 9.43 -2.56
CA ILE G 267 24.32 8.10 -2.51
C ILE G 267 24.68 7.40 -3.81
N GLN G 268 25.49 6.35 -3.70
CA GLN G 268 25.96 5.61 -4.86
C GLN G 268 25.03 4.44 -5.13
N GLU G 269 24.40 4.46 -6.29
CA GLU G 269 23.60 3.33 -6.75
C GLU G 269 24.50 2.29 -7.38
N LEU G 270 24.28 1.04 -7.03
CA LEU G 270 24.96 -0.09 -7.64
C LEU G 270 23.94 -0.91 -8.42
N LEU G 271 24.19 -1.12 -9.71
CA LEU G 271 23.27 -1.88 -10.55
C LEU G 271 23.55 -3.35 -10.36
N PRO G 272 22.62 -4.13 -9.81
CA PRO G 272 22.91 -5.55 -9.53
C PRO G 272 22.89 -6.37 -10.82
N VAL G 273 23.96 -7.12 -11.05
CA VAL G 273 24.10 -7.96 -12.23
C VAL G 273 24.54 -9.35 -11.78
N SER G 274 23.87 -10.37 -12.30
CA SER G 274 24.27 -11.74 -11.99
C SER G 274 25.64 -12.04 -12.56
N PHE G 275 26.39 -12.88 -11.86
CA PHE G 275 27.69 -13.32 -12.31
C PHE G 275 27.79 -14.83 -12.17
N ASN G 276 28.89 -15.39 -12.68
CA ASN G 276 29.13 -16.82 -12.63
C ASN G 276 30.23 -17.14 -11.63
N ASN G 277 29.97 -18.13 -10.79
CA ASN G 277 31.00 -18.79 -9.99
C ASN G 277 30.70 -20.28 -10.05
N ASP G 278 31.75 -21.09 -10.16
CA ASP G 278 31.63 -22.53 -10.43
C ASP G 278 30.87 -22.65 -11.74
N ASN G 279 29.67 -23.23 -11.77
CA ASN G 279 28.85 -23.29 -12.97
C ASN G 279 27.43 -22.82 -12.67
N SER G 280 27.31 -21.79 -11.84
CA SER G 280 26.02 -21.29 -11.41
C SER G 280 25.99 -19.77 -11.49
N GLU G 281 24.79 -19.24 -11.65
CA GLU G 281 24.59 -17.80 -11.62
C GLU G 281 24.49 -17.32 -10.18
N TRP G 282 25.09 -16.16 -9.91
CA TRP G 282 25.10 -15.58 -8.59
C TRP G 282 24.85 -14.09 -8.67
N ILE G 283 24.08 -13.56 -7.73
CA ILE G 283 23.95 -12.13 -7.56
C ILE G 283 24.34 -11.80 -6.12
N SER G 284 25.20 -10.81 -5.98
CA SER G 284 25.75 -10.47 -4.67
C SER G 284 24.74 -9.69 -3.85
N ILE G 285 24.62 -10.04 -2.58
CA ILE G 285 23.69 -9.40 -1.67
C ILE G 285 24.42 -8.21 -1.06
N VAL G 286 24.32 -7.08 -1.75
CA VAL G 286 24.96 -5.83 -1.36
C VAL G 286 23.90 -4.75 -1.55
N PRO G 287 23.83 -3.73 -0.69
CA PRO G 287 22.80 -2.70 -0.87
C PRO G 287 22.95 -2.02 -2.22
N ASN G 288 21.81 -1.80 -2.89
CA ASN G 288 21.81 -1.16 -4.19
C ASN G 288 21.96 0.36 -4.09
N PHE G 289 21.93 0.91 -2.89
CA PHE G 289 22.05 2.35 -2.69
C PHE G 289 22.95 2.56 -1.47
N ILE G 290 24.18 3.01 -1.73
CA ILE G 290 25.19 3.19 -0.69
C ILE G 290 25.31 4.67 -0.38
N LEU G 291 25.05 5.04 0.88
CA LEU G 291 25.24 6.41 1.34
C LEU G 291 26.64 6.56 1.89
N VAL G 292 27.42 7.44 1.27
CA VAL G 292 28.74 7.80 1.74
C VAL G 292 28.69 9.25 2.21
N ARG G 293 28.95 9.47 3.49
CA ARG G 293 28.87 10.80 4.09
C ARG G 293 30.13 11.04 4.90
N ASN G 294 30.86 12.10 4.57
CA ASN G 294 32.10 12.46 5.25
C ASN G 294 33.08 11.28 5.25
N THR G 295 33.16 10.61 4.09
CA THR G 295 34.01 9.45 3.87
C THR G 295 33.68 8.27 4.78
N LEU G 296 32.45 8.22 5.29
CA LEU G 296 31.96 7.08 6.05
C LEU G 296 30.84 6.40 5.28
N ILE G 297 30.94 5.09 5.13
CA ILE G 297 29.96 4.32 4.35
C ILE G 297 28.87 3.84 5.29
N SER G 298 27.62 4.00 4.87
CA SER G 298 26.48 3.53 5.64
C SER G 298 25.36 3.17 4.69
N ASN G 299 24.40 2.40 5.20
CA ASN G 299 23.20 2.12 4.45
C ASN G 299 22.26 3.33 4.49
N ILE G 300 21.17 3.22 3.73
CA ILE G 300 20.12 4.23 3.78
C ILE G 300 18.80 3.55 3.47
N GLU G 301 17.77 3.85 4.27
CA GLU G 301 16.42 3.36 4.02
C GLU G 301 15.83 4.22 2.90
N ILE G 302 16.26 3.91 1.67
CA ILE G 302 15.90 4.74 0.53
C ILE G 302 14.48 4.52 0.06
N GLY G 303 13.80 3.49 0.57
CA GLY G 303 12.38 3.33 0.29
C GLY G 303 11.54 4.47 0.82
N PHE G 304 11.94 5.07 1.94
CA PHE G 304 11.25 6.23 2.49
C PHE G 304 11.58 7.52 1.73
N CYS G 305 12.58 7.49 0.86
CA CYS G 305 13.01 8.66 0.12
C CYS G 305 12.49 8.63 -1.30
N LEU G 306 12.55 9.78 -1.96
CA LEU G 306 12.22 9.90 -3.37
C LEU G 306 13.53 9.91 -4.16
N ILE G 307 13.76 8.85 -4.92
CA ILE G 307 14.94 8.74 -5.76
C ILE G 307 14.66 9.53 -7.04
N THR G 308 15.53 10.47 -7.35
CA THR G 308 15.45 11.28 -8.57
C THR G 308 16.70 11.02 -9.39
N LYS G 309 16.66 11.37 -10.67
CA LYS G 309 17.78 11.07 -11.57
C LYS G 309 19.10 11.65 -11.04
N ARG G 310 19.03 12.79 -10.36
CA ARG G 310 20.23 13.47 -9.88
C ARG G 310 20.41 13.41 -8.37
N SER G 311 19.34 13.23 -7.60
CA SER G 311 19.41 13.31 -6.16
C SER G 311 18.46 12.31 -5.52
N VAL G 312 18.78 11.91 -4.30
CA VAL G 312 17.86 11.16 -3.45
C VAL G 312 17.33 12.13 -2.41
N ILE G 313 16.02 12.35 -2.43
CA ILE G 313 15.39 13.41 -1.66
C ILE G 313 14.55 12.76 -0.57
N CYS G 314 14.89 13.05 0.68
CA CYS G 314 14.23 12.48 1.84
C CYS G 314 13.63 13.59 2.69
N ASN G 315 12.68 13.20 3.54
CA ASN G 315 12.11 14.11 4.53
C ASN G 315 12.89 14.09 5.84
N GLN G 316 13.87 13.19 5.96
CA GLN G 316 14.72 13.10 7.14
C GLN G 316 15.96 12.31 6.76
N ASP G 317 16.93 12.30 7.67
CA ASP G 317 18.14 11.50 7.45
C ASP G 317 17.78 10.04 7.68
N TYR G 318 17.77 9.26 6.60
CA TYR G 318 17.47 7.84 6.66
C TYR G 318 18.73 6.99 6.62
N ALA G 319 19.88 7.56 6.96
CA ALA G 319 21.11 6.79 7.07
C ALA G 319 20.96 5.73 8.14
N THR G 320 21.37 4.51 7.82
CA THR G 320 21.36 3.40 8.77
C THR G 320 22.71 2.72 8.77
N PRO G 321 23.14 2.17 9.90
CA PRO G 321 24.50 1.65 10.01
C PRO G 321 24.72 0.45 9.10
N MET G 322 25.98 0.28 8.72
CA MET G 322 26.42 -0.82 7.88
C MET G 322 27.39 -1.69 8.67
N THR G 323 27.25 -3.01 8.53
CA THR G 323 28.11 -3.92 9.25
C THR G 323 29.55 -3.80 8.74
N ASN G 324 30.48 -4.28 9.57
CA ASN G 324 31.89 -4.15 9.24
C ASN G 324 32.24 -4.92 7.97
N ASN G 325 31.68 -6.11 7.79
CA ASN G 325 32.00 -6.92 6.63
C ASN G 325 31.50 -6.29 5.34
N MET G 326 30.28 -5.74 5.36
CA MET G 326 29.76 -5.07 4.16
C MET G 326 30.59 -3.84 3.80
N ARG G 327 30.98 -3.06 4.81
CA ARG G 327 31.84 -1.91 4.55
C ARG G 327 33.19 -2.34 3.99
N GLU G 328 33.76 -3.42 4.55
CA GLU G 328 35.06 -3.89 4.08
C GLU G 328 35.00 -4.46 2.68
N CYS G 329 33.90 -5.10 2.29
CA CYS G 329 33.84 -5.70 0.97
C CYS G 329 33.40 -4.70 -0.08
N LEU G 330 32.62 -3.68 0.30
CA LEU G 330 32.35 -2.57 -0.61
C LEU G 330 33.60 -1.77 -0.93
N THR G 331 34.64 -1.90 -0.11
CA THR G 331 35.91 -1.21 -0.33
C THR G 331 36.96 -2.12 -0.94
N GLY G 332 36.60 -3.34 -1.35
CA GLY G 332 37.53 -4.19 -2.05
C GLY G 332 37.56 -5.63 -1.61
N SER G 333 37.29 -5.90 -0.33
CA SER G 333 37.38 -7.25 0.21
C SER G 333 36.16 -8.06 -0.21
N THR G 334 36.04 -8.27 -1.52
CA THR G 334 34.84 -8.85 -2.10
C THR G 334 34.56 -10.26 -1.60
N GLU G 335 35.55 -10.91 -0.98
CA GLU G 335 35.31 -12.19 -0.33
C GLU G 335 34.36 -12.06 0.87
N LYS G 336 34.09 -10.83 1.32
CA LYS G 336 33.15 -10.60 2.40
C LYS G 336 31.78 -10.15 1.92
N CYS G 337 31.62 -9.79 0.66
CA CYS G 337 30.30 -9.50 0.12
C CYS G 337 29.54 -10.80 -0.12
N PRO G 338 28.38 -11.00 0.51
CA PRO G 338 27.62 -12.22 0.28
C PRO G 338 27.00 -12.27 -1.10
N ARG G 339 26.84 -13.48 -1.62
CA ARG G 339 26.21 -13.71 -2.91
C ARG G 339 25.05 -14.69 -2.74
N GLU G 340 24.09 -14.58 -3.64
CA GLU G 340 22.91 -15.43 -3.61
C GLU G 340 22.75 -16.13 -4.94
N LEU G 341 22.45 -17.42 -4.90
CA LEU G 341 22.20 -18.18 -6.12
C LEU G 341 21.04 -17.59 -6.90
N VAL G 342 21.21 -17.52 -8.21
CA VAL G 342 20.17 -17.04 -9.10
C VAL G 342 19.50 -18.28 -9.70
N VAL G 343 18.24 -18.51 -9.30
CA VAL G 343 17.44 -19.59 -9.85
C VAL G 343 16.32 -19.08 -10.74
N SER G 344 16.08 -17.77 -10.75
CA SER G 344 15.07 -17.16 -11.61
C SER G 344 15.67 -16.85 -12.97
N SER G 345 14.84 -16.96 -14.01
CA SER G 345 15.27 -16.62 -15.36
C SER G 345 15.30 -15.12 -15.59
N HIS G 346 14.59 -14.34 -14.78
CA HIS G 346 14.55 -12.88 -14.91
C HIS G 346 15.50 -12.27 -13.89
N VAL G 347 16.77 -12.23 -14.24
CA VAL G 347 17.77 -11.53 -13.43
C VAL G 347 18.55 -10.62 -14.39
N PRO G 348 18.97 -9.44 -13.97
CA PRO G 348 19.81 -8.60 -14.84
C PRO G 348 21.13 -9.29 -15.13
N ARG G 349 21.31 -9.69 -16.39
CA ARG G 349 22.54 -10.34 -16.81
C ARG G 349 23.64 -9.35 -17.15
N PHE G 350 23.31 -8.09 -17.34
CA PHE G 350 24.30 -7.07 -17.69
C PHE G 350 23.80 -5.71 -17.28
N ALA G 351 24.74 -4.76 -17.22
CA ALA G 351 24.42 -3.37 -16.99
C ALA G 351 25.44 -2.50 -17.71
N LEU G 352 25.04 -1.26 -17.99
CA LEU G 352 25.89 -0.28 -18.65
C LEU G 352 26.34 0.74 -17.62
N SER G 353 27.66 0.96 -17.53
CA SER G 353 28.23 1.91 -16.59
C SER G 353 29.33 2.69 -17.29
N ASN G 354 29.12 4.00 -17.44
CA ASN G 354 30.08 4.88 -18.10
C ASN G 354 30.35 4.41 -19.53
N GLY G 355 29.31 3.94 -20.20
CA GLY G 355 29.43 3.48 -21.57
C GLY G 355 30.13 2.14 -21.71
N VAL G 356 30.30 1.44 -20.58
CA VAL G 356 30.99 0.16 -20.55
C VAL G 356 30.02 -0.91 -20.06
N LEU G 357 29.97 -2.03 -20.79
CA LEU G 357 29.09 -3.14 -20.44
C LEU G 357 29.79 -4.08 -19.48
N PHE G 358 29.11 -4.42 -18.39
CA PHE G 358 29.51 -5.47 -17.48
C PHE G 358 28.46 -6.57 -17.57
N ALA G 359 28.83 -7.70 -18.14
CA ALA G 359 27.85 -8.71 -18.54
C ALA G 359 28.26 -10.08 -18.04
N ASN G 360 27.25 -10.88 -17.66
CA ASN G 360 27.44 -12.29 -17.39
C ASN G 360 27.34 -13.01 -18.73
N CYS G 361 28.41 -12.96 -19.52
CA CYS G 361 28.40 -13.46 -20.88
C CYS G 361 28.24 -14.97 -20.95
N ILE G 362 28.39 -15.68 -19.83
CA ILE G 362 28.08 -17.10 -19.80
C ILE G 362 26.57 -17.31 -19.79
N SER G 363 25.85 -16.48 -19.04
CA SER G 363 24.40 -16.61 -18.94
C SER G 363 23.65 -15.82 -20.02
N VAL G 364 24.24 -14.76 -20.56
CA VAL G 364 23.65 -14.02 -21.67
C VAL G 364 24.60 -14.10 -22.85
N THR G 365 24.03 -14.32 -24.03
CA THR G 365 24.84 -14.47 -25.24
C THR G 365 25.43 -13.10 -25.61
N CYS G 366 26.76 -13.00 -25.54
CA CYS G 366 27.49 -11.80 -25.90
C CYS G 366 28.11 -12.00 -27.26
N GLN G 367 27.75 -11.14 -28.20
CA GLN G 367 28.32 -11.18 -29.54
C GLN G 367 28.84 -9.80 -29.89
N CYS G 368 29.93 -9.76 -30.62
CA CYS G 368 30.61 -8.51 -30.96
C CYS G 368 30.14 -8.05 -32.34
N GLN G 369 29.40 -6.95 -32.38
CA GLN G 369 28.78 -6.52 -33.63
C GLN G 369 29.78 -6.05 -34.67
N THR G 370 30.97 -5.62 -34.26
CA THR G 370 31.93 -5.08 -35.22
C THR G 370 32.70 -6.19 -35.93
N THR G 371 33.28 -7.12 -35.18
CA THR G 371 34.03 -8.22 -35.76
C THR G 371 33.20 -9.47 -35.97
N GLY G 372 31.92 -9.44 -35.58
CA GLY G 372 31.07 -10.61 -35.76
C GLY G 372 31.41 -11.80 -34.90
N ARG G 373 32.26 -11.63 -33.89
CA ARG G 373 32.70 -12.72 -33.05
C ARG G 373 31.91 -12.75 -31.74
N ALA G 374 31.92 -13.92 -31.10
CA ALA G 374 31.25 -14.09 -29.82
C ALA G 374 32.20 -13.76 -28.68
N ILE G 375 31.76 -12.85 -27.80
CA ILE G 375 32.55 -12.49 -26.63
C ILE G 375 32.44 -13.62 -25.62
N SER G 376 33.50 -14.40 -25.48
CA SER G 376 33.48 -15.60 -24.67
C SER G 376 33.92 -15.30 -23.24
N GLN G 377 33.20 -15.86 -22.28
CA GLN G 377 33.52 -15.74 -20.86
C GLN G 377 33.93 -17.11 -20.34
N SER G 378 35.12 -17.19 -19.77
CA SER G 378 35.59 -18.45 -19.21
C SER G 378 34.84 -18.77 -17.93
N GLY G 379 34.91 -20.04 -17.53
CA GLY G 379 34.20 -20.47 -16.33
C GLY G 379 34.75 -19.86 -15.06
N GLU G 380 36.00 -19.41 -15.08
CA GLU G 380 36.63 -18.78 -13.94
C GLU G 380 36.42 -17.28 -13.89
N GLN G 381 35.65 -16.72 -14.83
CA GLN G 381 35.35 -15.30 -14.87
C GLN G 381 33.94 -15.07 -14.36
N THR G 382 33.79 -14.08 -13.47
CA THR G 382 32.47 -13.76 -12.94
C THR G 382 31.63 -12.97 -13.94
N LEU G 383 32.11 -11.79 -14.32
CA LEU G 383 31.51 -11.01 -15.39
C LEU G 383 32.52 -10.84 -16.51
N LEU G 384 32.08 -10.14 -17.55
CA LEU G 384 32.95 -9.65 -18.60
C LEU G 384 32.76 -8.16 -18.75
N MET G 385 33.85 -7.40 -18.64
CA MET G 385 33.84 -5.98 -18.95
C MET G 385 34.05 -5.83 -20.45
N ILE G 386 33.07 -5.27 -21.14
CA ILE G 386 33.09 -5.16 -22.59
C ILE G 386 33.17 -3.67 -22.92
N ASP G 387 34.25 -3.26 -23.58
CA ASP G 387 34.50 -1.85 -23.84
C ASP G 387 35.10 -1.71 -25.23
N ASN G 388 35.61 -0.51 -25.52
CA ASN G 388 36.14 -0.20 -26.86
C ASN G 388 37.34 -1.08 -27.20
N THR G 389 38.22 -1.33 -26.24
CA THR G 389 39.45 -2.07 -26.51
C THR G 389 39.18 -3.46 -27.08
N THR G 390 38.11 -4.10 -26.65
CA THR G 390 37.74 -5.41 -27.16
C THR G 390 36.62 -5.36 -28.18
N CYS G 391 35.60 -4.52 -27.96
CA CYS G 391 34.42 -4.50 -28.83
C CYS G 391 33.80 -3.11 -28.78
N PRO G 392 34.07 -2.28 -29.79
CA PRO G 392 33.39 -0.97 -29.84
C PRO G 392 31.88 -1.09 -29.85
N THR G 393 31.34 -2.14 -30.45
CA THR G 393 29.92 -2.43 -30.39
C THR G 393 29.72 -3.89 -30.01
N ALA G 394 28.79 -4.13 -29.09
CA ALA G 394 28.51 -5.48 -28.60
C ALA G 394 27.02 -5.76 -28.67
N VAL G 395 26.67 -6.99 -29.01
CA VAL G 395 25.29 -7.46 -28.99
C VAL G 395 25.13 -8.43 -27.84
N LEU G 396 24.28 -8.07 -26.88
CA LEU G 396 23.99 -8.90 -25.71
C LEU G 396 22.55 -9.37 -25.84
N GLY G 397 22.37 -10.59 -26.33
CA GLY G 397 21.06 -11.03 -26.73
C GLY G 397 20.67 -10.42 -28.07
N ASN G 398 19.74 -9.49 -28.04
CA ASN G 398 19.21 -8.85 -29.26
C ASN G 398 19.44 -7.34 -29.21
N VAL G 399 19.94 -6.83 -28.11
CA VAL G 399 20.16 -5.40 -27.96
C VAL G 399 21.59 -5.08 -28.39
N ILE G 400 21.74 -4.08 -29.24
CA ILE G 400 23.03 -3.69 -29.80
C ILE G 400 23.46 -2.39 -29.14
N ILE G 401 24.65 -2.39 -28.54
CA ILE G 401 25.12 -1.27 -27.75
C ILE G 401 26.50 -0.87 -28.23
N SER G 402 26.66 0.40 -28.62
CA SER G 402 27.97 0.94 -28.91
C SER G 402 28.60 1.43 -27.62
N LEU G 403 29.85 1.05 -27.38
CA LEU G 403 30.47 1.19 -26.07
C LEU G 403 31.50 2.31 -26.05
N GLY G 404 32.11 2.47 -24.88
CA GLY G 404 33.19 3.43 -24.69
C GLY G 404 34.41 2.79 -24.08
N LYS G 405 35.30 3.60 -23.53
CA LYS G 405 36.56 3.14 -22.95
C LYS G 405 36.40 2.94 -21.46
N TYR G 406 36.86 1.80 -20.96
CA TYR G 406 36.83 1.52 -19.53
C TYR G 406 37.96 2.28 -18.85
N LEU G 407 37.62 3.22 -17.98
CA LEU G 407 38.62 4.04 -17.33
C LEU G 407 39.37 3.28 -16.24
N GLY G 408 38.91 2.10 -15.87
CA GLY G 408 39.57 1.32 -14.84
C GLY G 408 40.79 0.56 -15.35
N SER G 409 40.96 -0.67 -14.87
CA SER G 409 42.12 -1.46 -15.24
C SER G 409 42.00 -1.98 -16.68
N VAL G 410 43.16 -2.15 -17.31
CA VAL G 410 43.19 -2.77 -18.63
C VAL G 410 43.27 -4.29 -18.56
N ASN G 411 43.64 -4.84 -17.40
CA ASN G 411 43.63 -6.28 -17.17
C ASN G 411 42.42 -6.72 -16.34
N TYR G 412 41.30 -6.02 -16.50
CA TYR G 412 40.10 -6.33 -15.71
C TYR G 412 39.64 -7.76 -15.96
N ASN G 413 39.54 -8.15 -17.22
CA ASN G 413 38.99 -9.44 -17.58
C ASN G 413 39.97 -10.59 -17.36
N SER G 414 41.23 -10.29 -17.04
CA SER G 414 42.22 -11.32 -16.77
C SER G 414 42.59 -11.43 -15.29
N GLU G 415 42.12 -10.51 -14.46
CA GLU G 415 42.44 -10.49 -13.03
C GLU G 415 41.27 -11.12 -12.28
N GLY G 416 41.51 -12.31 -11.71
CA GLY G 416 40.48 -12.96 -10.94
C GLY G 416 40.23 -12.28 -9.61
N ILE G 417 39.03 -12.48 -9.07
CA ILE G 417 38.62 -11.84 -7.83
C ILE G 417 38.30 -12.93 -6.81
N ALA G 418 38.45 -12.58 -5.53
CA ALA G 418 38.07 -13.47 -4.45
C ALA G 418 36.55 -13.41 -4.26
N ILE G 419 35.93 -14.57 -4.11
CA ILE G 419 34.48 -14.67 -4.14
C ILE G 419 33.96 -14.82 -2.71
N GLY G 420 32.79 -14.24 -2.47
CA GLY G 420 32.17 -14.26 -1.17
C GLY G 420 31.45 -15.55 -0.87
N PRO G 421 30.78 -15.61 0.28
CA PRO G 421 30.08 -16.83 0.67
C PRO G 421 28.63 -16.80 0.19
N PRO G 422 28.12 -17.95 -0.27
CA PRO G 422 26.71 -18.00 -0.70
C PRO G 422 25.77 -17.80 0.48
N VAL G 423 24.64 -17.14 0.21
CA VAL G 423 23.61 -16.88 1.21
C VAL G 423 22.24 -17.14 0.61
N PHE G 424 21.22 -17.04 1.47
CA PHE G 424 19.82 -17.21 1.07
C PHE G 424 19.02 -16.16 1.84
N THR G 425 18.66 -15.07 1.15
CA THR G 425 18.05 -13.91 1.80
C THR G 425 16.55 -14.05 1.98
N ASP G 426 16.00 -15.26 1.83
CA ASP G 426 14.60 -15.48 2.14
C ASP G 426 14.40 -15.47 3.65
N LYS G 427 13.29 -14.88 4.08
CA LYS G 427 13.00 -14.76 5.51
C LYS G 427 12.99 -16.13 6.19
N VAL G 428 12.27 -17.08 5.61
CA VAL G 428 12.23 -18.43 6.16
C VAL G 428 13.60 -19.09 6.03
N ASP G 429 14.31 -18.81 4.93
CA ASP G 429 15.67 -19.30 4.79
C ASP G 429 16.58 -18.69 5.84
N ILE G 430 16.36 -17.42 6.19
CA ILE G 430 17.14 -16.79 7.24
C ILE G 430 16.89 -17.48 8.58
N SER G 431 15.63 -17.78 8.87
CA SER G 431 15.32 -18.49 10.12
C SER G 431 15.96 -19.86 10.14
N SER G 432 15.91 -20.59 9.02
CA SER G 432 16.53 -21.91 8.97
C SER G 432 18.05 -21.84 9.10
N GLN G 433 18.68 -20.82 8.50
CA GLN G 433 20.11 -20.64 8.65
C GLN G 433 20.49 -20.32 10.09
N ILE G 434 19.68 -19.52 10.76
CA ILE G 434 19.89 -19.26 12.19
C ILE G 434 19.79 -20.56 12.97
N SER G 435 18.79 -21.39 12.63
CA SER G 435 18.65 -22.69 13.27
C SER G 435 19.91 -23.53 13.11
N SER G 436 20.41 -23.62 11.87
CA SER G 436 21.57 -24.47 11.60
C SER G 436 22.81 -23.94 12.31
N MET G 437 23.01 -22.62 12.30
CA MET G 437 24.16 -22.04 12.99
C MET G 437 24.09 -22.29 14.49
N ASN G 438 22.91 -22.13 15.09
CA ASN G 438 22.76 -22.39 16.51
C ASN G 438 23.02 -23.86 16.83
N GLN G 439 22.53 -24.76 15.97
CA GLN G 439 22.74 -26.19 16.20
C GLN G 439 24.22 -26.54 16.14
N SER G 440 24.91 -26.07 15.11
CA SER G 440 26.33 -26.38 14.97
C SER G 440 27.16 -25.69 16.06
N LEU G 441 26.69 -24.54 16.55
CA LEU G 441 27.38 -23.87 17.65
C LEU G 441 27.24 -24.66 18.94
N GLN G 442 26.04 -25.17 19.22
CA GLN G 442 25.83 -26.01 20.39
C GLN G 442 26.62 -27.31 20.27
N GLN G 443 26.76 -27.85 19.06
CA GLN G 443 27.56 -29.05 18.86
C GLN G 443 29.03 -28.79 19.18
N SER G 444 29.55 -27.63 18.77
CA SER G 444 30.94 -27.27 19.02
C SER G 444 31.22 -27.10 20.50
N VAL H 2 21.16 35.14 23.51
CA VAL H 2 21.33 34.76 22.11
C VAL H 2 22.30 35.71 21.39
N GLN H 3 23.45 35.18 21.01
CA GLN H 3 24.55 35.97 20.45
C GLN H 3 25.23 35.21 19.32
N LEU H 4 25.64 35.96 18.30
CA LEU H 4 26.42 35.42 17.19
C LEU H 4 27.72 36.22 17.08
N GLN H 5 28.84 35.56 17.34
CA GLN H 5 30.16 36.20 17.31
C GLN H 5 30.82 35.91 15.95
N GLN H 6 31.02 36.96 15.17
CA GLN H 6 31.80 36.86 13.95
C GLN H 6 33.29 36.76 14.28
N SER H 7 34.07 36.33 13.30
CA SER H 7 35.52 36.22 13.50
C SER H 7 36.19 37.58 13.55
N GLY H 8 35.72 38.54 12.76
CA GLY H 8 36.32 39.85 12.72
C GLY H 8 36.75 40.24 11.32
N PRO H 9 36.89 41.54 11.07
CA PRO H 9 37.33 41.99 9.75
C PRO H 9 38.71 41.45 9.41
N GLU H 10 38.90 41.11 8.14
CA GLU H 10 40.13 40.48 7.70
C GLU H 10 40.64 41.15 6.42
N LEU H 11 41.95 41.26 6.31
CA LEU H 11 42.62 41.69 5.08
C LEU H 11 43.22 40.45 4.43
N VAL H 12 42.71 40.10 3.25
CA VAL H 12 43.09 38.87 2.57
C VAL H 12 43.52 39.21 1.15
N LYS H 13 44.53 38.51 0.66
CA LYS H 13 45.07 38.76 -0.67
C LYS H 13 44.17 38.13 -1.74
N PRO H 14 44.13 38.72 -2.94
CA PRO H 14 43.31 38.15 -4.01
C PRO H 14 43.78 36.75 -4.39
N GLY H 15 42.81 35.90 -4.73
CA GLY H 15 43.08 34.52 -5.07
C GLY H 15 43.28 33.60 -3.88
N ALA H 16 43.31 34.13 -2.67
CA ALA H 16 43.45 33.31 -1.48
C ALA H 16 42.08 32.86 -0.99
N SER H 17 42.07 32.04 0.06
CA SER H 17 40.84 31.55 0.67
C SER H 17 40.86 31.86 2.16
N MET H 18 39.72 32.33 2.68
CA MET H 18 39.62 32.69 4.08
C MET H 18 38.32 32.15 4.65
N LYS H 19 38.31 31.94 5.96
CA LYS H 19 37.19 31.33 6.66
C LYS H 19 36.63 32.33 7.67
N ILE H 20 35.33 32.55 7.62
CA ILE H 20 34.65 33.42 8.58
C ILE H 20 33.98 32.56 9.64
N ALA H 21 34.36 32.78 10.90
CA ALA H 21 33.77 32.04 12.00
C ALA H 21 32.56 32.78 12.55
N CYS H 22 31.53 32.01 12.92
CA CYS H 22 30.32 32.56 13.53
C CYS H 22 30.00 31.70 14.76
N LYS H 23 30.59 32.07 15.90
CA LYS H 23 30.29 31.38 17.14
C LYS H 23 28.86 31.70 17.57
N ALA H 24 28.14 30.67 18.00
CA ALA H 24 26.76 30.82 18.43
C ALA H 24 26.63 30.49 19.91
N SER H 25 25.85 31.29 20.63
CA SER H 25 25.63 31.07 22.05
C SER H 25 24.27 31.63 22.42
N GLY H 26 23.76 31.17 23.57
CA GLY H 26 22.46 31.61 24.03
C GLY H 26 21.27 30.90 23.42
N TYR H 27 21.51 29.89 22.59
CA TYR H 27 20.42 29.14 21.97
C TYR H 27 20.96 27.77 21.57
N SER H 28 20.05 26.91 21.11
CA SER H 28 20.42 25.59 20.63
C SER H 28 20.98 25.72 19.22
N PHE H 29 22.30 25.58 19.09
CA PHE H 29 22.95 25.79 17.79
C PHE H 29 22.45 24.79 16.76
N THR H 30 22.33 23.52 17.16
CA THR H 30 21.94 22.47 16.24
C THR H 30 20.52 22.65 15.71
N ASP H 31 19.62 23.24 16.51
CA ASP H 31 18.23 23.35 16.13
C ASP H 31 17.91 24.62 15.35
N TYR H 32 18.92 25.40 14.96
CA TYR H 32 18.70 26.63 14.21
C TYR H 32 19.56 26.64 12.96
N THR H 33 18.94 27.02 11.85
CA THR H 33 19.64 27.15 10.57
C THR H 33 20.42 28.45 10.54
N MET H 34 21.67 28.38 10.10
CA MET H 34 22.53 29.56 9.99
C MET H 34 22.60 29.99 8.53
N ASN H 35 22.13 31.20 8.26
CA ASN H 35 22.21 31.79 6.94
C ASN H 35 23.42 32.71 6.84
N TRP H 36 23.82 32.99 5.60
CA TRP H 36 24.92 33.90 5.32
C TRP H 36 24.49 34.83 4.20
N VAL H 37 24.76 36.13 4.37
CA VAL H 37 24.41 37.12 3.37
C VAL H 37 25.64 37.98 3.08
N LYS H 38 25.67 38.59 1.90
CA LYS H 38 26.75 39.45 1.47
C LYS H 38 26.23 40.88 1.36
N GLN H 39 26.78 41.78 2.18
CA GLN H 39 26.44 43.20 2.11
C GLN H 39 27.56 43.91 1.35
N SER H 40 27.30 44.23 0.09
CA SER H 40 28.26 44.91 -0.76
C SER H 40 27.89 46.38 -0.90
N HIS H 41 28.92 47.22 -1.00
CA HIS H 41 28.78 48.66 -1.22
C HIS H 41 27.98 49.35 -0.12
N GLY H 42 27.83 48.70 1.03
CA GLY H 42 27.13 49.30 2.16
C GLY H 42 25.63 49.33 2.03
N LYS H 43 25.11 49.11 0.82
CA LYS H 43 23.67 49.16 0.58
C LYS H 43 23.10 47.80 0.19
N ASN H 44 23.63 47.18 -0.87
CA ASN H 44 23.01 45.99 -1.43
C ASN H 44 23.27 44.77 -0.57
N LEU H 45 22.20 44.02 -0.30
CA LEU H 45 22.29 42.75 0.43
C LEU H 45 21.92 41.62 -0.53
N GLU H 46 22.60 40.49 -0.36
CA GLU H 46 22.29 39.31 -1.16
C GLU H 46 22.63 38.07 -0.36
N TRP H 47 21.67 37.14 -0.30
CA TRP H 47 21.80 35.94 0.50
C TRP H 47 22.79 34.97 -0.15
N ILE H 48 23.75 34.50 0.64
CA ILE H 48 24.81 33.64 0.13
C ILE H 48 24.35 32.19 0.17
N GLY H 49 23.89 31.75 1.34
CA GLY H 49 23.47 30.38 1.53
C GLY H 49 23.16 30.09 2.97
N LEU H 50 22.48 28.98 3.22
CA LEU H 50 22.17 28.54 4.57
C LEU H 50 22.77 27.18 4.83
N ILE H 51 23.03 26.90 6.10
CA ILE H 51 23.46 25.58 6.55
C ILE H 51 22.56 25.14 7.68
N ASN H 52 22.09 23.90 7.61
CA ASN H 52 21.28 23.31 8.67
C ASN H 52 22.18 22.41 9.49
N PRO H 53 22.69 22.87 10.64
CA PRO H 53 23.61 22.02 11.41
C PRO H 53 22.99 20.72 11.91
N TYR H 54 21.67 20.70 12.08
CA TYR H 54 21.03 19.48 12.55
C TYR H 54 21.19 18.34 11.55
N ILE H 55 21.05 18.62 10.26
CA ILE H 55 21.09 17.59 9.24
C ILE H 55 22.39 17.60 8.44
N GLY H 56 23.20 18.65 8.55
CA GLY H 56 24.37 18.78 7.71
C GLY H 56 24.08 19.25 6.31
N GLY H 57 22.88 19.78 6.07
CA GLY H 57 22.50 20.21 4.74
C GLY H 57 22.80 21.68 4.47
N THR H 58 22.99 21.99 3.20
CA THR H 58 23.27 23.35 2.76
C THR H 58 22.42 23.66 1.54
N ASN H 59 22.02 24.93 1.45
CA ASN H 59 21.29 25.43 0.28
C ASN H 59 21.96 26.75 -0.11
N TYR H 60 22.64 26.75 -1.25
CA TYR H 60 23.42 27.90 -1.69
C TYR H 60 22.66 28.70 -2.73
N ASN H 61 22.89 30.02 -2.70
CA ASN H 61 22.56 30.84 -3.86
C ASN H 61 23.42 30.39 -5.04
N GLN H 62 22.85 30.48 -6.24
CA GLN H 62 23.59 30.06 -7.43
C GLN H 62 24.85 30.89 -7.61
N LYS H 63 24.78 32.19 -7.31
CA LYS H 63 25.94 33.07 -7.47
C LYS H 63 27.11 32.65 -6.59
N PHE H 64 26.84 32.01 -5.46
CA PHE H 64 27.86 31.72 -4.47
C PHE H 64 28.25 30.25 -4.41
N LYS H 65 27.77 29.42 -5.34
CA LYS H 65 28.25 28.05 -5.41
C LYS H 65 29.69 28.03 -5.91
N GLY H 66 30.54 27.28 -5.22
CA GLY H 66 31.94 27.21 -5.58
C GLY H 66 32.77 28.29 -4.92
N LYS H 67 32.21 29.50 -4.80
CA LYS H 67 32.93 30.59 -4.16
C LYS H 67 32.83 30.51 -2.64
N ALA H 68 31.67 30.13 -2.12
CA ALA H 68 31.44 30.01 -0.69
C ALA H 68 30.97 28.60 -0.37
N THR H 69 31.58 27.99 0.65
CA THR H 69 31.13 26.72 1.20
C THR H 69 30.88 26.88 2.68
N LEU H 70 29.73 26.39 3.15
CA LEU H 70 29.31 26.59 4.53
C LEU H 70 29.56 25.32 5.32
N THR H 71 30.27 25.45 6.43
CA THR H 71 30.46 24.36 7.39
C THR H 71 30.00 24.83 8.77
N VAL H 72 29.78 23.84 9.64
CA VAL H 72 29.42 24.10 11.02
C VAL H 72 30.30 23.25 11.93
N ASP H 73 30.45 23.73 13.17
CA ASP H 73 31.17 23.02 14.22
C ASP H 73 30.22 22.88 15.39
N LYS H 74 29.48 21.77 15.42
CA LYS H 74 28.49 21.57 16.47
C LYS H 74 29.13 21.48 17.85
N SER H 75 30.38 21.01 17.93
CA SER H 75 31.08 20.96 19.20
C SER H 75 31.32 22.37 19.76
N SER H 76 31.70 23.31 18.90
CA SER H 76 31.95 24.68 19.30
C SER H 76 30.78 25.61 19.02
N SER H 77 29.68 25.08 18.47
CA SER H 77 28.51 25.89 18.09
C SER H 77 28.91 27.02 17.16
N THR H 78 29.83 26.73 16.24
CA THR H 78 30.36 27.72 15.31
C THR H 78 29.99 27.35 13.89
N ALA H 79 29.50 28.33 13.14
CA ALA H 79 29.22 28.16 11.72
C ALA H 79 30.27 28.92 10.91
N TYR H 80 30.86 28.24 9.94
CA TYR H 80 31.93 28.83 9.13
C TYR H 80 31.45 29.05 7.71
N MET H 81 32.12 30.00 7.04
CA MET H 81 31.88 30.27 5.61
C MET H 81 33.25 30.44 4.95
N GLU H 82 33.75 29.36 4.36
CA GLU H 82 35.00 29.38 3.62
C GLU H 82 34.75 30.03 2.26
N LEU H 83 35.49 31.10 1.96
CA LEU H 83 35.36 31.82 0.70
C LEU H 83 36.52 31.44 -0.22
N LEU H 84 36.19 31.01 -1.43
CA LEU H 84 37.17 30.45 -2.36
C LEU H 84 37.41 31.42 -3.52
N SER H 85 38.66 31.48 -3.97
CA SER H 85 39.08 32.26 -5.14
C SER H 85 38.62 33.71 -5.00
N LEU H 86 39.11 34.36 -3.94
CA LEU H 86 38.67 35.71 -3.61
C LEU H 86 39.10 36.70 -4.69
N THR H 87 38.18 37.57 -5.08
CA THR H 87 38.42 38.64 -6.03
C THR H 87 38.08 39.97 -5.38
N PHE H 88 38.22 41.05 -6.16
CA PHE H 88 37.90 42.37 -5.64
C PHE H 88 36.42 42.48 -5.27
N GLU H 89 35.55 41.83 -6.05
CA GLU H 89 34.12 41.87 -5.79
C GLU H 89 33.72 41.09 -4.54
N ASP H 90 34.59 40.23 -4.03
CA ASP H 90 34.32 39.53 -2.78
C ASP H 90 34.54 40.41 -1.56
N SER H 91 35.03 41.63 -1.74
CA SER H 91 35.18 42.57 -0.64
C SER H 91 33.81 43.15 -0.30
N ALA H 92 33.28 42.75 0.84
CA ALA H 92 31.94 43.16 1.26
C ALA H 92 31.80 42.85 2.75
N VAL H 93 30.60 43.06 3.29
CA VAL H 93 30.29 42.74 4.67
C VAL H 93 29.52 41.43 4.69
N TYR H 94 30.01 40.46 5.45
CA TYR H 94 29.45 39.12 5.49
C TYR H 94 28.81 38.89 6.85
N TYR H 95 27.52 38.55 6.85
CA TYR H 95 26.76 38.31 8.06
C TYR H 95 26.43 36.84 8.19
N CYS H 96 26.43 36.34 9.42
CA CYS H 96 25.80 35.07 9.76
C CYS H 96 24.52 35.40 10.52
N ALA H 97 23.40 34.88 10.03
CA ALA H 97 22.09 35.18 10.61
C ALA H 97 21.41 33.89 11.03
N ARG H 98 21.03 33.83 12.31
CA ARG H 98 20.29 32.68 12.80
C ARG H 98 18.89 32.65 12.18
N ASP H 99 18.45 31.46 11.81
CA ASP H 99 17.14 31.32 11.19
C ASP H 99 16.43 30.10 11.77
N PRO H 100 15.30 30.29 12.49
CA PRO H 100 14.57 29.13 13.00
C PRO H 100 14.16 28.19 11.88
N SER H 101 13.35 28.69 10.95
CA SER H 101 13.20 28.00 9.68
C SER H 101 13.34 28.95 8.50
N ARG H 102 12.71 30.12 8.59
CA ARG H 102 12.56 30.93 7.39
C ARG H 102 12.67 32.43 7.64
N ALA H 103 13.10 32.86 8.83
CA ALA H 103 13.20 34.29 9.14
C ALA H 103 14.49 34.53 9.89
N MET H 104 15.41 35.29 9.29
CA MET H 104 16.69 35.60 9.91
C MET H 104 16.46 36.63 11.02
N ASP H 105 16.32 36.15 12.26
CA ASP H 105 15.98 36.99 13.38
C ASP H 105 17.19 37.54 14.13
N TYR H 106 18.27 36.77 14.22
CA TYR H 106 19.45 37.18 14.96
C TYR H 106 20.67 37.11 14.06
N TRP H 107 21.39 38.21 13.96
CA TRP H 107 22.51 38.35 13.04
C TRP H 107 23.80 38.58 13.81
N GLY H 108 24.91 38.10 13.25
CA GLY H 108 26.21 38.48 13.74
C GLY H 108 26.53 39.92 13.38
N GLN H 109 27.56 40.47 14.04
CA GLN H 109 27.92 41.86 13.81
C GLN H 109 28.42 42.10 12.39
N GLY H 110 28.83 41.05 11.69
CA GLY H 110 29.32 41.14 10.33
C GLY H 110 30.83 41.23 10.28
N THR H 111 31.39 40.65 9.22
CA THR H 111 32.82 40.75 8.94
C THR H 111 33.00 41.56 7.66
N SER H 112 33.61 42.74 7.79
CA SER H 112 33.97 43.54 6.62
C SER H 112 35.26 42.98 6.04
N VAL H 113 35.13 42.10 5.06
CA VAL H 113 36.27 41.45 4.42
C VAL H 113 36.68 42.30 3.22
N THR H 114 37.96 42.64 3.14
CA THR H 114 38.51 43.39 2.02
C THR H 114 39.57 42.54 1.33
N VAL H 115 39.58 42.58 0.01
CA VAL H 115 40.46 41.74 -0.80
C VAL H 115 41.39 42.65 -1.57
N SER H 116 42.68 42.61 -1.22
CA SER H 116 43.70 43.42 -1.88
C SER H 116 45.06 42.92 -1.39
N SER H 117 46.12 43.50 -1.94
CA SER H 117 47.49 43.19 -1.57
C SER H 117 48.14 44.36 -0.82
N ALA H 118 47.35 45.03 0.02
CA ALA H 118 47.80 46.18 0.79
C ALA H 118 48.36 47.27 -0.12
N ASP I 1 16.07 33.52 -10.11
CA ASP I 1 15.89 34.31 -8.90
C ASP I 1 14.66 35.20 -9.00
N ILE I 2 14.09 35.54 -7.85
CA ILE I 2 12.97 36.47 -7.79
C ILE I 2 13.52 37.86 -7.53
N GLN I 3 13.21 38.80 -8.41
CA GLN I 3 13.71 40.16 -8.30
C GLN I 3 12.82 40.95 -7.36
N MET I 4 13.39 41.41 -6.25
CA MET I 4 12.67 42.20 -5.25
C MET I 4 13.00 43.68 -5.47
N THR I 5 11.98 44.48 -5.69
CA THR I 5 12.14 45.89 -6.01
C THR I 5 11.41 46.74 -4.99
N GLN I 6 12.07 47.80 -4.52
CA GLN I 6 11.48 48.77 -3.62
C GLN I 6 11.39 50.11 -4.34
N SER I 7 10.19 50.68 -4.40
CA SER I 7 9.97 51.88 -5.18
C SER I 7 10.67 53.09 -4.57
N PRO I 8 10.42 53.44 -3.28
CA PRO I 8 11.13 54.60 -2.71
C PRO I 8 12.52 54.24 -2.21
N ALA I 9 13.50 54.23 -3.11
CA ALA I 9 14.86 53.86 -2.72
C ALA I 9 15.40 54.77 -1.63
N SER I 10 15.18 56.07 -1.78
CA SER I 10 15.55 57.05 -0.76
C SER I 10 14.34 57.91 -0.43
N LEU I 11 13.99 57.99 0.84
CA LEU I 11 12.83 58.75 1.29
C LEU I 11 13.17 59.50 2.58
N SER I 12 12.68 60.72 2.69
CA SER I 12 12.88 61.53 3.89
C SER I 12 11.65 62.37 4.11
N ALA I 13 10.96 62.15 5.24
CA ALA I 13 9.77 62.90 5.59
C ALA I 13 9.87 63.35 7.04
N SER I 14 8.96 64.25 7.42
CA SER I 14 8.97 64.79 8.77
C SER I 14 8.65 63.70 9.79
N VAL I 15 9.21 63.86 11.00
CA VAL I 15 8.97 62.88 12.05
C VAL I 15 7.53 63.00 12.54
N GLY I 16 6.87 61.85 12.69
CA GLY I 16 5.53 61.81 13.21
C GLY I 16 4.42 61.73 12.18
N GLU I 17 4.73 61.35 10.94
CA GLU I 17 3.72 61.22 9.90
C GLU I 17 3.90 59.89 9.18
N THR I 18 2.79 59.38 8.64
CA THR I 18 2.77 58.02 8.10
C THR I 18 3.76 57.85 6.95
N VAL I 19 4.38 56.67 6.90
CA VAL I 19 5.36 56.34 5.89
C VAL I 19 5.06 54.94 5.35
N THR I 20 4.92 54.83 4.04
CA THR I 20 4.68 53.55 3.38
C THR I 20 5.89 53.20 2.53
N ILE I 21 6.50 52.06 2.81
CA ILE I 21 7.66 51.57 2.08
C ILE I 21 7.18 50.40 1.23
N THR I 22 6.93 50.65 -0.05
CA THR I 22 6.42 49.62 -0.94
C THR I 22 7.55 48.72 -1.44
N CYS I 23 7.22 47.44 -1.57
CA CYS I 23 8.15 46.45 -2.11
C CYS I 23 7.44 45.64 -3.18
N GLY I 24 8.19 45.33 -4.24
CA GLY I 24 7.63 44.56 -5.34
C GLY I 24 8.45 43.31 -5.59
N ALA I 25 7.78 42.28 -6.12
CA ALA I 25 8.40 41.01 -6.42
C ALA I 25 8.11 40.63 -7.86
N SER I 26 9.13 40.09 -8.54
CA SER I 26 8.95 39.65 -9.91
C SER I 26 7.94 38.51 -10.01
N GLU I 27 7.99 37.57 -9.08
CA GLU I 27 7.04 36.48 -9.00
C GLU I 27 6.21 36.61 -7.72
N ASN I 28 4.98 36.10 -7.76
CA ASN I 28 4.14 36.04 -6.57
C ASN I 28 4.83 35.20 -5.50
N ILE I 29 5.04 35.80 -4.33
CA ILE I 29 5.72 35.12 -3.23
C ILE I 29 4.78 34.74 -2.10
N TYR I 30 3.49 35.05 -2.23
CA TYR I 30 2.45 34.52 -1.34
C TYR I 30 2.72 34.85 0.12
N GLY I 31 3.04 36.13 0.39
CA GLY I 31 3.28 36.55 1.75
C GLY I 31 4.59 36.09 2.35
N ALA I 32 5.40 35.37 1.57
CA ALA I 32 6.73 34.99 2.04
C ALA I 32 7.69 36.15 1.78
N LEU I 33 7.53 37.23 2.54
CA LEU I 33 8.38 38.40 2.46
C LEU I 33 8.77 38.83 3.87
N ASN I 34 10.06 38.90 4.14
CA ASN I 34 10.54 39.43 5.40
C ASN I 34 10.97 40.89 5.23
N TRP I 35 10.90 41.64 6.31
CA TRP I 35 11.38 43.01 6.37
C TRP I 35 12.53 43.11 7.35
N PHE I 36 13.60 43.76 6.95
CA PHE I 36 14.78 43.92 7.77
C PHE I 36 15.12 45.39 7.93
N GLN I 37 15.46 45.78 9.16
CA GLN I 37 15.91 47.13 9.46
C GLN I 37 17.41 47.10 9.68
N ARG I 38 18.14 47.89 8.91
CA ARG I 38 19.60 47.95 8.99
C ARG I 38 19.99 49.40 9.31
N LYS I 39 20.20 49.67 10.59
CA LYS I 39 20.75 50.97 10.99
C LYS I 39 22.20 51.06 10.55
N GLN I 40 22.68 52.29 10.40
CA GLN I 40 24.01 52.53 9.86
C GLN I 40 25.08 51.85 10.71
N GLY I 41 25.92 51.04 10.06
CA GLY I 41 27.02 50.40 10.73
C GLY I 41 26.66 49.21 11.60
N LYS I 42 25.42 48.75 11.56
CA LYS I 42 24.97 47.63 12.37
C LYS I 42 24.26 46.61 11.51
N SER I 43 24.21 45.37 12.01
CA SER I 43 23.64 44.27 11.26
C SER I 43 22.14 44.49 11.04
N PRO I 44 21.60 44.02 9.91
CA PRO I 44 20.15 44.12 9.69
C PRO I 44 19.38 43.40 10.79
N GLN I 45 18.27 44.00 11.19
CA GLN I 45 17.42 43.47 12.25
C GLN I 45 16.09 43.05 11.65
N LEU I 46 15.69 41.81 11.92
CA LEU I 46 14.40 41.31 11.43
C LEU I 46 13.28 42.21 11.96
N LEU I 47 12.55 42.84 11.05
CA LEU I 47 11.54 43.81 11.40
C LEU I 47 10.14 43.21 11.29
N ILE I 48 9.81 42.60 10.16
CA ILE I 48 8.53 41.95 9.94
C ILE I 48 8.76 40.72 9.08
N TYR I 49 8.39 39.55 9.59
CA TYR I 49 8.47 38.30 8.84
C TYR I 49 7.07 37.83 8.46
N GLY I 50 6.99 37.16 7.32
CA GLY I 50 5.70 36.76 6.80
C GLY I 50 4.89 37.90 6.22
N ALA I 51 5.51 39.06 6.04
CA ALA I 51 4.93 40.25 5.41
C ALA I 51 3.84 40.88 6.26
N THR I 52 3.48 40.25 7.37
CA THR I 52 2.51 40.83 8.30
C THR I 52 2.98 40.77 9.74
N ASN I 53 3.66 39.71 10.14
CA ASN I 53 3.96 39.48 11.56
C ASN I 53 5.08 40.38 12.03
N LEU I 54 4.83 41.12 13.10
CA LEU I 54 5.87 41.93 13.72
C LEU I 54 6.85 41.04 14.45
N ALA I 55 8.14 41.27 14.22
CA ALA I 55 9.17 40.51 14.92
C ALA I 55 9.25 40.96 16.37
N ASP I 56 9.54 40.00 17.26
CA ASP I 56 9.63 40.32 18.68
C ASP I 56 10.77 41.30 18.95
N GLY I 57 10.57 42.16 19.94
CA GLY I 57 11.53 43.19 20.26
C GLY I 57 11.50 44.40 19.35
N MET I 58 10.59 44.45 18.39
CA MET I 58 10.48 45.56 17.46
C MET I 58 9.28 46.43 17.81
N SER I 59 9.38 47.71 17.46
CA SER I 59 8.36 48.67 17.84
C SER I 59 7.02 48.35 17.15
N SER I 60 5.93 48.69 17.84
CA SER I 60 4.59 48.40 17.35
C SER I 60 4.19 49.27 16.17
N ARG I 61 4.96 50.31 15.84
CA ARG I 61 4.61 51.19 14.74
C ARG I 61 4.94 50.59 13.38
N PHE I 62 5.60 49.43 13.32
CA PHE I 62 5.87 48.74 12.06
C PHE I 62 4.66 47.86 11.73
N SER I 63 3.93 48.22 10.67
CA SER I 63 2.67 47.59 10.32
C SER I 63 2.65 47.20 8.85
N GLY I 64 3.72 46.54 8.41
CA GLY I 64 3.85 46.10 7.04
C GLY I 64 2.76 45.17 6.56
N SER I 65 2.26 45.42 5.35
CA SER I 65 1.18 44.63 4.77
C SER I 65 1.54 44.18 3.36
N GLY I 66 0.57 43.63 2.64
CA GLY I 66 0.76 43.25 1.26
C GLY I 66 0.50 41.77 1.03
N SER I 67 0.24 41.44 -0.23
CA SER I 67 -0.03 40.07 -0.63
C SER I 67 0.28 39.92 -2.12
N GLY I 68 0.77 38.76 -2.49
CA GLY I 68 1.08 38.47 -3.89
C GLY I 68 2.51 38.90 -4.26
N ARG I 69 2.62 39.90 -5.13
CA ARG I 69 3.90 40.45 -5.53
C ARG I 69 4.12 41.88 -5.07
N GLN I 70 3.06 42.58 -4.66
CA GLN I 70 3.14 43.96 -4.23
C GLN I 70 2.92 44.02 -2.73
N TYR I 71 3.92 44.53 -2.01
CA TYR I 71 3.87 44.63 -0.56
C TYR I 71 4.16 46.07 -0.14
N SER I 72 4.00 46.33 1.15
CA SER I 72 4.22 47.67 1.68
C SER I 72 4.55 47.57 3.17
N LEU I 73 5.52 48.38 3.60
CA LEU I 73 5.88 48.47 5.01
C LEU I 73 5.48 49.86 5.52
N LYS I 74 4.74 49.88 6.62
CA LYS I 74 4.20 51.12 7.16
C LYS I 74 4.89 51.46 8.48
N ILE I 75 5.26 52.73 8.63
CA ILE I 75 5.94 53.21 9.81
C ILE I 75 4.99 53.92 10.77
N GLY I 76 3.95 54.56 10.23
CA GLY I 76 3.07 55.37 11.06
C GLY I 76 3.78 56.60 11.56
N SER I 77 3.72 56.85 12.86
CA SER I 77 4.43 58.00 13.44
C SER I 77 5.92 57.68 13.48
N MET I 78 6.73 58.54 12.87
CA MET I 78 8.17 58.32 12.87
C MET I 78 8.76 58.46 14.26
N HIS I 79 10.07 58.26 14.32
CA HIS I 79 10.93 58.39 15.47
C HIS I 79 12.33 58.51 14.89
N PRO I 80 13.16 59.44 15.36
CA PRO I 80 14.54 59.49 14.87
C PRO I 80 15.30 58.19 15.05
N ASP I 81 14.76 57.24 15.81
CA ASP I 81 15.39 55.94 15.97
C ASP I 81 15.20 55.06 14.73
N ASP I 82 14.12 55.26 13.97
CA ASP I 82 13.84 54.43 12.81
C ASP I 82 14.49 54.95 11.53
N VAL I 83 15.54 55.76 11.66
CA VAL I 83 16.34 56.21 10.53
C VAL I 83 17.32 55.10 10.22
N ALA I 84 17.00 54.30 9.20
CA ALA I 84 17.78 53.11 8.87
C ALA I 84 17.50 52.74 7.42
N THR I 85 17.97 51.55 7.03
CA THR I 85 17.74 51.00 5.70
C THR I 85 16.81 49.80 5.83
N TYR I 86 15.70 49.82 5.11
CA TYR I 86 14.71 48.76 5.15
C TYR I 86 14.85 47.88 3.92
N TYR I 87 15.02 46.58 4.14
CA TYR I 87 15.15 45.60 3.07
C TYR I 87 13.97 44.64 3.13
N CYS I 88 13.30 44.44 1.99
CA CYS I 88 12.33 43.37 1.87
C CYS I 88 13.00 42.16 1.24
N GLN I 89 13.02 41.05 1.97
CA GLN I 89 13.69 39.84 1.54
C GLN I 89 12.70 38.90 0.87
N ASN I 90 13.09 38.39 -0.30
CA ASN I 90 12.36 37.27 -0.89
C ASN I 90 12.55 36.07 0.01
N VAL I 91 11.45 35.35 0.26
CA VAL I 91 11.43 34.28 1.25
C VAL I 91 10.80 33.00 0.71
N LEU I 92 10.18 33.05 -0.47
CA LEU I 92 9.50 31.88 -1.01
C LEU I 92 10.48 30.90 -1.65
N SER I 93 11.15 31.33 -2.71
CA SER I 93 11.99 30.43 -3.51
C SER I 93 13.42 30.44 -3.00
N THR I 94 14.08 29.28 -3.16
CA THR I 94 15.31 28.99 -2.44
C THR I 94 16.39 30.06 -2.52
N PRO I 95 16.66 30.73 -3.67
CA PRO I 95 17.60 31.86 -3.62
C PRO I 95 16.93 33.09 -3.01
N TRP I 96 16.92 33.16 -1.69
CA TRP I 96 16.14 34.17 -0.97
C TRP I 96 16.77 35.53 -1.21
N THR I 97 16.24 36.27 -2.19
CA THR I 97 16.83 37.54 -2.58
C THR I 97 16.32 38.67 -1.70
N PHE I 98 17.00 39.80 -1.79
CA PHE I 98 16.65 41.00 -1.05
C PHE I 98 16.18 42.10 -2.01
N GLY I 99 15.47 43.06 -1.45
CA GLY I 99 15.13 44.25 -2.19
C GLY I 99 16.31 45.20 -2.29
N GLY I 100 16.13 46.24 -3.11
CA GLY I 100 17.20 47.22 -3.28
C GLY I 100 17.55 47.90 -1.98
N GLY I 101 16.55 48.22 -1.16
CA GLY I 101 16.78 48.88 0.10
C GLY I 101 16.18 50.27 0.12
N THR I 102 15.56 50.65 1.24
CA THR I 102 14.96 51.96 1.41
C THR I 102 15.66 52.66 2.55
N ARG I 103 16.34 53.77 2.25
CA ARG I 103 17.02 54.57 3.26
C ARG I 103 16.09 55.71 3.69
N LEU I 104 15.58 55.61 4.92
CA LEU I 104 14.65 56.59 5.46
C LEU I 104 15.41 57.56 6.35
N GLU I 105 15.31 58.86 6.04
CA GLU I 105 16.01 59.88 6.81
C GLU I 105 15.02 60.73 7.62
#